data_2NSI
#
_entry.id   2NSI
#
_cell.length_a   188.370
_cell.length_b   188.370
_cell.length_c   230.160
_cell.angle_alpha   90.00
_cell.angle_beta   90.00
_cell.angle_gamma   90.00
#
_symmetry.space_group_name_H-M   'P 43 21 2'
#
loop_
_entity.id
_entity.type
_entity.pdbx_description
1 polymer 'PROTEIN (NITRIC OXIDE SYNTHASE)'
2 non-polymer 'SULFATE ION'
3 non-polymer 'PROTOPORPHYRIN IX CONTAINING FE'
4 non-polymer 5,6,7,8-TETRAHYDROBIOPTERIN
5 non-polymer ETHYLISOTHIOUREA
#
_entity_poly.entity_id   1
_entity_poly.type   'polypeptide(L)'
_entity_poly.pdbx_seq_one_letter_code
;LDATPLSSPRHVRIKNWGSGMTFQDTLHHKAKGILTCRSKSCLGSIMTPKSLTRGPRDKPTPPDELLPQAIEFVNQYYGS
FKEAKIEEHLARVEAVTKEIETTGTYQLTGDELIFATKQAWRNAPRCIGRIQWSNLQVFDARSCSTAREMFEHICRHVRY
STNNGNIRSAITVFPQRSDGKHDFRVWNAQLIRYAGYQMPDGSIRGDPANVEFTQLCIDLGWKPKYGRFDVVPLVLQANG
RDPELFEIPPDLVLEVAMEHPKYEWFRELELKWYALPAVANMLLEVGGLEFPGCPFNGWYMGTEIGVRDFCDVQRYNILE
EVGRRMGLETHKLASLWKDQAVVEINIAVLHSFQKQNVTIMDHHSAAESFMKYMQNEYRSRGGCPADWIWLVPPMSGSIT
PVFHQEMLNYVLSPFYYYQVEAWKTHVWQDE
;
_entity_poly.pdbx_strand_id   A,B,C,D
#
# COMPACT_ATOMS: atom_id res chain seq x y z
N ARG A 10 10.67 18.57 -25.98
CA ARG A 10 9.77 17.37 -26.03
C ARG A 10 8.88 17.46 -27.26
N HIS A 11 8.69 16.32 -27.92
CA HIS A 11 7.89 16.23 -29.13
C HIS A 11 6.63 15.39 -28.91
N VAL A 12 5.48 15.92 -29.29
CA VAL A 12 4.21 15.19 -29.16
C VAL A 12 3.69 14.83 -30.55
N ARG A 13 3.52 13.53 -30.79
CA ARG A 13 3.08 13.00 -32.08
C ARG A 13 1.56 13.04 -32.34
N ILE A 14 1.18 13.60 -33.48
CA ILE A 14 -0.24 13.65 -33.88
C ILE A 14 -0.37 13.13 -35.31
N LYS A 15 -1.42 12.37 -35.56
CA LYS A 15 -1.64 11.76 -36.87
C LYS A 15 -2.95 12.14 -37.53
N ASN A 16 -2.95 12.17 -38.86
CA ASN A 16 -4.15 12.47 -39.63
C ASN A 16 -4.54 11.13 -40.21
N TRP A 17 -5.44 10.42 -39.54
CA TRP A 17 -5.88 9.09 -39.97
C TRP A 17 -6.39 8.97 -41.41
N GLY A 18 -6.74 10.09 -42.01
CA GLY A 18 -7.24 10.07 -43.38
C GLY A 18 -6.10 9.94 -44.38
N SER A 19 -5.08 10.76 -44.21
CA SER A 19 -3.92 10.77 -45.08
C SER A 19 -2.75 9.98 -44.53
N GLY A 20 -2.80 9.67 -43.24
CA GLY A 20 -1.72 8.95 -42.59
C GLY A 20 -0.57 9.87 -42.21
N MET A 21 -0.61 11.11 -42.69
CA MET A 21 0.43 12.09 -42.41
C MET A 21 0.53 12.42 -40.92
N THR A 22 1.75 12.33 -40.42
CA THR A 22 2.02 12.59 -39.02
C THR A 22 2.83 13.87 -38.77
N PHE A 23 2.51 14.58 -37.70
CA PHE A 23 3.19 15.82 -37.30
C PHE A 23 3.85 15.63 -35.94
N GLN A 24 4.84 16.46 -35.65
CA GLN A 24 5.54 16.43 -34.36
C GLN A 24 5.44 17.82 -33.74
N ASP A 25 4.54 17.98 -32.77
CA ASP A 25 4.33 19.27 -32.12
C ASP A 25 5.33 19.59 -31.03
N THR A 26 5.92 20.78 -31.15
CA THR A 26 6.92 21.27 -30.19
C THR A 26 6.45 22.60 -29.62
N LEU A 27 5.63 23.30 -30.40
CA LEU A 27 5.11 24.60 -30.04
C LEU A 27 4.29 24.61 -28.74
N HIS A 28 3.83 23.45 -28.30
CA HIS A 28 3.04 23.36 -27.07
C HIS A 28 3.80 23.76 -25.82
N HIS A 29 5.12 23.84 -25.91
CA HIS A 29 5.95 24.24 -24.79
C HIS A 29 5.87 25.74 -24.53
N LYS A 30 5.85 26.52 -25.61
CA LYS A 30 5.76 27.97 -25.55
C LYS A 30 4.38 28.38 -24.98
N ALA A 31 3.50 27.39 -24.82
CA ALA A 31 2.16 27.62 -24.30
C ALA A 31 2.06 27.72 -22.79
N LYS A 32 1.39 28.77 -22.33
CA LYS A 32 1.18 29.00 -20.89
C LYS A 32 0.18 27.97 -20.37
N GLY A 33 0.52 27.35 -19.24
CA GLY A 33 -0.32 26.32 -18.65
C GLY A 33 -1.56 26.79 -17.92
N ILE A 34 -2.45 27.50 -18.63
CA ILE A 34 -3.70 28.01 -18.06
C ILE A 34 -4.91 27.37 -18.73
N LEU A 35 -5.36 26.22 -18.21
CA LEU A 35 -6.52 25.52 -18.77
C LEU A 35 -7.57 25.06 -17.72
N THR A 36 -8.84 25.09 -18.14
CA THR A 36 -9.98 24.67 -17.30
C THR A 36 -10.01 23.13 -17.17
N CYS A 37 -9.32 22.43 -18.08
CA CYS A 37 -9.23 20.96 -18.06
C CYS A 37 -7.99 20.47 -17.30
N ARG A 38 -7.85 19.15 -17.14
CA ARG A 38 -6.71 18.60 -16.42
C ARG A 38 -6.42 17.11 -16.62
N SER A 39 -5.51 16.59 -15.79
CA SER A 39 -5.09 15.19 -15.80
C SER A 39 -6.00 14.38 -14.85
N LYS A 40 -7.30 14.67 -14.87
CA LYS A 40 -8.32 14.00 -14.05
C LYS A 40 -9.76 14.22 -14.55
N SER A 41 -9.92 15.12 -15.54
CA SER A 41 -11.22 15.46 -16.17
C SER A 41 -11.05 16.56 -17.24
N CYS A 42 -10.92 16.19 -18.52
CA CYS A 42 -10.77 17.23 -19.55
C CYS A 42 -12.08 17.97 -19.77
N LEU A 43 -12.04 19.26 -19.44
CA LEU A 43 -13.14 20.20 -19.61
C LEU A 43 -13.24 20.58 -21.09
N GLY A 44 -13.09 19.57 -21.94
CA GLY A 44 -13.18 19.76 -23.38
C GLY A 44 -14.64 19.50 -23.68
N SER A 45 -15.29 20.50 -24.25
CA SER A 45 -16.70 20.52 -24.64
C SER A 45 -17.39 21.72 -24.02
N ILE A 46 -16.62 22.56 -23.35
CA ILE A 46 -17.20 23.73 -22.74
C ILE A 46 -17.21 24.88 -23.72
N MET A 47 -18.38 25.48 -23.85
CA MET A 47 -18.59 26.60 -24.75
C MET A 47 -17.60 27.72 -24.47
N THR A 48 -17.55 28.13 -23.20
CA THR A 48 -16.67 29.20 -22.79
C THR A 48 -16.00 28.92 -21.45
N PRO A 49 -14.88 28.18 -21.48
CA PRO A 49 -14.11 27.83 -20.28
C PRO A 49 -13.55 29.09 -19.64
N LYS A 50 -13.31 29.03 -18.33
CA LYS A 50 -12.76 30.17 -17.64
C LYS A 50 -11.34 30.46 -18.16
N SER A 51 -10.66 29.42 -18.60
CA SER A 51 -9.31 29.53 -19.13
C SER A 51 -9.22 30.38 -20.37
N LEU A 52 -10.29 30.41 -21.16
CA LEU A 52 -10.33 31.19 -22.39
C LEU A 52 -10.85 32.59 -22.15
N THR A 53 -11.30 32.83 -20.93
CA THR A 53 -11.84 34.13 -20.57
C THR A 53 -10.77 35.00 -19.91
N ARG A 54 -10.90 36.31 -20.11
CA ARG A 54 -9.98 37.27 -19.52
C ARG A 54 -10.89 38.36 -18.94
N GLY A 55 -11.28 38.14 -17.68
CA GLY A 55 -12.16 39.05 -16.98
C GLY A 55 -11.68 40.48 -16.80
N PRO A 56 -12.48 41.31 -16.10
CA PRO A 56 -12.14 42.72 -15.84
C PRO A 56 -11.23 42.89 -14.65
N ARG A 57 -10.74 44.12 -14.47
CA ARG A 57 -9.87 44.46 -13.36
C ARG A 57 -10.23 45.86 -12.87
N ASP A 58 -9.72 46.20 -11.69
CA ASP A 58 -9.97 47.50 -11.08
C ASP A 58 -8.65 48.18 -10.72
N LYS A 59 -7.56 47.44 -10.92
CA LYS A 59 -6.22 47.94 -10.64
C LYS A 59 -5.36 47.65 -11.87
N PRO A 60 -4.49 48.60 -12.26
CA PRO A 60 -3.62 48.39 -13.42
C PRO A 60 -2.79 47.13 -13.27
N THR A 61 -2.32 46.59 -14.40
CA THR A 61 -1.51 45.38 -14.38
C THR A 61 -0.18 45.72 -13.69
N PRO A 62 0.15 45.02 -12.59
CA PRO A 62 1.39 45.20 -11.81
C PRO A 62 2.62 45.20 -12.71
N PRO A 63 3.36 46.33 -12.73
CA PRO A 63 4.58 46.53 -13.53
C PRO A 63 5.58 45.38 -13.50
N ASP A 64 5.75 44.80 -12.32
CA ASP A 64 6.70 43.70 -12.16
C ASP A 64 6.34 42.45 -12.96
N GLU A 65 5.05 42.13 -13.03
CA GLU A 65 4.62 40.96 -13.78
C GLU A 65 4.36 41.28 -15.24
N LEU A 66 4.18 42.56 -15.55
CA LEU A 66 3.93 43.01 -16.91
C LEU A 66 5.23 42.99 -17.73
N LEU A 67 6.35 43.27 -17.06
CA LEU A 67 7.64 43.32 -17.71
C LEU A 67 8.11 42.03 -18.43
N PRO A 68 8.07 40.87 -17.74
CA PRO A 68 8.50 39.61 -18.37
C PRO A 68 7.77 39.35 -19.68
N GLN A 69 6.46 39.58 -19.65
CA GLN A 69 5.58 39.39 -20.79
C GLN A 69 5.91 40.38 -21.90
N ALA A 70 6.18 41.62 -21.50
CA ALA A 70 6.51 42.69 -22.45
C ALA A 70 7.77 42.33 -23.22
N ILE A 71 8.81 41.91 -22.51
CA ILE A 71 10.08 41.54 -23.11
C ILE A 71 9.83 40.36 -24.04
N GLU A 72 9.12 39.38 -23.50
CA GLU A 72 8.77 38.16 -24.22
C GLU A 72 8.21 38.48 -25.60
N PHE A 73 7.25 39.40 -25.62
CA PHE A 73 6.63 39.81 -26.86
C PHE A 73 7.64 40.42 -27.83
N VAL A 74 8.36 41.44 -27.36
CA VAL A 74 9.35 42.14 -28.18
C VAL A 74 10.31 41.17 -28.87
N ASN A 75 10.70 40.12 -28.16
CA ASN A 75 11.59 39.12 -28.71
C ASN A 75 10.89 38.42 -29.85
N GLN A 76 9.65 38.01 -29.59
CA GLN A 76 8.84 37.31 -30.57
C GLN A 76 8.68 38.18 -31.82
N TYR A 77 8.45 39.48 -31.59
CA TYR A 77 8.27 40.43 -32.67
C TYR A 77 9.51 40.52 -33.55
N TYR A 78 10.66 40.72 -32.92
CA TYR A 78 11.91 40.83 -33.68
C TYR A 78 12.34 39.49 -34.23
N GLY A 79 11.86 38.42 -33.60
CA GLY A 79 12.18 37.07 -34.05
C GLY A 79 11.47 36.74 -35.35
N SER A 80 10.43 37.51 -35.67
CA SER A 80 9.67 37.29 -36.89
C SER A 80 10.45 37.69 -38.14
N PHE A 81 11.24 38.76 -38.03
CA PHE A 81 12.02 39.27 -39.15
C PHE A 81 13.06 38.32 -39.69
N LYS A 82 13.25 38.37 -41.00
CA LYS A 82 14.22 37.53 -41.69
C LYS A 82 15.61 37.84 -41.15
N GLU A 83 16.12 39.03 -41.48
CA GLU A 83 17.43 39.45 -41.01
C GLU A 83 17.26 40.19 -39.67
N ALA A 84 17.90 39.66 -38.64
CA ALA A 84 17.83 40.24 -37.30
C ALA A 84 18.25 41.71 -37.23
N LYS A 85 17.47 42.51 -36.52
CA LYS A 85 17.75 43.93 -36.35
C LYS A 85 18.31 44.07 -34.93
N ILE A 86 19.49 43.50 -34.71
CA ILE A 86 20.15 43.53 -33.39
C ILE A 86 20.12 44.92 -32.75
N GLU A 87 20.39 45.92 -33.58
CA GLU A 87 20.39 47.31 -33.15
C GLU A 87 19.03 47.71 -32.56
N GLU A 88 18.04 47.82 -33.43
CA GLU A 88 16.67 48.20 -33.05
C GLU A 88 16.12 47.34 -31.94
N HIS A 89 16.44 46.05 -31.99
CA HIS A 89 15.96 45.09 -31.01
C HIS A 89 16.34 45.54 -29.61
N LEU A 90 17.64 45.65 -29.38
CA LEU A 90 18.16 46.08 -28.09
C LEU A 90 17.57 47.43 -27.70
N ALA A 91 17.51 48.34 -28.67
CA ALA A 91 16.96 49.67 -28.47
C ALA A 91 15.53 49.64 -27.96
N ARG A 92 14.72 48.79 -28.57
CA ARG A 92 13.32 48.65 -28.21
C ARG A 92 13.19 48.10 -26.79
N VAL A 93 13.88 46.99 -26.52
CA VAL A 93 13.85 46.35 -25.20
C VAL A 93 14.13 47.37 -24.09
N GLU A 94 15.09 48.25 -24.36
CA GLU A 94 15.48 49.29 -23.42
C GLU A 94 14.31 50.23 -23.20
N ALA A 95 13.87 50.85 -24.30
CA ALA A 95 12.78 51.81 -24.31
C ALA A 95 11.55 51.32 -23.57
N VAL A 96 11.22 50.05 -23.78
CA VAL A 96 10.06 49.43 -23.16
C VAL A 96 10.23 49.31 -21.65
N THR A 97 11.34 48.73 -21.22
CA THR A 97 11.64 48.54 -19.80
C THR A 97 11.53 49.88 -19.08
N LYS A 98 12.20 50.88 -19.63
CA LYS A 98 12.19 52.24 -19.10
C LYS A 98 10.74 52.66 -18.90
N GLU A 99 10.00 52.64 -20.00
CA GLU A 99 8.59 53.04 -20.03
C GLU A 99 7.71 52.33 -18.99
N ILE A 100 7.91 51.02 -18.82
CA ILE A 100 7.10 50.25 -17.87
C ILE A 100 7.29 50.67 -16.43
N GLU A 101 8.54 50.88 -16.02
CA GLU A 101 8.81 51.26 -14.64
C GLU A 101 8.63 52.76 -14.39
N THR A 102 8.68 53.55 -15.45
CA THR A 102 8.49 54.99 -15.32
C THR A 102 7.03 55.42 -15.48
N THR A 103 6.24 54.61 -16.19
CA THR A 103 4.83 54.93 -16.42
C THR A 103 3.87 53.85 -15.92
N GLY A 104 4.41 52.67 -15.63
CA GLY A 104 3.59 51.56 -15.16
C GLY A 104 3.07 50.65 -16.25
N THR A 105 3.19 51.09 -17.51
CA THR A 105 2.73 50.33 -18.66
C THR A 105 3.55 50.77 -19.88
N TYR A 106 3.06 50.49 -21.09
CA TYR A 106 3.77 50.89 -22.31
C TYR A 106 2.91 50.86 -23.55
N GLN A 107 3.38 51.55 -24.59
CA GLN A 107 2.69 51.63 -25.87
C GLN A 107 3.40 50.79 -26.93
N LEU A 108 2.62 50.23 -27.84
CA LEU A 108 3.16 49.40 -28.93
C LEU A 108 3.41 50.25 -30.16
N THR A 109 4.45 49.92 -30.93
CA THR A 109 4.75 50.66 -32.15
C THR A 109 3.69 50.31 -33.19
N GLY A 110 3.62 51.11 -34.25
CA GLY A 110 2.65 50.86 -35.30
C GLY A 110 2.73 49.45 -35.82
N ASP A 111 3.90 49.08 -36.35
CA ASP A 111 4.08 47.75 -36.91
C ASP A 111 3.96 46.64 -35.88
N GLU A 112 4.26 46.94 -34.63
CA GLU A 112 4.15 45.93 -33.57
C GLU A 112 2.71 45.49 -33.39
N LEU A 113 1.80 46.45 -33.44
CA LEU A 113 0.39 46.19 -33.29
C LEU A 113 -0.07 45.30 -34.44
N ILE A 114 0.26 45.70 -35.66
CA ILE A 114 -0.09 44.95 -36.86
C ILE A 114 0.33 43.49 -36.69
N PHE A 115 1.58 43.30 -36.30
CA PHE A 115 2.11 41.96 -36.08
C PHE A 115 1.28 41.21 -35.04
N ALA A 116 1.03 41.87 -33.91
CA ALA A 116 0.29 41.26 -32.82
C ALA A 116 -1.11 40.76 -33.19
N THR A 117 -1.83 41.56 -33.96
CA THR A 117 -3.19 41.21 -34.38
C THR A 117 -3.17 39.97 -35.26
N LYS A 118 -2.28 39.97 -36.26
CA LYS A 118 -2.16 38.85 -37.18
C LYS A 118 -1.71 37.58 -36.44
N GLN A 119 -0.84 37.77 -35.46
CA GLN A 119 -0.33 36.65 -34.69
C GLN A 119 -1.39 36.04 -33.79
N ALA A 120 -2.16 36.91 -33.14
CA ALA A 120 -3.22 36.46 -32.24
C ALA A 120 -4.29 35.67 -33.01
N TRP A 121 -4.51 36.07 -34.27
CA TRP A 121 -5.46 35.40 -35.15
C TRP A 121 -4.87 34.03 -35.44
N ARG A 122 -3.62 34.03 -35.86
CA ARG A 122 -2.89 32.80 -36.16
C ARG A 122 -2.88 31.88 -34.95
N ASN A 123 -2.98 32.48 -33.76
CA ASN A 123 -2.99 31.73 -32.50
C ASN A 123 -4.37 31.32 -32.00
N ALA A 124 -5.43 31.74 -32.70
CA ALA A 124 -6.80 31.40 -32.33
C ALA A 124 -7.11 29.98 -32.79
N PRO A 125 -7.14 29.02 -31.84
CA PRO A 125 -7.40 27.60 -32.11
C PRO A 125 -8.77 27.24 -32.66
N ARG A 126 -9.71 28.18 -32.61
CA ARG A 126 -11.06 27.93 -33.08
C ARG A 126 -11.39 28.50 -34.47
N CYS A 127 -10.48 29.27 -35.03
CA CYS A 127 -10.71 29.84 -36.36
C CYS A 127 -10.23 28.89 -37.43
N ILE A 128 -11.13 28.51 -38.33
CA ILE A 128 -10.82 27.59 -39.42
C ILE A 128 -10.28 28.32 -40.65
N GLY A 129 -10.51 29.63 -40.70
CA GLY A 129 -10.04 30.40 -41.84
C GLY A 129 -8.67 31.00 -41.62
N ARG A 130 -7.93 30.43 -40.69
CA ARG A 130 -6.60 30.91 -40.34
C ARG A 130 -5.54 30.93 -41.44
N ILE A 131 -5.86 30.38 -42.61
CA ILE A 131 -4.92 30.39 -43.71
C ILE A 131 -4.75 31.83 -44.21
N GLN A 132 -5.71 32.67 -43.87
CA GLN A 132 -5.72 34.08 -44.25
C GLN A 132 -5.06 34.99 -43.22
N TRP A 133 -4.46 34.42 -42.18
CA TRP A 133 -3.86 35.21 -41.11
C TRP A 133 -2.92 36.35 -41.49
N SER A 134 -2.23 36.23 -42.61
CA SER A 134 -1.31 37.28 -43.06
C SER A 134 -2.05 38.46 -43.72
N ASN A 135 -3.23 38.20 -44.29
CA ASN A 135 -4.03 39.24 -44.93
C ASN A 135 -4.99 39.85 -43.93
N LEU A 136 -4.60 40.96 -43.33
CA LEU A 136 -5.44 41.62 -42.35
C LEU A 136 -5.19 43.11 -42.35
N GLN A 137 -6.28 43.87 -42.43
CA GLN A 137 -6.22 45.32 -42.41
C GLN A 137 -6.33 45.76 -40.97
N VAL A 138 -5.38 46.58 -40.52
CA VAL A 138 -5.40 47.04 -39.14
C VAL A 138 -5.69 48.53 -38.99
N PHE A 139 -6.75 48.86 -38.26
CA PHE A 139 -7.15 50.24 -38.02
C PHE A 139 -6.73 50.64 -36.62
N ASP A 140 -5.78 51.57 -36.51
CA ASP A 140 -5.32 52.03 -35.21
C ASP A 140 -6.25 53.10 -34.66
N ALA A 141 -7.03 52.72 -33.66
CA ALA A 141 -7.98 53.64 -33.04
C ALA A 141 -7.68 53.80 -31.56
N ARG A 142 -6.39 53.71 -31.21
CA ARG A 142 -5.98 53.87 -29.82
C ARG A 142 -6.02 55.35 -29.45
N SER A 143 -6.07 56.19 -30.47
CA SER A 143 -6.15 57.64 -30.32
C SER A 143 -7.57 58.06 -29.95
N CYS A 144 -8.54 57.22 -30.27
CA CYS A 144 -9.95 57.45 -29.99
C CYS A 144 -10.19 57.80 -28.52
N SER A 145 -11.23 58.61 -28.25
CA SER A 145 -11.54 59.01 -26.87
C SER A 145 -13.03 59.13 -26.53
N THR A 146 -13.90 59.23 -27.54
CA THR A 146 -15.33 59.34 -27.27
C THR A 146 -16.14 58.26 -27.96
N ALA A 147 -17.31 57.95 -27.39
CA ALA A 147 -18.21 56.93 -27.93
C ALA A 147 -18.51 57.21 -29.39
N ARG A 148 -18.80 58.47 -29.71
CA ARG A 148 -19.11 58.86 -31.07
C ARG A 148 -17.96 58.51 -32.00
N GLU A 149 -16.73 58.79 -31.58
CA GLU A 149 -15.56 58.49 -32.38
C GLU A 149 -15.47 57.00 -32.67
N MET A 150 -15.79 56.19 -31.66
CA MET A 150 -15.77 54.75 -31.83
C MET A 150 -16.68 54.39 -33.00
N PHE A 151 -17.89 54.94 -32.95
CA PHE A 151 -18.89 54.71 -33.97
C PHE A 151 -18.36 55.02 -35.36
N GLU A 152 -17.72 56.17 -35.50
CA GLU A 152 -17.18 56.58 -36.78
C GLU A 152 -16.07 55.66 -37.27
N HIS A 153 -15.25 55.20 -36.35
CA HIS A 153 -14.16 54.29 -36.70
C HIS A 153 -14.72 52.97 -37.19
N ILE A 154 -15.79 52.53 -36.54
CA ILE A 154 -16.47 51.28 -36.87
C ILE A 154 -17.10 51.35 -38.24
N CYS A 155 -17.76 52.47 -38.53
CA CYS A 155 -18.39 52.64 -39.84
C CYS A 155 -17.32 52.58 -40.92
N ARG A 156 -16.14 53.11 -40.63
CA ARG A 156 -15.05 53.08 -41.60
C ARG A 156 -14.65 51.63 -41.83
N HIS A 157 -14.58 50.87 -40.73
CA HIS A 157 -14.21 49.45 -40.75
C HIS A 157 -15.19 48.68 -41.63
N VAL A 158 -16.48 48.85 -41.35
CA VAL A 158 -17.53 48.16 -42.11
C VAL A 158 -17.51 48.51 -43.59
N ARG A 159 -17.41 49.80 -43.88
CA ARG A 159 -17.38 50.27 -45.25
C ARG A 159 -16.24 49.56 -45.97
N TYR A 160 -15.08 49.51 -45.31
CA TYR A 160 -13.91 48.86 -45.87
C TYR A 160 -14.12 47.37 -46.10
N SER A 161 -14.42 46.64 -45.02
CA SER A 161 -14.61 45.19 -45.09
C SER A 161 -15.70 44.72 -46.04
N THR A 162 -16.83 45.43 -46.07
CA THR A 162 -17.92 45.08 -46.95
C THR A 162 -17.39 45.09 -48.37
N ASN A 163 -16.67 46.15 -48.71
CA ASN A 163 -16.05 46.29 -50.03
C ASN A 163 -16.98 45.95 -51.20
N ASN A 164 -18.23 46.39 -51.08
CA ASN A 164 -19.21 46.17 -52.12
C ASN A 164 -19.37 44.68 -52.49
N GLY A 165 -19.27 43.82 -51.48
CA GLY A 165 -19.45 42.39 -51.74
C GLY A 165 -18.19 41.55 -51.61
N ASN A 166 -17.03 42.08 -51.98
CA ASN A 166 -15.77 41.35 -51.88
C ASN A 166 -15.22 41.57 -50.49
N ILE A 167 -15.76 40.80 -49.55
CA ILE A 167 -15.39 40.91 -48.15
C ILE A 167 -13.88 40.85 -47.93
N ARG A 168 -13.42 41.74 -47.05
CA ARG A 168 -12.01 41.84 -46.69
C ARG A 168 -11.91 41.75 -45.18
N SER A 169 -10.88 41.08 -44.70
CA SER A 169 -10.67 40.93 -43.25
C SER A 169 -10.02 42.19 -42.70
N ALA A 170 -10.48 42.62 -41.52
CA ALA A 170 -9.95 43.80 -40.88
C ALA A 170 -10.26 43.83 -39.39
N ILE A 171 -9.53 44.66 -38.66
CA ILE A 171 -9.72 44.78 -37.22
C ILE A 171 -9.47 46.22 -36.79
N THR A 172 -10.30 46.71 -35.87
CA THR A 172 -10.15 48.05 -35.35
C THR A 172 -9.76 47.94 -33.88
N VAL A 173 -8.57 48.42 -33.56
CA VAL A 173 -8.06 48.36 -32.20
C VAL A 173 -8.31 49.64 -31.44
N PHE A 174 -9.00 49.51 -30.31
CA PHE A 174 -9.30 50.65 -29.48
C PHE A 174 -8.30 50.74 -28.34
N PRO A 175 -8.27 51.90 -27.64
CA PRO A 175 -7.35 52.13 -26.52
C PRO A 175 -7.24 50.95 -25.56
N GLN A 176 -6.00 50.61 -25.22
CA GLN A 176 -5.74 49.51 -24.31
C GLN A 176 -6.29 49.78 -22.92
N ARG A 177 -6.53 48.70 -22.19
CA ARG A 177 -7.03 48.81 -20.84
C ARG A 177 -5.93 49.39 -19.98
N SER A 178 -6.30 50.33 -19.12
CA SER A 178 -5.36 50.97 -18.22
C SER A 178 -5.56 50.39 -16.82
N ASP A 179 -6.45 51.01 -16.05
CA ASP A 179 -6.73 50.55 -14.70
C ASP A 179 -7.86 49.53 -14.65
N GLY A 180 -8.55 49.35 -15.77
CA GLY A 180 -9.64 48.40 -15.83
C GLY A 180 -10.99 49.05 -15.56
N LYS A 181 -10.96 50.38 -15.40
CA LYS A 181 -12.17 51.14 -15.15
C LYS A 181 -12.45 52.03 -16.36
N HIS A 182 -11.42 52.25 -17.16
CA HIS A 182 -11.52 53.07 -18.36
C HIS A 182 -11.43 52.19 -19.60
N ASP A 183 -12.26 51.15 -19.59
CA ASP A 183 -12.29 50.20 -20.69
C ASP A 183 -13.05 50.75 -21.88
N PHE A 184 -12.49 50.56 -23.06
CA PHE A 184 -13.13 50.98 -24.29
C PHE A 184 -13.60 49.69 -24.92
N ARG A 185 -14.92 49.46 -24.95
CA ARG A 185 -15.39 48.22 -25.55
C ARG A 185 -16.80 48.23 -26.11
N VAL A 186 -17.01 47.37 -27.11
CA VAL A 186 -18.30 47.21 -27.76
C VAL A 186 -18.99 46.08 -27.02
N TRP A 187 -20.24 46.32 -26.62
CA TRP A 187 -21.01 45.34 -25.88
C TRP A 187 -21.61 44.29 -26.78
N ASN A 188 -21.83 44.67 -28.04
CA ASN A 188 -22.41 43.76 -29.03
C ASN A 188 -21.48 42.58 -29.29
N ALA A 189 -22.07 41.40 -29.41
CA ALA A 189 -21.28 40.20 -29.69
C ALA A 189 -20.70 40.35 -31.09
N GLN A 190 -21.52 40.88 -32.00
CA GLN A 190 -21.12 41.10 -33.37
C GLN A 190 -21.53 42.51 -33.73
N LEU A 191 -20.80 43.11 -34.67
CA LEU A 191 -21.12 44.45 -35.12
C LEU A 191 -22.53 44.42 -35.68
N ILE A 192 -22.75 43.51 -36.60
CA ILE A 192 -24.07 43.37 -37.20
C ILE A 192 -24.74 42.11 -36.69
N ARG A 193 -25.94 42.27 -36.15
CA ARG A 193 -26.69 41.14 -35.64
C ARG A 193 -28.17 41.46 -35.53
N TYR A 194 -29.01 40.46 -35.80
CA TYR A 194 -30.47 40.66 -35.75
C TYR A 194 -31.07 40.64 -34.36
N ALA A 195 -32.21 41.32 -34.23
CA ALA A 195 -32.90 41.40 -32.96
C ALA A 195 -33.72 40.17 -32.65
N GLY A 196 -33.97 39.98 -31.35
CA GLY A 196 -34.75 38.84 -30.90
C GLY A 196 -35.74 39.38 -29.88
N TYR A 197 -37.03 39.23 -30.15
CA TYR A 197 -38.06 39.72 -29.25
C TYR A 197 -38.90 38.59 -28.69
N GLN A 198 -39.24 38.69 -27.41
CA GLN A 198 -40.09 37.68 -26.80
C GLN A 198 -41.51 38.21 -26.88
N MET A 199 -42.30 37.60 -27.76
CA MET A 199 -43.68 38.00 -27.98
C MET A 199 -44.64 37.71 -26.82
N PRO A 200 -45.76 38.44 -26.75
CA PRO A 200 -46.78 38.30 -25.71
C PRO A 200 -47.28 36.86 -25.52
N ASP A 201 -47.46 36.14 -26.61
CA ASP A 201 -47.93 34.76 -26.54
C ASP A 201 -46.83 33.81 -26.10
N GLY A 202 -45.70 34.38 -25.71
CA GLY A 202 -44.58 33.56 -25.26
C GLY A 202 -43.61 33.16 -26.36
N SER A 203 -44.08 33.17 -27.61
CA SER A 203 -43.22 32.80 -28.74
C SER A 203 -42.10 33.82 -28.93
N ILE A 204 -41.14 33.52 -29.80
CA ILE A 204 -40.04 34.42 -30.05
C ILE A 204 -39.89 34.77 -31.53
N ARG A 205 -39.78 36.07 -31.79
CA ARG A 205 -39.65 36.58 -33.14
C ARG A 205 -38.24 37.08 -33.37
N GLY A 206 -37.60 36.63 -34.45
CA GLY A 206 -36.25 37.06 -34.73
C GLY A 206 -35.21 36.05 -34.29
N ASP A 207 -34.03 36.54 -33.92
CA ASP A 207 -32.91 35.70 -33.48
C ASP A 207 -33.01 35.48 -31.97
N PRO A 208 -33.48 34.29 -31.55
CA PRO A 208 -33.66 33.93 -30.14
C PRO A 208 -32.41 34.11 -29.29
N ALA A 209 -31.26 33.87 -29.89
CA ALA A 209 -30.00 34.01 -29.17
C ALA A 209 -29.67 35.45 -28.79
N ASN A 210 -30.30 36.39 -29.46
CA ASN A 210 -30.02 37.80 -29.18
C ASN A 210 -31.11 38.49 -28.37
N VAL A 211 -31.98 37.70 -27.73
CA VAL A 211 -33.07 38.25 -26.94
C VAL A 211 -32.63 39.10 -25.76
N GLU A 212 -31.75 38.55 -24.93
CA GLU A 212 -31.27 39.27 -23.75
C GLU A 212 -30.63 40.59 -24.14
N PHE A 213 -29.78 40.56 -25.17
CA PHE A 213 -29.11 41.77 -25.63
C PHE A 213 -30.09 42.82 -26.18
N THR A 214 -31.06 42.39 -26.96
CA THR A 214 -32.02 43.34 -27.51
C THR A 214 -32.80 43.98 -26.37
N GLN A 215 -33.15 43.17 -25.38
CA GLN A 215 -33.89 43.66 -24.22
C GLN A 215 -33.11 44.81 -23.61
N LEU A 216 -31.80 44.64 -23.56
CA LEU A 216 -30.93 45.68 -23.04
C LEU A 216 -31.08 46.95 -23.87
N CYS A 217 -30.97 46.80 -25.19
CA CYS A 217 -31.09 47.94 -26.10
C CYS A 217 -32.40 48.71 -25.90
N ILE A 218 -33.46 47.95 -25.63
CA ILE A 218 -34.75 48.52 -25.38
C ILE A 218 -34.68 49.34 -24.11
N ASP A 219 -34.11 48.75 -23.06
CA ASP A 219 -33.95 49.43 -21.76
C ASP A 219 -33.15 50.71 -21.92
N LEU A 220 -32.22 50.71 -22.87
CA LEU A 220 -31.39 51.88 -23.11
C LEU A 220 -32.04 52.92 -24.01
N GLY A 221 -33.29 52.67 -24.38
CA GLY A 221 -34.01 53.64 -25.20
C GLY A 221 -34.35 53.27 -26.63
N TRP A 222 -33.68 52.26 -27.17
CA TRP A 222 -33.95 51.84 -28.54
C TRP A 222 -35.38 51.31 -28.63
N LYS A 223 -36.14 51.77 -29.63
CA LYS A 223 -37.51 51.28 -29.78
C LYS A 223 -37.58 50.08 -30.73
N PRO A 224 -38.13 48.95 -30.25
CA PRO A 224 -38.30 47.70 -30.99
C PRO A 224 -39.15 47.84 -32.23
N LYS A 225 -38.69 47.24 -33.32
CA LYS A 225 -39.42 47.30 -34.59
C LYS A 225 -40.21 46.00 -34.80
N TYR A 226 -40.06 45.05 -33.87
CA TYR A 226 -40.76 43.76 -33.90
C TYR A 226 -40.81 43.06 -35.25
N GLY A 227 -39.63 42.89 -35.85
CA GLY A 227 -39.51 42.23 -37.12
C GLY A 227 -38.50 41.10 -37.01
N ARG A 228 -38.59 40.14 -37.91
CA ARG A 228 -37.69 38.99 -37.90
C ARG A 228 -36.22 39.32 -38.15
N PHE A 229 -35.95 40.33 -38.97
CA PHE A 229 -34.57 40.67 -39.28
C PHE A 229 -34.27 42.12 -39.02
N ASP A 230 -34.33 42.51 -37.75
CA ASP A 230 -34.06 43.88 -37.38
C ASP A 230 -32.66 44.03 -36.81
N VAL A 231 -31.84 44.84 -37.48
CA VAL A 231 -30.47 45.06 -37.02
C VAL A 231 -30.42 45.94 -35.78
N VAL A 232 -29.87 45.39 -34.71
CA VAL A 232 -29.75 46.11 -33.45
C VAL A 232 -28.80 47.29 -33.55
N PRO A 233 -28.91 48.25 -32.62
CA PRO A 233 -28.03 49.43 -32.62
C PRO A 233 -26.69 49.05 -32.01
N LEU A 234 -25.73 49.95 -32.13
CA LEU A 234 -24.41 49.71 -31.60
C LEU A 234 -24.33 50.26 -30.18
N VAL A 235 -24.00 49.40 -29.23
CA VAL A 235 -23.89 49.82 -27.84
C VAL A 235 -22.41 50.05 -27.54
N LEU A 236 -22.00 51.31 -27.63
CA LEU A 236 -20.60 51.70 -27.43
C LEU A 236 -20.22 52.28 -26.07
N GLN A 237 -19.18 51.72 -25.47
CA GLN A 237 -18.68 52.16 -24.16
C GLN A 237 -17.29 52.78 -24.31
N ALA A 238 -17.16 54.05 -23.95
CA ALA A 238 -15.88 54.75 -24.04
C ALA A 238 -15.37 55.16 -22.66
N ASN A 239 -14.08 54.92 -22.42
CA ASN A 239 -13.44 55.27 -21.15
C ASN A 239 -14.10 54.70 -19.91
N GLY A 240 -14.85 53.61 -20.08
CA GLY A 240 -15.52 53.01 -18.94
C GLY A 240 -16.86 53.66 -18.64
N ARG A 241 -17.13 54.77 -19.33
CA ARG A 241 -18.39 55.51 -19.18
C ARG A 241 -19.57 54.66 -19.60
N ASP A 242 -20.77 55.09 -19.25
CA ASP A 242 -21.97 54.35 -19.65
C ASP A 242 -22.00 54.34 -21.18
N PRO A 243 -22.56 53.27 -21.77
CA PRO A 243 -22.64 53.15 -23.24
C PRO A 243 -23.68 54.03 -23.90
N GLU A 244 -23.51 54.25 -25.20
CA GLU A 244 -24.45 55.05 -25.98
C GLU A 244 -24.80 54.31 -27.25
N LEU A 245 -26.07 54.41 -27.66
CA LEU A 245 -26.55 53.73 -28.85
C LEU A 245 -26.28 54.54 -30.12
N PHE A 246 -25.97 53.82 -31.19
CA PHE A 246 -25.68 54.43 -32.49
C PHE A 246 -26.21 53.49 -33.56
N GLU A 247 -27.25 53.90 -34.27
CA GLU A 247 -27.78 53.04 -35.34
C GLU A 247 -26.82 53.04 -36.52
N ILE A 248 -26.51 51.85 -37.01
CA ILE A 248 -25.62 51.73 -38.15
C ILE A 248 -26.37 52.10 -39.42
N PRO A 249 -25.80 53.01 -40.22
CA PRO A 249 -26.44 53.44 -41.48
C PRO A 249 -26.68 52.20 -42.32
N PRO A 250 -27.96 51.89 -42.58
CA PRO A 250 -28.36 50.73 -43.37
C PRO A 250 -27.64 50.55 -44.70
N ASP A 251 -27.14 51.63 -45.27
CA ASP A 251 -26.42 51.57 -46.53
C ASP A 251 -25.18 50.70 -46.35
N LEU A 252 -24.63 50.75 -45.14
CA LEU A 252 -23.44 49.98 -44.79
C LEU A 252 -23.72 48.53 -44.42
N VAL A 253 -25.00 48.21 -44.24
CA VAL A 253 -25.37 46.84 -43.90
C VAL A 253 -25.76 46.07 -45.15
N LEU A 254 -24.82 45.30 -45.68
CA LEU A 254 -25.07 44.50 -46.89
C LEU A 254 -25.69 43.16 -46.52
N GLU A 255 -26.86 42.89 -47.08
CA GLU A 255 -27.57 41.64 -46.82
C GLU A 255 -27.75 40.83 -48.09
N VAL A 256 -28.11 39.56 -47.93
CA VAL A 256 -28.32 38.64 -49.04
C VAL A 256 -29.65 37.94 -48.88
N ALA A 257 -30.51 38.09 -49.88
CA ALA A 257 -31.82 37.44 -49.85
C ALA A 257 -31.65 35.97 -50.21
N MET A 258 -32.27 35.12 -49.41
CA MET A 258 -32.19 33.67 -49.60
C MET A 258 -33.18 33.10 -50.61
N GLU A 259 -32.64 32.37 -51.58
CA GLU A 259 -33.44 31.71 -52.60
C GLU A 259 -32.70 30.48 -53.12
N HIS A 260 -33.45 29.41 -53.33
CA HIS A 260 -32.89 28.14 -53.81
C HIS A 260 -32.92 28.09 -55.33
N PRO A 261 -31.85 27.55 -55.96
CA PRO A 261 -31.76 27.46 -57.42
C PRO A 261 -32.91 26.66 -58.04
N LYS A 262 -33.26 25.53 -57.44
CA LYS A 262 -34.34 24.72 -57.97
C LYS A 262 -35.71 25.06 -57.35
N TYR A 263 -35.78 25.06 -56.02
CA TYR A 263 -37.02 25.34 -55.30
C TYR A 263 -37.41 26.81 -55.24
N GLU A 264 -38.37 27.19 -56.08
CA GLU A 264 -38.82 28.57 -56.13
C GLU A 264 -39.61 28.96 -54.90
N TRP A 265 -40.17 27.98 -54.21
CA TRP A 265 -40.93 28.25 -53.00
C TRP A 265 -40.02 28.75 -51.87
N PHE A 266 -38.72 28.57 -52.05
CA PHE A 266 -37.78 29.01 -51.03
C PHE A 266 -37.88 30.51 -50.77
N ARG A 267 -38.08 31.26 -51.85
CA ARG A 267 -38.21 32.71 -51.75
C ARG A 267 -39.34 33.04 -50.80
N GLU A 268 -40.36 32.19 -50.78
CA GLU A 268 -41.54 32.38 -49.92
C GLU A 268 -41.22 32.37 -48.44
N LEU A 269 -40.14 31.69 -48.05
CA LEU A 269 -39.73 31.66 -46.66
C LEU A 269 -39.28 33.06 -46.26
N GLU A 270 -38.87 33.83 -47.28
CA GLU A 270 -38.42 35.21 -47.11
C GLU A 270 -37.29 35.32 -46.11
N LEU A 271 -36.20 34.62 -46.39
CA LEU A 271 -35.05 34.66 -45.50
C LEU A 271 -33.94 35.49 -46.08
N LYS A 272 -33.05 35.98 -45.21
CA LYS A 272 -31.90 36.76 -45.63
C LYS A 272 -30.88 36.74 -44.51
N TRP A 273 -29.70 37.30 -44.74
CA TRP A 273 -28.66 37.35 -43.72
C TRP A 273 -27.59 38.38 -44.07
N TYR A 274 -26.94 38.92 -43.06
CA TYR A 274 -25.89 39.91 -43.27
C TYR A 274 -24.65 39.25 -43.86
N ALA A 275 -23.89 40.01 -44.64
CA ALA A 275 -22.71 39.46 -45.28
C ALA A 275 -21.46 39.54 -44.42
N LEU A 276 -21.47 40.42 -43.43
CA LEU A 276 -20.31 40.61 -42.60
C LEU A 276 -20.28 40.01 -41.20
N PRO A 277 -19.47 38.96 -41.01
CA PRO A 277 -19.36 38.31 -39.70
C PRO A 277 -18.26 39.05 -38.93
N ALA A 278 -18.63 39.73 -37.85
CA ALA A 278 -17.64 40.49 -37.08
C ALA A 278 -17.77 40.38 -35.56
N VAL A 279 -16.75 39.78 -34.94
CA VAL A 279 -16.73 39.60 -33.50
C VAL A 279 -16.22 40.89 -32.85
N ALA A 280 -17.04 41.48 -31.97
CA ALA A 280 -16.67 42.73 -31.30
C ALA A 280 -16.36 42.57 -29.81
N ASN A 281 -17.12 41.71 -29.14
CA ASN A 281 -17.01 41.46 -27.70
C ASN A 281 -15.76 40.73 -27.18
N MET A 282 -14.73 40.59 -28.01
CA MET A 282 -13.53 39.90 -27.53
C MET A 282 -12.38 40.81 -27.14
N LEU A 283 -11.45 40.25 -26.37
CA LEU A 283 -10.28 40.96 -25.87
C LEU A 283 -8.98 40.44 -26.48
N LEU A 284 -8.11 41.37 -26.83
CA LEU A 284 -6.81 41.03 -27.39
C LEU A 284 -5.70 41.17 -26.34
N GLU A 285 -4.94 40.09 -26.14
CA GLU A 285 -3.83 40.12 -25.19
C GLU A 285 -2.50 40.11 -25.95
N VAL A 286 -1.67 41.12 -25.71
CA VAL A 286 -0.37 41.24 -26.37
C VAL A 286 0.71 41.57 -25.37
N GLY A 287 1.62 40.61 -25.15
CA GLY A 287 2.70 40.80 -24.20
C GLY A 287 2.31 41.49 -22.90
N GLY A 288 1.24 41.01 -22.26
CA GLY A 288 0.79 41.58 -21.00
C GLY A 288 -0.30 42.63 -21.13
N LEU A 289 -0.32 43.33 -22.26
CA LEU A 289 -1.32 44.35 -22.51
C LEU A 289 -2.68 43.71 -22.83
N GLU A 290 -3.76 44.45 -22.54
CA GLU A 290 -5.11 43.97 -22.81
C GLU A 290 -5.92 45.01 -23.56
N PHE A 291 -6.67 44.57 -24.56
CA PHE A 291 -7.51 45.47 -25.35
C PHE A 291 -8.92 44.91 -25.40
N PRO A 292 -9.81 45.41 -24.52
CA PRO A 292 -11.21 44.94 -24.47
C PRO A 292 -12.03 45.37 -25.69
N GLY A 293 -11.53 46.36 -26.42
CA GLY A 293 -12.22 46.82 -27.60
C GLY A 293 -11.40 46.56 -28.84
N CYS A 294 -11.74 45.51 -29.58
CA CYS A 294 -11.02 45.15 -30.79
C CYS A 294 -11.88 44.29 -31.70
N PRO A 295 -12.77 44.93 -32.48
CA PRO A 295 -13.64 44.21 -33.40
C PRO A 295 -12.87 43.76 -34.62
N PHE A 296 -13.12 42.53 -35.04
CA PHE A 296 -12.46 41.97 -36.21
C PHE A 296 -13.46 41.19 -37.03
N ASN A 297 -13.23 41.12 -38.33
CA ASN A 297 -14.13 40.41 -39.23
C ASN A 297 -13.40 39.62 -40.29
N GLY A 298 -14.13 38.68 -40.87
CA GLY A 298 -13.63 37.87 -41.96
C GLY A 298 -14.85 37.70 -42.84
N TRP A 299 -14.93 36.59 -43.58
CA TRP A 299 -16.11 36.35 -44.40
C TRP A 299 -16.79 35.08 -43.91
N TYR A 300 -18.07 34.95 -44.24
CA TYR A 300 -18.85 33.80 -43.81
C TYR A 300 -18.50 32.46 -44.45
N MET A 301 -18.86 31.40 -43.73
CA MET A 301 -18.69 30.04 -44.22
C MET A 301 -20.13 29.47 -44.25
N GLY A 302 -20.53 28.98 -45.41
CA GLY A 302 -21.85 28.42 -45.61
C GLY A 302 -22.56 27.89 -44.38
N THR A 303 -21.99 26.84 -43.79
CA THR A 303 -22.59 26.20 -42.62
C THR A 303 -22.98 27.13 -41.46
N GLU A 304 -22.17 28.15 -41.21
CA GLU A 304 -22.46 29.10 -40.13
C GLU A 304 -23.89 29.57 -40.22
N ILE A 305 -24.29 29.98 -41.42
CA ILE A 305 -25.63 30.47 -41.67
C ILE A 305 -26.62 29.34 -41.92
N GLY A 306 -26.30 28.51 -42.92
CA GLY A 306 -27.16 27.41 -43.28
C GLY A 306 -27.50 26.46 -42.16
N VAL A 307 -26.48 25.88 -41.55
CA VAL A 307 -26.67 24.93 -40.47
C VAL A 307 -26.98 25.54 -39.12
N ARG A 308 -26.12 26.44 -38.66
CA ARG A 308 -26.30 27.05 -37.36
C ARG A 308 -27.40 28.09 -37.26
N ASP A 309 -27.19 29.22 -37.93
CA ASP A 309 -28.16 30.30 -37.90
C ASP A 309 -29.59 29.90 -38.28
N PHE A 310 -29.74 29.09 -39.32
CA PHE A 310 -31.04 28.68 -39.78
C PHE A 310 -31.65 27.40 -39.20
N CYS A 311 -30.82 26.41 -38.88
CA CYS A 311 -31.35 25.16 -38.36
C CYS A 311 -31.35 24.94 -36.85
N ASP A 312 -30.44 25.58 -36.14
CA ASP A 312 -30.38 25.45 -34.69
C ASP A 312 -31.75 25.75 -34.12
N VAL A 313 -32.22 24.90 -33.21
CA VAL A 313 -33.52 25.08 -32.60
C VAL A 313 -33.57 26.40 -31.83
N GLN A 314 -32.46 26.72 -31.19
CA GLN A 314 -32.30 27.94 -30.40
C GLN A 314 -32.11 29.17 -31.29
N ARG A 315 -32.06 28.97 -32.61
CA ARG A 315 -31.90 30.07 -33.55
C ARG A 315 -33.18 30.22 -34.39
N TYR A 316 -33.06 30.45 -35.69
CA TYR A 316 -34.23 30.61 -36.53
C TYR A 316 -35.06 29.36 -36.72
N ASN A 317 -34.43 28.21 -36.53
CA ASN A 317 -35.10 26.92 -36.61
C ASN A 317 -36.16 26.80 -37.70
N ILE A 318 -35.70 26.54 -38.92
CA ILE A 318 -36.59 26.43 -40.07
C ILE A 318 -36.62 25.02 -40.64
N LEU A 319 -35.85 24.14 -40.05
CA LEU A 319 -35.77 22.77 -40.55
C LEU A 319 -37.14 22.13 -40.79
N GLU A 320 -38.02 22.21 -39.78
CA GLU A 320 -39.36 21.65 -39.86
C GLU A 320 -40.07 22.15 -41.11
N GLU A 321 -40.14 23.46 -41.25
CA GLU A 321 -40.78 24.10 -42.39
C GLU A 321 -40.33 23.58 -43.76
N VAL A 322 -39.03 23.68 -44.06
CA VAL A 322 -38.53 23.24 -45.37
C VAL A 322 -38.71 21.75 -45.60
N GLY A 323 -38.80 20.99 -44.52
CA GLY A 323 -38.99 19.56 -44.65
C GLY A 323 -40.36 19.34 -45.26
N ARG A 324 -41.35 20.07 -44.75
CA ARG A 324 -42.72 19.95 -45.23
C ARG A 324 -42.77 20.45 -46.67
N ARG A 325 -42.14 21.60 -46.91
CA ARG A 325 -42.12 22.20 -48.24
C ARG A 325 -41.54 21.24 -49.28
N MET A 326 -40.54 20.47 -48.89
CA MET A 326 -39.91 19.51 -49.79
C MET A 326 -40.76 18.25 -49.90
N GLY A 327 -41.80 18.19 -49.08
CA GLY A 327 -42.70 17.05 -49.07
C GLY A 327 -42.02 15.77 -48.61
N LEU A 328 -41.22 15.88 -47.57
CA LEU A 328 -40.50 14.73 -47.02
C LEU A 328 -41.26 14.14 -45.85
N GLU A 329 -40.89 12.92 -45.44
CA GLU A 329 -41.55 12.26 -44.31
C GLU A 329 -41.04 12.89 -43.01
N THR A 330 -41.53 14.09 -42.72
CA THR A 330 -41.11 14.82 -41.52
C THR A 330 -41.45 14.15 -40.20
N HIS A 331 -41.97 12.93 -40.26
CA HIS A 331 -42.32 12.21 -39.05
C HIS A 331 -41.47 10.99 -38.82
N LYS A 332 -41.00 10.38 -39.90
CA LYS A 332 -40.14 9.22 -39.79
C LYS A 332 -38.69 9.72 -39.80
N LEU A 333 -38.05 9.70 -38.63
CA LEU A 333 -36.67 10.16 -38.51
C LEU A 333 -35.71 9.39 -39.39
N ALA A 334 -35.93 8.07 -39.45
CA ALA A 334 -35.10 7.17 -40.24
C ALA A 334 -35.14 7.50 -41.74
N SER A 335 -36.00 8.44 -42.13
CA SER A 335 -36.11 8.83 -43.54
C SER A 335 -34.97 9.79 -43.89
N LEU A 336 -34.30 10.30 -42.86
CA LEU A 336 -33.19 11.24 -42.99
C LEU A 336 -33.64 12.52 -43.67
N TRP A 337 -34.91 12.86 -43.47
CA TRP A 337 -35.47 14.05 -44.06
C TRP A 337 -34.71 15.25 -43.53
N LYS A 338 -34.39 15.21 -42.24
CA LYS A 338 -33.67 16.30 -41.59
C LYS A 338 -32.37 16.58 -42.34
N ASP A 339 -31.70 15.52 -42.78
CA ASP A 339 -30.44 15.67 -43.48
C ASP A 339 -30.61 16.24 -44.87
N GLN A 340 -31.55 15.71 -45.66
CA GLN A 340 -31.76 16.26 -47.00
C GLN A 340 -32.10 17.74 -46.92
N ALA A 341 -32.92 18.08 -45.93
CA ALA A 341 -33.34 19.45 -45.71
C ALA A 341 -32.17 20.39 -45.44
N VAL A 342 -31.28 20.00 -44.53
CA VAL A 342 -30.14 20.82 -44.19
C VAL A 342 -29.23 21.02 -45.39
N VAL A 343 -29.06 19.97 -46.17
CA VAL A 343 -28.21 20.04 -47.36
C VAL A 343 -28.80 21.07 -48.31
N GLU A 344 -30.10 20.95 -48.57
CA GLU A 344 -30.76 21.85 -49.47
C GLU A 344 -30.71 23.28 -49.00
N ILE A 345 -30.88 23.48 -47.70
CA ILE A 345 -30.84 24.83 -47.13
C ILE A 345 -29.45 25.44 -47.33
N ASN A 346 -28.42 24.63 -47.14
CA ASN A 346 -27.07 25.13 -47.29
C ASN A 346 -26.69 25.45 -48.72
N ILE A 347 -27.32 24.74 -49.65
CA ILE A 347 -27.07 24.97 -51.06
C ILE A 347 -27.68 26.33 -51.38
N ALA A 348 -28.86 26.58 -50.82
CA ALA A 348 -29.55 27.84 -51.03
C ALA A 348 -28.68 29.01 -50.59
N VAL A 349 -28.07 28.86 -49.43
CA VAL A 349 -27.22 29.90 -48.88
C VAL A 349 -26.06 30.23 -49.81
N LEU A 350 -25.29 29.20 -50.17
CA LEU A 350 -24.15 29.38 -51.05
C LEU A 350 -24.63 30.02 -52.35
N HIS A 351 -25.62 29.40 -52.99
CA HIS A 351 -26.17 29.90 -54.23
C HIS A 351 -26.54 31.38 -54.17
N SER A 352 -27.26 31.78 -53.13
CA SER A 352 -27.68 33.15 -52.96
C SER A 352 -26.51 34.13 -52.90
N PHE A 353 -25.43 33.75 -52.20
CA PHE A 353 -24.26 34.60 -52.11
C PHE A 353 -23.56 34.70 -53.45
N GLN A 354 -23.38 33.55 -54.09
CA GLN A 354 -22.72 33.47 -55.40
C GLN A 354 -23.46 34.33 -56.40
N LYS A 355 -24.77 34.16 -56.45
CA LYS A 355 -25.62 34.90 -57.39
C LYS A 355 -25.57 36.41 -57.15
N GLN A 356 -25.37 36.81 -55.90
CA GLN A 356 -25.32 38.24 -55.60
C GLN A 356 -23.91 38.80 -55.49
N ASN A 357 -22.94 38.03 -55.98
CA ASN A 357 -21.54 38.43 -55.99
C ASN A 357 -20.97 38.82 -54.63
N VAL A 358 -21.34 38.05 -53.62
CA VAL A 358 -20.86 38.30 -52.26
C VAL A 358 -19.97 37.14 -51.85
N THR A 359 -18.81 37.47 -51.29
CA THR A 359 -17.83 36.48 -50.86
C THR A 359 -18.42 35.54 -49.81
N ILE A 360 -18.31 34.24 -50.09
CA ILE A 360 -18.78 33.20 -49.19
C ILE A 360 -17.87 32.00 -49.42
N MET A 361 -17.76 31.13 -48.43
CA MET A 361 -16.89 29.96 -48.55
C MET A 361 -17.54 28.72 -47.99
N ASP A 362 -17.68 27.69 -48.82
CA ASP A 362 -18.29 26.43 -48.39
C ASP A 362 -17.34 25.73 -47.43
N HIS A 363 -17.91 24.98 -46.51
CA HIS A 363 -17.11 24.27 -45.52
C HIS A 363 -16.08 23.30 -46.08
N HIS A 364 -16.32 22.77 -47.27
CA HIS A 364 -15.37 21.83 -47.84
C HIS A 364 -14.08 22.52 -48.24
N SER A 365 -14.22 23.64 -48.93
CA SER A 365 -13.07 24.42 -49.36
C SER A 365 -12.34 24.96 -48.15
N ALA A 366 -13.11 25.36 -47.15
CA ALA A 366 -12.57 25.89 -45.92
C ALA A 366 -11.67 24.86 -45.25
N ALA A 367 -12.21 23.65 -45.09
CA ALA A 367 -11.49 22.56 -44.45
C ALA A 367 -10.18 22.24 -45.17
N GLU A 368 -10.25 22.16 -46.49
CA GLU A 368 -9.06 21.85 -47.27
C GLU A 368 -8.00 22.93 -47.08
N SER A 369 -8.45 24.18 -47.08
CA SER A 369 -7.53 25.31 -46.91
C SER A 369 -6.87 25.21 -45.55
N PHE A 370 -7.64 24.79 -44.56
CA PHE A 370 -7.09 24.68 -43.22
C PHE A 370 -5.99 23.65 -43.17
N MET A 371 -6.22 22.47 -43.74
CA MET A 371 -5.21 21.41 -43.75
C MET A 371 -3.90 21.93 -44.29
N LYS A 372 -4.00 22.74 -45.34
CA LYS A 372 -2.82 23.34 -45.97
C LYS A 372 -2.14 24.23 -44.95
N TYR A 373 -2.91 25.14 -44.37
CA TYR A 373 -2.40 26.07 -43.35
C TYR A 373 -1.73 25.33 -42.21
N MET A 374 -2.39 24.28 -41.74
CA MET A 374 -1.87 23.51 -40.62
C MET A 374 -0.50 22.94 -40.94
N GLN A 375 -0.37 22.35 -42.12
CA GLN A 375 0.90 21.77 -42.52
C GLN A 375 1.99 22.84 -42.51
N ASN A 376 1.65 24.03 -43.01
CA ASN A 376 2.58 25.15 -43.06
C ASN A 376 3.03 25.55 -41.67
N GLU A 377 2.08 25.53 -40.73
CA GLU A 377 2.36 25.90 -39.35
C GLU A 377 3.43 25.01 -38.75
N TYR A 378 3.37 23.71 -39.06
CA TYR A 378 4.32 22.78 -38.53
C TYR A 378 5.72 22.91 -39.12
N ARG A 379 5.83 23.69 -40.20
CA ARG A 379 7.13 23.92 -40.82
C ARG A 379 7.66 25.20 -40.21
N SER A 380 6.80 26.21 -40.19
CA SER A 380 7.14 27.52 -39.66
C SER A 380 7.52 27.48 -38.20
N ARG A 381 6.62 26.97 -37.36
CA ARG A 381 6.88 26.92 -35.94
C ARG A 381 6.65 25.58 -35.24
N GLY A 382 6.60 24.50 -36.02
CA GLY A 382 6.39 23.18 -35.44
C GLY A 382 5.22 23.09 -34.48
N GLY A 383 4.11 23.71 -34.85
CA GLY A 383 2.94 23.69 -34.01
C GLY A 383 1.79 24.49 -34.57
N CYS A 384 0.59 24.15 -34.11
CA CYS A 384 -0.63 24.81 -34.55
C CYS A 384 -1.74 24.47 -33.57
N PRO A 385 -2.09 25.42 -32.67
CA PRO A 385 -3.15 25.23 -31.67
C PRO A 385 -4.47 25.04 -32.39
N ALA A 386 -5.18 23.96 -32.06
CA ALA A 386 -6.44 23.69 -32.73
C ALA A 386 -7.50 22.99 -31.87
N ASP A 387 -8.65 23.63 -31.79
CA ASP A 387 -9.78 23.09 -31.04
C ASP A 387 -10.61 22.29 -32.04
N TRP A 388 -10.39 20.98 -32.05
CA TRP A 388 -11.09 20.06 -32.95
C TRP A 388 -12.61 20.29 -32.94
N ILE A 389 -13.18 20.38 -31.73
CA ILE A 389 -14.61 20.57 -31.57
C ILE A 389 -15.20 21.74 -32.35
N TRP A 390 -14.44 22.82 -32.45
CA TRP A 390 -14.90 24.00 -33.17
C TRP A 390 -14.54 24.02 -34.64
N LEU A 391 -13.47 23.32 -35.00
CA LEU A 391 -13.01 23.30 -36.38
C LEU A 391 -13.81 22.39 -37.33
N VAL A 392 -14.34 21.29 -36.83
CA VAL A 392 -15.13 20.39 -37.67
C VAL A 392 -16.54 20.98 -37.90
N PRO A 393 -16.90 21.20 -39.16
CA PRO A 393 -18.18 21.76 -39.62
C PRO A 393 -19.40 21.05 -39.03
N PRO A 394 -20.48 21.81 -38.78
CA PRO A 394 -21.74 21.32 -38.21
C PRO A 394 -22.44 20.27 -39.04
N MET A 395 -21.97 20.05 -40.27
CA MET A 395 -22.56 19.04 -41.14
C MET A 395 -21.49 18.27 -41.91
N SER A 396 -21.75 16.99 -42.14
CA SER A 396 -20.83 16.14 -42.88
C SER A 396 -19.42 16.15 -42.31
N GLY A 397 -19.33 16.05 -40.98
CA GLY A 397 -18.04 16.06 -40.32
C GLY A 397 -16.98 15.14 -40.92
N SER A 398 -17.26 13.83 -40.93
CA SER A 398 -16.33 12.84 -41.46
C SER A 398 -15.90 13.09 -42.93
N ILE A 399 -16.70 13.86 -43.66
CA ILE A 399 -16.41 14.15 -45.06
C ILE A 399 -15.35 15.23 -45.21
N THR A 400 -14.98 15.85 -44.10
CA THR A 400 -13.96 16.89 -44.12
C THR A 400 -12.69 16.30 -43.50
N PRO A 401 -11.53 16.61 -44.09
CA PRO A 401 -10.23 16.13 -43.62
C PRO A 401 -9.91 16.44 -42.16
N VAL A 402 -10.37 17.60 -41.69
CA VAL A 402 -10.12 17.99 -40.31
C VAL A 402 -10.68 17.00 -39.30
N PHE A 403 -11.79 16.36 -39.67
CA PHE A 403 -12.40 15.39 -38.79
C PHE A 403 -11.41 14.29 -38.42
N HIS A 404 -10.59 13.90 -39.39
CA HIS A 404 -9.62 12.84 -39.18
C HIS A 404 -8.28 13.29 -38.63
N GLN A 405 -8.09 14.60 -38.55
CA GLN A 405 -6.84 15.14 -38.05
C GLN A 405 -6.78 15.23 -36.52
N GLU A 406 -5.77 14.62 -35.93
CA GLU A 406 -5.59 14.71 -34.48
C GLU A 406 -5.01 16.11 -34.26
N MET A 407 -5.46 16.80 -33.23
CA MET A 407 -4.96 18.13 -32.97
C MET A 407 -4.86 18.50 -31.50
N LEU A 408 -3.89 19.35 -31.21
CA LEU A 408 -3.62 19.82 -29.86
C LEU A 408 -4.12 21.24 -29.66
N ASN A 409 -4.78 21.46 -28.53
CA ASN A 409 -5.32 22.77 -28.22
C ASN A 409 -4.53 23.41 -27.08
N TYR A 410 -4.07 24.64 -27.31
CA TYR A 410 -3.30 25.37 -26.31
C TYR A 410 -3.26 26.87 -26.53
N VAL A 411 -3.15 27.61 -25.43
CA VAL A 411 -3.13 29.07 -25.46
C VAL A 411 -1.73 29.68 -25.56
N LEU A 412 -1.56 30.55 -26.55
CA LEU A 412 -0.27 31.22 -26.76
C LEU A 412 -0.46 32.72 -26.53
N SER A 413 0.46 33.51 -27.08
CA SER A 413 0.37 34.96 -26.97
C SER A 413 1.11 35.59 -28.14
N PRO A 414 0.51 36.60 -28.79
CA PRO A 414 -0.80 37.23 -28.54
C PRO A 414 -1.97 36.25 -28.63
N PHE A 415 -3.14 36.67 -28.17
CA PHE A 415 -4.29 35.78 -28.17
C PHE A 415 -5.61 36.54 -28.03
N TYR A 416 -6.68 35.94 -28.53
CA TYR A 416 -8.00 36.56 -28.43
C TYR A 416 -8.84 35.83 -27.38
N TYR A 417 -8.99 36.46 -26.21
CA TYR A 417 -9.76 35.89 -25.12
C TYR A 417 -11.20 36.37 -25.10
N TYR A 418 -12.08 35.53 -24.56
CA TYR A 418 -13.47 35.89 -24.43
C TYR A 418 -13.50 36.81 -23.21
N GLN A 419 -14.50 37.66 -23.12
CA GLN A 419 -14.63 38.55 -21.97
C GLN A 419 -15.98 38.30 -21.31
N VAL A 420 -16.17 38.85 -20.13
CA VAL A 420 -17.46 38.70 -19.45
C VAL A 420 -18.31 39.83 -20.03
N GLU A 421 -19.54 39.47 -20.42
CA GLU A 421 -20.47 40.43 -21.00
C GLU A 421 -20.51 41.71 -20.17
N ALA A 422 -20.14 42.80 -20.81
CA ALA A 422 -20.08 44.11 -20.16
C ALA A 422 -21.22 44.45 -19.20
N TRP A 423 -22.45 44.27 -19.64
CA TRP A 423 -23.60 44.60 -18.80
C TRP A 423 -23.65 43.85 -17.48
N LYS A 424 -23.00 42.68 -17.43
CA LYS A 424 -22.97 41.88 -16.22
C LYS A 424 -22.01 42.40 -15.13
N THR A 425 -21.05 43.23 -15.51
CA THR A 425 -20.08 43.75 -14.53
C THR A 425 -20.03 45.27 -14.44
N HIS A 426 -20.26 45.94 -15.55
CA HIS A 426 -20.22 47.40 -15.58
C HIS A 426 -21.04 48.07 -14.49
N VAL A 427 -20.47 49.13 -13.90
CA VAL A 427 -21.13 49.89 -12.84
C VAL A 427 -21.70 51.18 -13.43
N TRP A 428 -23.01 51.31 -13.34
CA TRP A 428 -23.72 52.47 -13.88
C TRP A 428 -23.51 53.80 -13.18
N GLN A 429 -23.57 54.87 -13.96
CA GLN A 429 -23.42 56.23 -13.45
C GLN A 429 -24.78 56.92 -13.37
N ARG B 10 -18.22 18.55 -4.65
CA ARG B 10 -18.13 19.68 -5.63
C ARG B 10 -19.02 19.37 -6.82
N HIS B 11 -19.71 20.40 -7.30
CA HIS B 11 -20.63 20.27 -8.43
C HIS B 11 -20.13 21.03 -9.66
N VAL B 12 -20.11 20.37 -10.81
CA VAL B 12 -19.68 21.02 -12.05
C VAL B 12 -20.89 21.16 -12.99
N ARG B 13 -21.19 22.40 -13.36
CA ARG B 13 -22.33 22.74 -14.19
C ARG B 13 -22.13 22.57 -15.70
N ILE B 14 -23.05 21.86 -16.34
CA ILE B 14 -23.01 21.65 -17.78
C ILE B 14 -24.38 21.98 -18.38
N LYS B 15 -24.38 22.61 -19.54
CA LYS B 15 -25.62 23.04 -20.20
C LYS B 15 -25.81 22.48 -21.59
N ASN B 16 -27.08 22.28 -21.97
CA ASN B 16 -27.43 21.81 -23.30
C ASN B 16 -28.01 23.03 -23.96
N TRP B 17 -27.18 23.74 -24.72
CA TRP B 17 -27.59 24.96 -25.39
C TRP B 17 -28.82 24.85 -26.29
N GLY B 18 -29.16 23.65 -26.69
CA GLY B 18 -30.33 23.47 -27.54
C GLY B 18 -31.62 23.59 -26.76
N SER B 19 -31.68 22.87 -25.64
CA SER B 19 -32.87 22.85 -24.79
C SER B 19 -32.75 23.80 -23.61
N GLY B 20 -31.53 24.25 -23.34
CA GLY B 20 -31.30 25.12 -22.20
C GLY B 20 -31.18 24.33 -20.89
N MET B 21 -31.51 23.03 -20.94
CA MET B 21 -31.45 22.17 -19.76
C MET B 21 -30.04 22.05 -19.20
N THR B 22 -29.93 22.29 -17.90
CA THR B 22 -28.64 22.24 -17.23
C THR B 22 -28.52 21.07 -16.23
N PHE B 23 -27.34 20.47 -16.17
CA PHE B 23 -27.06 19.34 -15.27
C PHE B 23 -25.97 19.74 -14.28
N GLN B 24 -25.91 19.02 -13.16
CA GLN B 24 -24.88 19.26 -12.14
C GLN B 24 -24.14 17.94 -11.91
N ASP B 25 -22.93 17.84 -12.46
CA ASP B 25 -22.14 16.62 -12.35
C ASP B 25 -21.37 16.51 -11.05
N THR B 26 -21.52 15.36 -10.39
CA THR B 26 -20.86 15.07 -9.12
C THR B 26 -20.07 13.78 -9.26
N LEU B 27 -20.49 12.94 -10.21
CA LEU B 27 -19.86 11.65 -10.46
C LEU B 27 -18.40 11.73 -10.87
N HIS B 28 -17.94 12.92 -11.30
CA HIS B 28 -16.55 13.10 -11.72
C HIS B 28 -15.55 12.91 -10.60
N HIS B 29 -16.03 12.93 -9.35
CA HIS B 29 -15.17 12.74 -8.19
C HIS B 29 -14.76 11.29 -8.05
N LYS B 30 -15.71 10.39 -8.29
CA LYS B 30 -15.46 8.95 -8.21
C LYS B 30 -14.48 8.51 -9.32
N ALA B 31 -14.16 9.44 -10.22
CA ALA B 31 -13.26 9.17 -11.33
C ALA B 31 -11.79 9.26 -10.98
N LYS B 32 -11.05 8.23 -11.38
CA LYS B 32 -9.60 8.17 -11.16
C LYS B 32 -8.90 9.18 -12.07
N GLY B 33 -7.99 9.96 -11.48
CA GLY B 33 -7.28 10.99 -12.24
C GLY B 33 -6.16 10.52 -13.16
N ILE B 34 -6.51 9.67 -14.12
CA ILE B 34 -5.55 9.14 -15.10
C ILE B 34 -5.91 9.60 -16.51
N LEU B 35 -5.38 10.76 -16.90
CA LEU B 35 -5.65 11.28 -18.24
C LEU B 35 -4.40 11.79 -18.99
N THR B 36 -4.42 11.64 -20.33
CA THR B 36 -3.33 12.07 -21.21
C THR B 36 -3.34 13.62 -21.37
N CYS B 37 -4.48 14.24 -21.05
CA CYS B 37 -4.62 15.71 -21.11
C CYS B 37 -4.31 16.39 -19.76
N ARG B 38 -4.33 17.72 -19.73
CA ARG B 38 -4.02 18.44 -18.49
C ARG B 38 -4.44 19.90 -18.43
N SER B 39 -3.95 20.58 -17.38
CA SER B 39 -4.21 22.01 -17.15
C SER B 39 -3.12 22.86 -17.82
N LYS B 40 -2.75 22.46 -19.04
CA LYS B 40 -1.73 23.15 -19.85
C LYS B 40 -1.77 22.76 -21.34
N SER B 41 -2.58 21.75 -21.68
CA SER B 41 -2.76 21.24 -23.05
C SER B 41 -3.72 20.03 -23.09
N CYS B 42 -5.01 20.23 -23.36
CA CYS B 42 -5.91 19.08 -23.42
C CYS B 42 -5.67 18.23 -24.64
N LEU B 43 -5.26 17.00 -24.38
CA LEU B 43 -5.01 15.98 -25.38
C LEU B 43 -6.35 15.41 -25.85
N GLY B 44 -7.30 16.31 -26.04
CA GLY B 44 -8.61 15.95 -26.52
C GLY B 44 -8.50 16.06 -28.02
N SER B 45 -8.76 14.94 -28.68
CA SER B 45 -8.70 14.77 -30.14
C SER B 45 -7.81 13.60 -30.50
N ILE B 46 -7.31 12.91 -29.48
CA ILE B 46 -6.44 11.79 -29.73
C ILE B 46 -7.27 10.53 -29.91
N MET B 47 -6.98 9.82 -30.99
CA MET B 47 -7.67 8.59 -31.33
C MET B 47 -7.59 7.59 -30.18
N THR B 48 -6.36 7.33 -29.73
CA THR B 48 -6.13 6.38 -28.65
C THR B 48 -5.08 6.88 -27.67
N PRO B 49 -5.51 7.69 -26.69
CA PRO B 49 -4.63 8.24 -25.65
C PRO B 49 -4.06 7.13 -24.81
N LYS B 50 -2.90 7.37 -24.21
CA LYS B 50 -2.29 6.37 -23.38
C LYS B 50 -3.16 6.12 -22.15
N SER B 51 -3.89 7.16 -21.74
CA SER B 51 -4.77 7.07 -20.58
C SER B 51 -5.91 6.09 -20.75
N LEU B 52 -6.35 5.89 -21.98
CA LEU B 52 -7.43 4.96 -22.28
C LEU B 52 -6.91 3.57 -22.59
N THR B 53 -5.59 3.44 -22.62
CA THR B 53 -4.95 2.16 -22.90
C THR B 53 -4.54 1.47 -21.62
N ARG B 54 -4.59 0.14 -21.65
CA ARG B 54 -4.21 -0.68 -20.52
C ARG B 54 -3.27 -1.76 -21.07
N GLY B 55 -1.98 -1.40 -21.13
CA GLY B 55 -0.96 -2.29 -21.67
C GLY B 55 -0.82 -3.65 -21.02
N PRO B 56 0.18 -4.43 -21.47
CA PRO B 56 0.45 -5.77 -20.94
C PRO B 56 1.36 -5.73 -19.71
N ARG B 57 1.49 -6.87 -19.06
CA ARG B 57 2.32 -7.00 -17.87
C ARG B 57 3.02 -8.35 -17.91
N ASP B 58 4.04 -8.49 -17.08
CA ASP B 58 4.82 -9.72 -17.00
C ASP B 58 4.83 -10.25 -15.57
N LYS B 59 4.25 -9.47 -14.67
CA LYS B 59 4.17 -9.82 -13.25
C LYS B 59 2.73 -9.64 -12.82
N PRO B 60 2.20 -10.56 -12.01
CA PRO B 60 0.82 -10.45 -11.53
C PRO B 60 0.60 -9.10 -10.85
N THR B 61 -0.67 -8.69 -10.76
CA THR B 61 -1.01 -7.43 -10.10
C THR B 61 -0.72 -7.58 -8.60
N PRO B 62 0.15 -6.70 -8.05
CA PRO B 62 0.54 -6.69 -6.64
C PRO B 62 -0.67 -6.73 -5.71
N PRO B 63 -0.79 -7.80 -4.90
CA PRO B 63 -1.88 -8.01 -3.95
C PRO B 63 -2.25 -6.80 -3.12
N ASP B 64 -1.24 -6.06 -2.66
CA ASP B 64 -1.49 -4.90 -1.83
C ASP B 64 -2.26 -3.80 -2.53
N GLU B 65 -1.98 -3.58 -3.81
CA GLU B 65 -2.67 -2.54 -4.56
C GLU B 65 -3.95 -3.06 -5.20
N LEU B 66 -4.06 -4.38 -5.32
CA LEU B 66 -5.25 -5.01 -5.89
C LEU B 66 -6.41 -4.99 -4.89
N LEU B 67 -6.08 -5.11 -3.61
CA LEU B 67 -7.07 -5.13 -2.54
C LEU B 67 -8.01 -3.92 -2.47
N PRO B 68 -7.47 -2.69 -2.41
CA PRO B 68 -8.31 -1.50 -2.32
C PRO B 68 -9.37 -1.46 -3.42
N GLN B 69 -8.93 -1.79 -4.63
CA GLN B 69 -9.77 -1.81 -5.82
C GLN B 69 -10.83 -2.89 -5.70
N ALA B 70 -10.41 -4.05 -5.19
CA ALA B 70 -11.30 -5.18 -5.03
C ALA B 70 -12.45 -4.83 -4.10
N ILE B 71 -12.10 -4.27 -2.95
CA ILE B 71 -13.11 -3.88 -1.96
C ILE B 71 -14.03 -2.85 -2.58
N GLU B 72 -13.40 -1.85 -3.20
CA GLU B 72 -14.09 -0.75 -3.86
C GLU B 72 -15.21 -1.28 -4.75
N PHE B 73 -14.88 -2.28 -5.57
CA PHE B 73 -15.83 -2.88 -6.47
C PHE B 73 -16.99 -3.53 -5.72
N VAL B 74 -16.65 -4.43 -4.81
CA VAL B 74 -17.66 -5.16 -4.03
C VAL B 74 -18.68 -4.23 -3.41
N ASN B 75 -18.22 -3.08 -2.95
CA ASN B 75 -19.10 -2.09 -2.36
C ASN B 75 -20.03 -1.58 -3.44
N GLN B 76 -19.46 -1.24 -4.59
CA GLN B 76 -20.23 -0.73 -5.72
C GLN B 76 -21.28 -1.76 -6.12
N TYR B 77 -20.86 -3.01 -6.15
CA TYR B 77 -21.76 -4.09 -6.52
C TYR B 77 -22.95 -4.19 -5.58
N TYR B 78 -22.67 -4.25 -4.27
CA TYR B 78 -23.75 -4.36 -3.30
C TYR B 78 -24.53 -3.07 -3.18
N GLY B 79 -23.90 -1.97 -3.59
CA GLY B 79 -24.53 -0.66 -3.54
C GLY B 79 -25.60 -0.55 -4.62
N SER B 80 -25.53 -1.43 -5.61
CA SER B 80 -26.50 -1.42 -6.70
C SER B 80 -27.88 -1.93 -6.29
N PHE B 81 -27.90 -2.91 -5.39
CA PHE B 81 -29.17 -3.49 -4.93
C PHE B 81 -30.06 -2.54 -4.18
N LYS B 82 -31.35 -2.73 -4.36
CA LYS B 82 -32.37 -1.91 -3.71
C LYS B 82 -32.24 -2.04 -2.20
N GLU B 83 -32.56 -3.22 -1.68
CA GLU B 83 -32.44 -3.49 -0.25
C GLU B 83 -31.06 -4.07 0.04
N ALA B 84 -30.33 -3.39 0.92
CA ALA B 84 -28.98 -3.80 1.29
C ALA B 84 -28.91 -5.21 1.86
N LYS B 85 -27.91 -5.97 1.41
CA LYS B 85 -27.70 -7.33 1.88
C LYS B 85 -26.51 -7.24 2.83
N ILE B 86 -26.71 -6.57 3.96
CA ILE B 86 -25.65 -6.38 4.95
C ILE B 86 -24.90 -7.68 5.25
N GLU B 87 -25.67 -8.74 5.37
CA GLU B 87 -25.12 -10.06 5.65
C GLU B 87 -24.12 -10.48 4.57
N GLU B 88 -24.64 -10.76 3.37
CA GLU B 88 -23.83 -11.19 2.23
C GLU B 88 -22.70 -10.24 1.89
N HIS B 89 -22.96 -8.95 2.06
CA HIS B 89 -21.98 -7.91 1.77
C HIS B 89 -20.71 -8.17 2.58
N LEU B 90 -20.86 -8.13 3.90
CA LEU B 90 -19.75 -8.37 4.82
C LEU B 90 -19.08 -9.70 4.50
N ALA B 91 -19.89 -10.71 4.26
CA ALA B 91 -19.41 -12.05 3.95
C ALA B 91 -18.50 -12.04 2.73
N ARG B 92 -18.94 -11.34 1.69
CA ARG B 92 -18.19 -11.26 0.46
C ARG B 92 -16.86 -10.56 0.67
N VAL B 93 -16.92 -9.38 1.30
CA VAL B 93 -15.72 -8.60 1.57
C VAL B 93 -14.65 -9.43 2.27
N GLU B 94 -15.09 -10.27 3.20
CA GLU B 94 -14.19 -11.15 3.95
C GLU B 94 -13.55 -12.15 3.00
N ALA B 95 -14.41 -12.93 2.34
CA ALA B 95 -14.00 -13.96 1.41
C ALA B 95 -12.99 -13.46 0.40
N VAL B 96 -13.23 -12.27 -0.13
CA VAL B 96 -12.34 -11.66 -1.12
C VAL B 96 -10.97 -11.36 -0.54
N THR B 97 -10.96 -10.64 0.57
CA THR B 97 -9.71 -10.26 1.24
C THR B 97 -8.87 -11.51 1.49
N LYS B 98 -9.50 -12.52 2.08
CA LYS B 98 -8.85 -13.79 2.36
C LYS B 98 -8.20 -14.30 1.08
N GLU B 99 -9.02 -14.45 0.05
CA GLU B 99 -8.59 -14.95 -1.26
C GLU B 99 -7.41 -14.18 -1.87
N ILE B 100 -7.44 -12.86 -1.77
CA ILE B 100 -6.38 -12.05 -2.35
C ILE B 100 -5.03 -12.27 -1.70
N GLU B 101 -4.98 -12.32 -0.38
CA GLU B 101 -3.71 -12.52 0.31
C GLU B 101 -3.27 -13.97 0.37
N THR B 102 -4.22 -14.89 0.18
CA THR B 102 -3.89 -16.30 0.20
C THR B 102 -3.58 -16.85 -1.19
N THR B 103 -4.10 -16.20 -2.24
CA THR B 103 -3.88 -16.65 -3.62
C THR B 103 -3.23 -15.58 -4.50
N GLY B 104 -3.23 -14.34 -4.03
CA GLY B 104 -2.64 -13.27 -4.80
C GLY B 104 -3.61 -12.54 -5.71
N THR B 105 -4.79 -13.14 -5.90
CA THR B 105 -5.84 -12.57 -6.75
C THR B 105 -7.20 -13.09 -6.27
N TYR B 106 -8.23 -12.97 -7.10
CA TYR B 106 -9.57 -13.46 -6.73
C TYR B 106 -10.51 -13.66 -7.91
N GLN B 107 -11.56 -14.45 -7.68
CA GLN B 107 -12.56 -14.75 -8.69
C GLN B 107 -13.86 -13.99 -8.41
N LEU B 108 -14.56 -13.60 -9.47
CA LEU B 108 -15.83 -12.88 -9.35
C LEU B 108 -16.99 -13.83 -9.37
N THR B 109 -18.05 -13.51 -8.64
CA THR B 109 -19.22 -14.38 -8.61
C THR B 109 -19.94 -14.26 -9.94
N GLY B 110 -20.85 -15.18 -10.22
CA GLY B 110 -21.59 -15.15 -11.46
C GLY B 110 -22.25 -13.80 -11.70
N ASP B 111 -23.13 -13.42 -10.78
CA ASP B 111 -23.84 -12.16 -10.90
C ASP B 111 -22.91 -10.94 -10.84
N GLU B 112 -21.78 -11.06 -10.16
CA GLU B 112 -20.85 -9.95 -10.07
C GLU B 112 -20.30 -9.60 -11.45
N LEU B 113 -19.99 -10.64 -12.23
CA LEU B 113 -19.46 -10.46 -13.57
C LEU B 113 -20.50 -9.76 -14.43
N ILE B 114 -21.72 -10.28 -14.41
CA ILE B 114 -22.83 -9.70 -15.16
C ILE B 114 -22.93 -8.21 -14.86
N PHE B 115 -22.97 -7.87 -13.58
CA PHE B 115 -23.06 -6.47 -13.18
C PHE B 115 -21.89 -5.66 -13.74
N ALA B 116 -20.69 -6.21 -13.61
CA ALA B 116 -19.48 -5.53 -14.07
C ALA B 116 -19.47 -5.18 -15.54
N THR B 117 -19.89 -6.11 -16.37
CA THR B 117 -19.93 -5.91 -17.82
C THR B 117 -20.89 -4.79 -18.18
N LYS B 118 -22.11 -4.86 -17.64
CA LYS B 118 -23.13 -3.85 -17.89
C LYS B 118 -22.69 -2.47 -17.37
N GLN B 119 -22.00 -2.47 -16.25
CA GLN B 119 -21.53 -1.23 -15.66
C GLN B 119 -20.43 -0.60 -16.50
N ALA B 120 -19.49 -1.44 -16.95
CA ALA B 120 -18.36 -0.96 -17.75
C ALA B 120 -18.85 -0.34 -19.05
N TRP B 121 -19.94 -0.90 -19.59
CA TRP B 121 -20.56 -0.42 -20.83
C TRP B 121 -21.15 0.94 -20.49
N ARG B 122 -21.91 0.97 -19.41
CA ARG B 122 -22.54 2.19 -18.95
C ARG B 122 -21.48 3.26 -18.70
N ASN B 123 -20.26 2.82 -18.38
CA ASN B 123 -19.14 3.71 -18.11
C ASN B 123 -18.28 4.06 -19.31
N ALA B 124 -18.61 3.50 -20.47
CA ALA B 124 -17.88 3.77 -21.71
C ALA B 124 -18.36 5.11 -22.28
N PRO B 125 -17.54 6.16 -22.15
CA PRO B 125 -17.88 7.51 -22.63
C PRO B 125 -18.03 7.70 -24.13
N ARG B 126 -17.61 6.71 -24.92
CA ARG B 126 -17.69 6.81 -26.38
C ARG B 126 -18.86 6.06 -27.02
N CYS B 127 -19.57 5.27 -26.24
CA CYS B 127 -20.70 4.52 -26.77
C CYS B 127 -21.95 5.37 -26.72
N ILE B 128 -22.58 5.57 -27.88
CA ILE B 128 -23.79 6.36 -27.96
C ILE B 128 -25.05 5.53 -27.72
N GLY B 129 -24.89 4.21 -27.80
CA GLY B 129 -26.04 3.32 -27.61
C GLY B 129 -26.19 2.87 -26.18
N ARG B 130 -25.57 3.60 -25.27
CA ARG B 130 -25.60 3.28 -23.85
C ARG B 130 -26.95 3.21 -23.16
N ILE B 131 -28.03 3.58 -23.85
CA ILE B 131 -29.35 3.51 -23.25
C ILE B 131 -29.74 2.04 -23.07
N GLN B 132 -29.05 1.17 -23.81
CA GLN B 132 -29.27 -0.26 -23.79
C GLN B 132 -28.40 -0.99 -22.78
N TRP B 133 -27.64 -0.25 -21.98
CA TRP B 133 -26.71 -0.87 -21.02
C TRP B 133 -27.26 -1.99 -20.12
N SER B 134 -28.54 -1.94 -19.77
CA SER B 134 -29.12 -2.97 -18.91
C SER B 134 -29.41 -4.27 -19.68
N ASN B 135 -29.64 -4.16 -20.98
CA ASN B 135 -29.90 -5.33 -21.82
C ASN B 135 -28.62 -5.88 -22.39
N LEU B 136 -28.04 -6.87 -21.72
CA LEU B 136 -26.81 -7.48 -22.18
C LEU B 136 -26.73 -8.95 -21.78
N GLN B 137 -26.41 -9.78 -22.76
CA GLN B 137 -26.28 -11.22 -22.55
C GLN B 137 -24.82 -11.47 -22.20
N VAL B 138 -24.60 -12.16 -21.08
CA VAL B 138 -23.23 -12.45 -20.65
C VAL B 138 -22.88 -13.93 -20.73
N PHE B 139 -21.83 -14.23 -21.51
CA PHE B 139 -21.35 -15.60 -21.68
C PHE B 139 -20.09 -15.81 -20.84
N ASP B 140 -20.19 -16.62 -19.79
CA ASP B 140 -19.04 -16.88 -18.93
C ASP B 140 -18.14 -17.94 -19.54
N ALA B 141 -17.00 -17.50 -20.05
CA ALA B 141 -16.06 -18.40 -20.66
C ALA B 141 -14.73 -18.38 -19.92
N ARG B 142 -14.78 -18.13 -18.63
CA ARG B 142 -13.57 -18.09 -17.81
C ARG B 142 -13.06 -19.51 -17.59
N SER B 143 -13.93 -20.48 -17.85
CA SER B 143 -13.61 -21.89 -17.73
C SER B 143 -12.78 -22.38 -18.93
N CYS B 144 -12.88 -21.65 -20.04
CA CYS B 144 -12.18 -21.97 -21.28
C CYS B 144 -10.67 -22.14 -21.04
N SER B 145 -10.03 -22.97 -21.87
CA SER B 145 -8.59 -23.22 -21.75
C SER B 145 -7.81 -23.39 -23.06
N THR B 146 -8.51 -23.68 -24.16
CA THR B 146 -7.83 -23.84 -25.44
C THR B 146 -8.37 -22.92 -26.53
N ALA B 147 -7.51 -22.64 -27.51
CA ALA B 147 -7.87 -21.78 -28.63
C ALA B 147 -9.14 -22.26 -29.30
N ARG B 148 -9.23 -23.57 -29.54
CA ARG B 148 -10.40 -24.14 -30.17
C ARG B 148 -11.67 -23.83 -29.38
N GLU B 149 -11.59 -23.96 -28.06
CA GLU B 149 -12.74 -23.68 -27.20
C GLU B 149 -13.17 -22.24 -27.35
N MET B 150 -12.20 -21.35 -27.47
CA MET B 150 -12.49 -19.93 -27.64
C MET B 150 -13.37 -19.79 -28.87
N PHE B 151 -12.92 -20.41 -29.96
CA PHE B 151 -13.61 -20.38 -31.24
C PHE B 151 -15.06 -20.82 -31.09
N GLU B 152 -15.27 -21.92 -30.39
CA GLU B 152 -16.62 -22.45 -30.18
C GLU B 152 -17.49 -21.52 -29.37
N HIS B 153 -16.90 -20.87 -28.37
CA HIS B 153 -17.63 -19.93 -27.54
C HIS B 153 -18.07 -18.73 -28.35
N ILE B 154 -17.17 -18.29 -29.23
CA ILE B 154 -17.42 -17.14 -30.09
C ILE B 154 -18.55 -17.44 -31.08
N CYS B 155 -18.52 -18.63 -31.67
CA CYS B 155 -19.55 -19.01 -32.62
C CYS B 155 -20.90 -19.03 -31.94
N ARG B 156 -20.92 -19.42 -30.66
CA ARG B 156 -22.17 -19.44 -29.91
C ARG B 156 -22.64 -18.00 -29.74
N HIS B 157 -21.68 -17.11 -29.47
CA HIS B 157 -21.94 -15.69 -29.27
C HIS B 157 -22.59 -15.12 -30.53
N VAL B 158 -21.91 -15.31 -31.66
CA VAL B 158 -22.38 -14.80 -32.95
C VAL B 158 -23.76 -15.34 -33.31
N ARG B 159 -23.95 -16.64 -33.16
CA ARG B 159 -25.22 -17.26 -33.46
C ARG B 159 -26.31 -16.57 -32.65
N TYR B 160 -26.02 -16.36 -31.36
CA TYR B 160 -26.96 -15.71 -30.46
C TYR B 160 -27.26 -14.29 -30.88
N SER B 161 -26.23 -13.46 -30.94
CA SER B 161 -26.37 -12.05 -31.29
C SER B 161 -27.02 -11.78 -32.64
N THR B 162 -26.64 -12.56 -33.66
CA THR B 162 -27.19 -12.41 -35.00
C THR B 162 -28.70 -12.56 -34.91
N ASN B 163 -29.15 -13.59 -34.19
CA ASN B 163 -30.56 -13.85 -33.96
C ASN B 163 -31.42 -13.72 -35.21
N ASN B 164 -30.89 -14.23 -36.32
CA ASN B 164 -31.62 -14.21 -37.59
C ASN B 164 -32.07 -12.80 -37.99
N GLY B 165 -31.23 -11.81 -37.72
CA GLY B 165 -31.57 -10.45 -38.08
C GLY B 165 -31.90 -9.50 -36.94
N ASN B 166 -32.54 -10.00 -35.88
CA ASN B 166 -32.87 -9.16 -34.72
C ASN B 166 -31.69 -9.17 -33.80
N ILE B 167 -30.72 -8.33 -34.13
CA ILE B 167 -29.49 -8.23 -33.38
C ILE B 167 -29.73 -8.03 -31.89
N ARG B 168 -28.95 -8.78 -31.11
CA ARG B 168 -28.99 -8.73 -29.66
C ARG B 168 -27.58 -8.45 -29.12
N SER B 169 -27.50 -7.63 -28.08
CA SER B 169 -26.20 -7.30 -27.49
C SER B 169 -25.75 -8.43 -26.59
N ALA B 170 -24.45 -8.73 -26.63
CA ALA B 170 -23.88 -9.79 -25.80
C ALA B 170 -22.39 -9.64 -25.69
N ILE B 171 -21.81 -10.32 -24.70
CA ILE B 171 -20.38 -10.29 -24.47
C ILE B 171 -19.90 -11.64 -23.95
N THR B 172 -18.73 -12.06 -24.43
CA THR B 172 -18.15 -13.32 -24.00
C THR B 172 -16.89 -12.99 -23.23
N VAL B 173 -16.88 -13.35 -21.95
CA VAL B 173 -15.74 -13.08 -21.09
C VAL B 173 -14.80 -14.26 -20.95
N PHE B 174 -13.54 -14.04 -21.32
CA PHE B 174 -12.54 -15.08 -21.25
C PHE B 174 -11.74 -14.97 -19.96
N PRO B 175 -10.99 -16.03 -19.60
CA PRO B 175 -10.17 -16.05 -18.38
C PRO B 175 -9.42 -14.76 -18.15
N GLN B 176 -9.49 -14.27 -16.91
CA GLN B 176 -8.81 -13.05 -16.52
C GLN B 176 -7.30 -13.17 -16.60
N ARG B 177 -6.64 -12.03 -16.75
CA ARG B 177 -5.19 -12.01 -16.84
C ARG B 177 -4.64 -12.41 -15.49
N SER B 178 -3.62 -13.27 -15.51
CA SER B 178 -2.97 -13.73 -14.29
C SER B 178 -1.65 -13.00 -14.14
N ASP B 179 -0.59 -13.58 -14.70
CA ASP B 179 0.74 -12.98 -14.62
C ASP B 179 1.00 -12.04 -15.79
N GLY B 180 0.12 -12.07 -16.79
CA GLY B 180 0.29 -11.22 -17.95
C GLY B 180 1.01 -11.92 -19.08
N LYS B 181 1.28 -13.21 -18.87
CA LYS B 181 1.95 -14.03 -19.87
C LYS B 181 0.97 -15.07 -20.37
N HIS B 182 -0.08 -15.30 -19.60
CA HIS B 182 -1.09 -16.28 -19.96
C HIS B 182 -2.37 -15.53 -20.32
N ASP B 183 -2.23 -14.57 -21.21
CA ASP B 183 -3.36 -13.77 -21.66
C ASP B 183 -4.22 -14.53 -22.66
N PHE B 184 -5.53 -14.45 -22.48
CA PHE B 184 -6.47 -15.06 -23.39
C PHE B 184 -7.05 -13.89 -24.16
N ARG B 185 -6.72 -13.74 -25.43
CA ARG B 185 -7.26 -12.63 -26.19
C ARG B 185 -7.39 -12.80 -27.69
N VAL B 186 -8.36 -12.12 -28.26
CA VAL B 186 -8.60 -12.15 -29.71
C VAL B 186 -7.80 -10.99 -30.28
N TRP B 187 -7.03 -11.28 -31.31
CA TRP B 187 -6.21 -10.27 -31.94
C TRP B 187 -7.00 -9.37 -32.88
N ASN B 188 -8.10 -9.92 -33.41
CA ASN B 188 -8.96 -9.18 -34.33
C ASN B 188 -9.59 -7.99 -33.65
N ALA B 189 -9.66 -6.87 -34.37
CA ALA B 189 -10.27 -5.66 -33.84
C ALA B 189 -11.76 -5.92 -33.67
N GLN B 190 -12.33 -6.63 -34.65
CA GLN B 190 -13.73 -7.00 -34.63
C GLN B 190 -13.81 -8.47 -34.97
N LEU B 191 -14.86 -9.12 -34.48
CA LEU B 191 -15.06 -10.54 -34.76
C LEU B 191 -15.18 -10.69 -36.27
N ILE B 192 -16.08 -9.91 -36.86
CA ILE B 192 -16.28 -9.96 -38.29
C ILE B 192 -15.73 -8.70 -38.93
N ARG B 193 -14.82 -8.87 -39.89
CA ARG B 193 -14.23 -7.74 -40.58
C ARG B 193 -13.66 -8.15 -41.94
N TYR B 194 -13.77 -7.26 -42.92
CA TYR B 194 -13.28 -7.55 -44.28
C TYR B 194 -11.78 -7.41 -44.45
N ALA B 195 -11.26 -8.14 -45.43
CA ALA B 195 -9.83 -8.12 -45.72
C ALA B 195 -9.41 -6.92 -46.53
N GLY B 196 -8.14 -6.59 -46.43
CA GLY B 196 -7.60 -5.48 -47.17
C GLY B 196 -6.28 -5.95 -47.75
N TYR B 197 -6.18 -5.94 -49.08
CA TYR B 197 -4.96 -6.40 -49.75
C TYR B 197 -4.28 -5.27 -50.53
N GLN B 198 -2.96 -5.24 -50.46
CA GLN B 198 -2.24 -4.22 -51.22
C GLN B 198 -1.85 -4.85 -52.55
N MET B 199 -2.52 -4.42 -53.61
CA MET B 199 -2.28 -4.97 -54.94
C MET B 199 -0.93 -4.60 -55.53
N PRO B 200 -0.45 -5.39 -56.50
CA PRO B 200 0.83 -5.18 -57.19
C PRO B 200 1.02 -3.79 -57.78
N ASP B 201 -0.04 -3.22 -58.34
CA ASP B 201 0.05 -1.89 -58.94
C ASP B 201 0.08 -0.81 -57.85
N GLY B 202 0.12 -1.24 -56.60
CA GLY B 202 0.15 -0.30 -55.50
C GLY B 202 -1.22 0.01 -54.94
N SER B 203 -2.27 -0.17 -55.75
CA SER B 203 -3.63 0.12 -55.29
C SER B 203 -4.04 -0.83 -54.17
N ILE B 204 -5.19 -0.57 -53.56
CA ILE B 204 -5.67 -1.41 -52.47
C ILE B 204 -7.08 -1.92 -52.71
N ARG B 205 -7.25 -3.21 -52.53
CA ARG B 205 -8.54 -3.87 -52.72
C ARG B 205 -9.12 -4.27 -51.39
N GLY B 206 -10.37 -3.92 -51.14
CA GLY B 206 -11.00 -4.27 -49.88
C GLY B 206 -10.99 -3.14 -48.86
N ASP B 207 -10.91 -3.50 -47.58
CA ASP B 207 -10.89 -2.53 -46.49
C ASP B 207 -9.44 -2.14 -46.18
N PRO B 208 -9.03 -0.94 -46.62
CA PRO B 208 -7.67 -0.41 -46.43
C PRO B 208 -7.19 -0.40 -44.98
N ALA B 209 -8.12 -0.16 -44.07
CA ALA B 209 -7.81 -0.11 -42.65
C ALA B 209 -7.39 -1.47 -42.10
N ASN B 210 -7.76 -2.54 -42.78
CA ASN B 210 -7.43 -3.87 -42.31
C ASN B 210 -6.29 -4.55 -43.05
N VAL B 211 -5.49 -3.74 -43.76
CA VAL B 211 -4.36 -4.26 -44.51
C VAL B 211 -3.30 -4.93 -43.66
N GLU B 212 -2.81 -4.22 -42.66
CA GLU B 212 -1.78 -4.75 -41.79
C GLU B 212 -2.23 -6.07 -41.16
N PHE B 213 -3.43 -6.08 -40.61
CA PHE B 213 -3.94 -7.27 -39.99
C PHE B 213 -4.06 -8.45 -40.96
N THR B 214 -4.58 -8.20 -42.16
CA THR B 214 -4.74 -9.28 -43.13
C THR B 214 -3.37 -9.83 -43.47
N GLN B 215 -2.40 -8.93 -43.62
CA GLN B 215 -1.04 -9.33 -43.94
C GLN B 215 -0.58 -10.33 -42.90
N LEU B 216 -0.95 -10.08 -41.65
CA LEU B 216 -0.59 -10.96 -40.56
C LEU B 216 -1.20 -12.33 -40.82
N CYS B 217 -2.51 -12.35 -41.08
CA CYS B 217 -3.21 -13.61 -41.33
C CYS B 217 -2.54 -14.42 -42.43
N ILE B 218 -2.07 -13.72 -43.45
CA ILE B 218 -1.39 -14.35 -44.56
C ILE B 218 -0.12 -15.00 -44.03
N ASP B 219 0.66 -14.24 -43.26
CA ASP B 219 1.89 -14.74 -42.67
C ASP B 219 1.65 -15.97 -41.81
N LEU B 220 0.47 -16.03 -41.21
CA LEU B 220 0.11 -17.15 -40.35
C LEU B 220 -0.46 -18.33 -41.12
N GLY B 221 -0.46 -18.24 -42.45
CA GLY B 221 -0.94 -19.34 -43.26
C GLY B 221 -2.22 -19.17 -44.03
N TRP B 222 -3.05 -18.20 -43.66
CA TRP B 222 -4.31 -17.97 -44.37
C TRP B 222 -4.03 -17.56 -45.80
N LYS B 223 -4.73 -18.19 -46.76
CA LYS B 223 -4.51 -17.83 -48.15
C LYS B 223 -5.52 -16.78 -48.62
N PRO B 224 -5.01 -15.64 -49.11
CA PRO B 224 -5.79 -14.50 -49.61
C PRO B 224 -6.70 -14.84 -50.77
N LYS B 225 -7.94 -14.37 -50.70
CA LYS B 225 -8.92 -14.64 -51.75
C LYS B 225 -9.03 -13.45 -52.70
N TYR B 226 -8.26 -12.40 -52.40
CA TYR B 226 -8.21 -11.16 -53.18
C TYR B 226 -9.54 -10.62 -53.68
N GLY B 227 -10.47 -10.45 -52.76
CA GLY B 227 -11.78 -9.93 -53.09
C GLY B 227 -12.08 -8.73 -52.22
N ARG B 228 -13.01 -7.91 -52.67
CA ARG B 228 -13.37 -6.70 -51.93
C ARG B 228 -14.01 -6.96 -50.57
N PHE B 229 -14.78 -8.04 -50.45
CA PHE B 229 -15.45 -8.32 -49.18
C PHE B 229 -15.14 -9.70 -48.64
N ASP B 230 -13.88 -9.91 -48.32
CA ASP B 230 -13.45 -11.20 -47.80
C ASP B 230 -13.31 -11.18 -46.29
N VAL B 231 -14.12 -12.00 -45.62
CA VAL B 231 -14.08 -12.06 -44.17
C VAL B 231 -12.81 -12.76 -43.69
N VAL B 232 -12.01 -12.06 -42.91
CA VAL B 232 -10.77 -12.60 -42.37
C VAL B 232 -11.03 -13.72 -41.36
N PRO B 233 -10.00 -14.55 -41.09
CA PRO B 233 -10.15 -15.64 -40.13
C PRO B 233 -10.02 -15.09 -38.71
N LEU B 234 -10.35 -15.93 -37.74
CA LEU B 234 -10.26 -15.55 -36.34
C LEU B 234 -8.87 -15.90 -35.81
N VAL B 235 -8.14 -14.90 -35.32
CA VAL B 235 -6.80 -15.12 -34.76
C VAL B 235 -6.93 -15.22 -33.23
N LEU B 236 -7.01 -16.45 -32.74
CA LEU B 236 -7.19 -16.71 -31.32
C LEU B 236 -5.94 -17.09 -30.51
N GLN B 237 -5.73 -16.39 -29.41
CA GLN B 237 -4.60 -16.63 -28.51
C GLN B 237 -5.10 -17.15 -27.16
N ALA B 238 -4.65 -18.35 -26.80
CA ALA B 238 -5.05 -18.97 -25.53
C ALA B 238 -3.84 -19.15 -24.61
N ASN B 239 -4.01 -18.79 -23.35
CA ASN B 239 -2.96 -18.94 -22.35
C ASN B 239 -1.63 -18.26 -22.68
N GLY B 240 -1.68 -17.26 -23.54
CA GLY B 240 -0.45 -16.58 -23.93
C GLY B 240 0.28 -17.31 -25.03
N ARG B 241 -0.19 -18.50 -25.37
CA ARG B 241 0.41 -19.30 -26.45
C ARG B 241 0.26 -18.59 -27.79
N ASP B 242 0.98 -19.06 -28.81
CA ASP B 242 0.88 -18.47 -30.14
C ASP B 242 -0.57 -18.65 -30.61
N PRO B 243 -1.08 -17.72 -31.43
CA PRO B 243 -2.45 -17.77 -31.93
C PRO B 243 -2.70 -18.80 -33.04
N GLU B 244 -3.96 -19.16 -33.22
CA GLU B 244 -4.35 -20.12 -34.24
C GLU B 244 -5.53 -19.59 -35.01
N LEU B 245 -5.54 -19.84 -36.32
CA LEU B 245 -6.60 -19.35 -37.17
C LEU B 245 -7.81 -20.27 -37.18
N PHE B 246 -8.99 -19.67 -37.26
CA PHE B 246 -10.25 -20.40 -37.31
C PHE B 246 -11.21 -19.64 -38.20
N GLU B 247 -11.53 -20.19 -39.37
CA GLU B 247 -12.46 -19.52 -40.25
C GLU B 247 -13.87 -19.60 -39.68
N ILE B 248 -14.55 -18.46 -39.67
CA ILE B 248 -15.91 -18.43 -39.15
C ILE B 248 -16.86 -19.02 -40.19
N PRO B 249 -17.69 -20.00 -39.78
CA PRO B 249 -18.64 -20.62 -40.70
C PRO B 249 -19.50 -19.51 -41.29
N PRO B 250 -19.40 -19.31 -42.61
CA PRO B 250 -20.14 -18.29 -43.35
C PRO B 250 -21.65 -18.23 -43.07
N ASP B 251 -22.22 -19.35 -42.60
CA ASP B 251 -23.65 -19.39 -42.29
C ASP B 251 -23.94 -18.42 -41.16
N LEU B 252 -22.95 -18.26 -40.29
CA LEU B 252 -23.04 -17.38 -39.13
C LEU B 252 -22.75 -15.91 -39.47
N VAL B 253 -22.21 -15.66 -40.65
CA VAL B 253 -21.91 -14.30 -41.07
C VAL B 253 -23.06 -13.71 -41.89
N LEU B 254 -23.93 -12.97 -41.21
CA LEU B 254 -25.06 -12.36 -41.88
C LEU B 254 -24.65 -11.04 -42.51
N GLU B 255 -24.88 -10.91 -43.81
CA GLU B 255 -24.54 -9.69 -44.54
C GLU B 255 -25.79 -9.03 -45.13
N VAL B 256 -25.63 -7.78 -45.56
CA VAL B 256 -26.72 -7.03 -46.17
C VAL B 256 -26.25 -6.41 -47.49
N ALA B 257 -26.94 -6.74 -48.57
CA ALA B 257 -26.60 -6.20 -49.89
C ALA B 257 -27.13 -4.78 -49.97
N MET B 258 -26.28 -3.89 -50.46
CA MET B 258 -26.63 -2.49 -50.58
C MET B 258 -27.35 -2.13 -51.86
N GLU B 259 -28.50 -1.48 -51.69
CA GLU B 259 -29.31 -1.02 -52.80
C GLU B 259 -30.16 0.19 -52.37
N HIS B 260 -30.21 1.19 -53.24
CA HIS B 260 -30.96 2.41 -52.96
C HIS B 260 -32.41 2.25 -53.44
N PRO B 261 -33.38 2.79 -52.68
CA PRO B 261 -34.80 2.71 -53.03
C PRO B 261 -35.15 3.33 -54.37
N LYS B 262 -34.58 4.50 -54.66
CA LYS B 262 -34.84 5.17 -55.93
C LYS B 262 -33.82 4.81 -57.02
N TYR B 263 -32.54 4.97 -56.72
CA TYR B 263 -31.47 4.69 -57.67
C TYR B 263 -31.15 3.20 -57.86
N GLU B 264 -31.62 2.65 -58.97
CA GLU B 264 -31.40 1.24 -59.27
C GLU B 264 -29.95 0.96 -59.63
N TRP B 265 -29.23 1.99 -60.06
CA TRP B 265 -27.84 1.82 -60.41
C TRP B 265 -26.98 1.53 -59.19
N PHE B 266 -27.55 1.76 -58.01
CA PHE B 266 -26.82 1.53 -56.77
C PHE B 266 -26.40 0.07 -56.64
N ARG B 267 -27.30 -0.83 -57.05
CA ARG B 267 -27.01 -2.25 -56.99
C ARG B 267 -25.74 -2.55 -57.77
N GLU B 268 -25.50 -1.77 -58.83
CA GLU B 268 -24.33 -1.92 -59.69
C GLU B 268 -23.01 -1.72 -58.96
N LEU B 269 -23.03 -0.91 -57.89
CA LEU B 269 -21.83 -0.68 -57.12
C LEU B 269 -21.45 -1.98 -56.43
N GLU B 270 -22.46 -2.83 -56.25
CA GLU B 270 -22.30 -4.15 -55.64
C GLU B 270 -21.67 -4.05 -54.26
N LEU B 271 -22.33 -3.33 -53.36
CA LEU B 271 -21.81 -3.17 -52.03
C LEU B 271 -22.62 -4.00 -51.04
N LYS B 272 -22.01 -4.29 -49.90
CA LYS B 272 -22.66 -5.04 -48.84
C LYS B 272 -21.88 -4.79 -47.56
N TRP B 273 -22.38 -5.31 -46.45
CA TRP B 273 -21.69 -5.15 -45.17
C TRP B 273 -22.25 -6.13 -44.14
N TYR B 274 -21.42 -6.49 -43.17
CA TYR B 274 -21.85 -7.42 -42.12
C TYR B 274 -22.85 -6.74 -41.19
N ALA B 275 -23.73 -7.53 -40.58
CA ALA B 275 -24.74 -6.98 -39.69
C ALA B 275 -24.29 -6.83 -38.24
N LEU B 276 -23.26 -7.58 -37.88
CA LEU B 276 -22.77 -7.59 -36.51
C LEU B 276 -21.50 -6.82 -36.16
N PRO B 277 -21.66 -5.68 -35.45
CA PRO B 277 -20.51 -4.88 -35.05
C PRO B 277 -20.04 -5.44 -33.71
N ALA B 278 -18.84 -6.01 -33.68
CA ALA B 278 -18.33 -6.59 -32.45
C ALA B 278 -16.88 -6.28 -32.16
N VAL B 279 -16.63 -5.55 -31.07
CA VAL B 279 -15.27 -5.20 -30.64
C VAL B 279 -14.69 -6.36 -29.83
N ALA B 280 -13.56 -6.89 -30.29
CA ALA B 280 -12.91 -8.00 -29.62
C ALA B 280 -11.60 -7.66 -28.92
N ASN B 281 -10.82 -6.79 -29.57
CA ASN B 281 -9.51 -6.36 -29.08
C ASN B 281 -9.44 -5.49 -27.80
N MET B 282 -10.55 -5.37 -27.07
CA MET B 282 -10.52 -4.54 -25.86
C MET B 282 -10.40 -5.30 -24.55
N LEU B 283 -10.01 -4.58 -23.51
CA LEU B 283 -9.81 -5.13 -22.18
C LEU B 283 -10.81 -4.59 -21.16
N LEU B 284 -11.30 -5.50 -20.33
CA LEU B 284 -12.25 -5.13 -19.29
C LEU B 284 -11.58 -5.08 -17.93
N GLU B 285 -11.70 -3.94 -17.26
CA GLU B 285 -11.11 -3.76 -15.92
C GLU B 285 -12.23 -3.76 -14.88
N VAL B 286 -12.14 -4.67 -13.92
CA VAL B 286 -13.14 -4.78 -12.86
C VAL B 286 -12.46 -4.91 -11.51
N GLY B 287 -12.63 -3.87 -10.69
CA GLY B 287 -12.03 -3.87 -9.36
C GLY B 287 -10.60 -4.40 -9.31
N GLY B 288 -9.74 -3.90 -10.19
CA GLY B 288 -8.35 -4.33 -10.20
C GLY B 288 -8.05 -5.48 -11.16
N LEU B 289 -9.07 -6.28 -11.43
CA LEU B 289 -8.91 -7.41 -12.35
C LEU B 289 -8.88 -6.92 -13.79
N GLU B 290 -8.20 -7.68 -14.64
CA GLU B 290 -8.09 -7.34 -16.07
C GLU B 290 -8.47 -8.54 -16.95
N PHE B 291 -9.25 -8.27 -17.99
CA PHE B 291 -9.68 -9.32 -18.93
C PHE B 291 -9.35 -8.90 -20.35
N PRO B 292 -8.19 -9.33 -20.88
CA PRO B 292 -7.79 -8.98 -22.24
C PRO B 292 -8.66 -9.60 -23.33
N GLY B 293 -9.43 -10.62 -22.95
CA GLY B 293 -10.31 -11.28 -23.90
C GLY B 293 -11.75 -11.12 -23.48
N CYS B 294 -12.45 -10.20 -24.14
CA CYS B 294 -13.85 -9.94 -23.83
C CYS B 294 -14.55 -9.26 -25.00
N PRO B 295 -14.95 -10.06 -26.00
CA PRO B 295 -15.63 -9.53 -27.18
C PRO B 295 -17.07 -9.18 -26.83
N PHE B 296 -17.52 -8.03 -27.33
CA PHE B 296 -18.88 -7.58 -27.08
C PHE B 296 -19.45 -6.98 -28.36
N ASN B 297 -20.77 -7.05 -28.50
CA ASN B 297 -21.42 -6.53 -29.68
C ASN B 297 -22.73 -5.84 -29.37
N GLY B 298 -23.16 -5.02 -30.33
CA GLY B 298 -24.42 -4.32 -30.24
C GLY B 298 -24.91 -4.34 -31.67
N TRP B 299 -25.68 -3.35 -32.09
CA TRP B 299 -26.12 -3.31 -33.47
C TRP B 299 -25.58 -2.06 -34.13
N TYR B 300 -25.54 -2.05 -35.45
CA TYR B 300 -25.02 -0.92 -36.19
C TYR B 300 -25.86 0.36 -36.16
N MET B 301 -25.18 1.47 -36.43
CA MET B 301 -25.82 2.78 -36.54
C MET B 301 -25.48 3.22 -37.97
N GLY B 302 -26.52 3.54 -38.74
CA GLY B 302 -26.37 3.95 -40.13
C GLY B 302 -25.04 4.59 -40.53
N THR B 303 -24.75 5.73 -39.93
CA THR B 303 -23.54 6.48 -40.22
C THR B 303 -22.23 5.69 -40.18
N GLU B 304 -22.13 4.76 -39.24
CA GLU B 304 -20.92 3.95 -39.11
C GLU B 304 -20.54 3.33 -40.45
N ILE B 305 -21.54 2.76 -41.11
CA ILE B 305 -21.34 2.14 -42.41
C ILE B 305 -21.41 3.15 -43.55
N GLY B 306 -22.52 3.88 -43.60
CA GLY B 306 -22.72 4.86 -44.64
C GLY B 306 -21.64 5.91 -44.76
N VAL B 307 -21.41 6.63 -43.67
CA VAL B 307 -20.42 7.70 -43.66
C VAL B 307 -18.98 7.24 -43.50
N ARG B 308 -18.73 6.45 -42.47
CA ARG B 308 -17.37 6.02 -42.20
C ARG B 308 -16.86 4.92 -43.11
N ASP B 309 -17.45 3.73 -43.00
CA ASP B 309 -17.03 2.57 -43.79
C ASP B 309 -17.00 2.81 -45.30
N PHE B 310 -18.02 3.50 -45.81
CA PHE B 310 -18.13 3.75 -47.24
C PHE B 310 -17.51 5.04 -47.77
N CYS B 311 -17.57 6.12 -47.00
CA CYS B 311 -17.04 7.40 -47.47
C CYS B 311 -15.62 7.81 -47.08
N ASP B 312 -15.14 7.32 -45.95
CA ASP B 312 -13.78 7.63 -45.50
C ASP B 312 -12.82 7.30 -46.63
N VAL B 313 -11.90 8.22 -46.91
CA VAL B 313 -10.91 8.01 -47.97
C VAL B 313 -10.04 6.80 -47.63
N GLN B 314 -9.74 6.67 -46.34
CA GLN B 314 -8.92 5.58 -45.84
C GLN B 314 -9.69 4.26 -45.79
N ARG B 315 -10.99 4.31 -46.13
CA ARG B 315 -11.82 3.11 -46.14
C ARG B 315 -12.22 2.76 -47.57
N TYR B 316 -13.47 2.37 -47.79
CA TYR B 316 -13.91 2.02 -49.12
C TYR B 316 -13.98 3.18 -50.11
N ASN B 317 -14.09 4.39 -49.57
CA ASN B 317 -14.09 5.61 -50.37
C ASN B 317 -14.83 5.52 -51.70
N ILE B 318 -16.15 5.67 -51.65
CA ILE B 318 -16.97 5.56 -52.85
C ILE B 318 -17.63 6.87 -53.20
N LEU B 319 -17.41 7.88 -52.38
CA LEU B 319 -18.04 9.16 -52.59
C LEU B 319 -17.92 9.64 -54.03
N GLU B 320 -16.70 9.64 -54.56
CA GLU B 320 -16.43 10.08 -55.93
C GLU B 320 -17.37 9.38 -56.90
N GLU B 321 -17.36 8.06 -56.86
CA GLU B 321 -18.20 7.24 -57.72
C GLU B 321 -19.69 7.61 -57.74
N VAL B 322 -20.34 7.59 -56.58
CA VAL B 322 -21.78 7.89 -56.53
C VAL B 322 -22.10 9.31 -56.92
N GLY B 323 -21.13 10.20 -56.78
CA GLY B 323 -21.33 11.58 -57.16
C GLY B 323 -21.53 11.62 -58.66
N ARG B 324 -20.66 10.90 -59.37
CA ARG B 324 -20.73 10.83 -60.82
C ARG B 324 -22.04 10.16 -61.23
N ARG B 325 -22.34 9.04 -60.59
CA ARG B 325 -23.56 8.29 -60.87
C ARG B 325 -24.82 9.15 -60.70
N MET B 326 -24.81 10.04 -59.72
CA MET B 326 -25.95 10.92 -59.48
C MET B 326 -25.93 12.10 -60.45
N GLY B 327 -24.85 12.20 -61.22
CA GLY B 327 -24.69 13.27 -62.19
C GLY B 327 -24.58 14.63 -61.56
N LEU B 328 -23.79 14.72 -60.49
CA LEU B 328 -23.59 15.97 -59.76
C LEU B 328 -22.30 16.63 -60.20
N GLU B 329 -22.16 17.92 -59.88
CA GLU B 329 -20.95 18.66 -60.25
C GLU B 329 -19.80 18.23 -59.35
N THR B 330 -19.27 17.04 -59.59
CA THR B 330 -18.18 16.51 -58.77
C THR B 330 -16.88 17.31 -58.81
N HIS B 331 -16.90 18.47 -59.46
CA HIS B 331 -15.71 19.31 -59.52
C HIS B 331 -15.88 20.62 -58.79
N LYS B 332 -17.10 21.10 -58.70
CA LYS B 332 -17.37 22.34 -57.98
C LYS B 332 -17.74 21.95 -56.54
N LEU B 333 -16.83 22.16 -55.60
CA LEU B 333 -17.07 21.82 -54.20
C LEU B 333 -18.27 22.54 -53.63
N ALA B 334 -18.38 23.82 -53.97
CA ALA B 334 -19.47 24.66 -53.51
C ALA B 334 -20.85 24.15 -53.95
N SER B 335 -20.87 23.11 -54.77
CA SER B 335 -22.13 22.54 -55.22
C SER B 335 -22.70 21.64 -54.15
N LEU B 336 -21.86 21.33 -53.16
CA LEU B 336 -22.23 20.47 -52.05
C LEU B 336 -22.63 19.08 -52.53
N TRP B 337 -22.04 18.69 -53.66
CA TRP B 337 -22.32 17.38 -54.23
C TRP B 337 -21.93 16.30 -53.23
N LYS B 338 -20.80 16.52 -52.55
CA LYS B 338 -20.28 15.57 -51.56
C LYS B 338 -21.34 15.30 -50.49
N ASP B 339 -22.06 16.35 -50.11
CA ASP B 339 -23.08 16.22 -49.09
C ASP B 339 -24.30 15.45 -49.59
N GLN B 340 -24.83 15.82 -50.76
CA GLN B 340 -26.00 15.10 -51.26
C GLN B 340 -25.67 13.63 -51.42
N ALA B 341 -24.44 13.36 -51.85
CA ALA B 341 -23.98 12.01 -52.05
C ALA B 341 -24.00 11.20 -50.76
N VAL B 342 -23.40 11.78 -49.72
CA VAL B 342 -23.34 11.08 -48.45
C VAL B 342 -24.74 10.80 -47.92
N VAL B 343 -25.63 11.76 -48.09
CA VAL B 343 -26.98 11.58 -47.61
C VAL B 343 -27.63 10.40 -48.31
N GLU B 344 -27.51 10.38 -49.64
CA GLU B 344 -28.11 9.33 -50.43
C GLU B 344 -27.53 7.97 -50.08
N ILE B 345 -26.21 7.93 -49.88
CA ILE B 345 -25.55 6.69 -49.52
C ILE B 345 -26.08 6.17 -48.20
N ASN B 346 -26.31 7.07 -47.25
CA ASN B 346 -26.80 6.67 -45.95
C ASN B 346 -28.24 6.20 -45.95
N ILE B 347 -29.01 6.73 -46.89
CA ILE B 347 -30.40 6.33 -47.03
C ILE B 347 -30.39 4.91 -47.55
N ALA B 348 -29.49 4.65 -48.49
CA ALA B 348 -29.35 3.33 -49.08
C ALA B 348 -29.09 2.28 -48.00
N VAL B 349 -28.16 2.61 -47.09
CA VAL B 349 -27.79 1.70 -46.00
C VAL B 349 -28.98 1.36 -45.13
N LEU B 350 -29.64 2.39 -44.61
CA LEU B 350 -30.80 2.17 -43.78
C LEU B 350 -31.84 1.34 -44.53
N HIS B 351 -32.20 1.80 -45.71
CA HIS B 351 -33.19 1.12 -46.53
C HIS B 351 -32.87 -0.37 -46.70
N SER B 352 -31.63 -0.67 -47.04
CA SER B 352 -31.20 -2.06 -47.25
C SER B 352 -31.38 -2.93 -46.00
N PHE B 353 -31.09 -2.38 -44.83
CA PHE B 353 -31.25 -3.13 -43.59
C PHE B 353 -32.73 -3.33 -43.29
N GLN B 354 -33.51 -2.26 -43.43
CA GLN B 354 -34.95 -2.30 -43.18
C GLN B 354 -35.62 -3.32 -44.08
N LYS B 355 -35.29 -3.27 -45.37
CA LYS B 355 -35.85 -4.18 -46.35
C LYS B 355 -35.48 -5.63 -46.07
N GLN B 356 -34.30 -5.86 -45.49
CA GLN B 356 -33.89 -7.22 -45.20
C GLN B 356 -34.16 -7.67 -43.77
N ASN B 357 -34.99 -6.90 -43.08
CA ASN B 357 -35.38 -7.17 -41.70
C ASN B 357 -34.24 -7.36 -40.73
N VAL B 358 -33.22 -6.51 -40.88
CA VAL B 358 -32.06 -6.54 -40.01
C VAL B 358 -32.04 -5.27 -39.16
N THR B 359 -31.80 -5.45 -37.88
CA THR B 359 -31.76 -4.35 -36.92
C THR B 359 -30.69 -3.34 -37.28
N ILE B 360 -31.11 -2.08 -37.38
CA ILE B 360 -30.21 -0.97 -37.70
C ILE B 360 -30.81 0.25 -37.02
N MET B 361 -29.99 1.24 -36.72
CA MET B 361 -30.49 2.45 -36.07
C MET B 361 -29.87 3.71 -36.66
N ASP B 362 -30.72 4.60 -37.14
CA ASP B 362 -30.27 5.87 -37.74
C ASP B 362 -29.72 6.76 -36.64
N HIS B 363 -28.73 7.56 -37.00
CA HIS B 363 -28.08 8.43 -36.04
C HIS B 363 -29.01 9.41 -35.32
N HIS B 364 -30.12 9.77 -35.94
CA HIS B 364 -31.04 10.71 -35.29
C HIS B 364 -31.71 10.06 -34.11
N SER B 365 -32.24 8.86 -34.31
CA SER B 365 -32.92 8.13 -33.25
C SER B 365 -31.91 7.79 -32.17
N ALA B 366 -30.69 7.47 -32.59
CA ALA B 366 -29.63 7.13 -31.66
C ALA B 366 -29.35 8.29 -30.72
N ALA B 367 -29.15 9.47 -31.31
CA ALA B 367 -28.87 10.67 -30.54
C ALA B 367 -29.98 11.00 -29.55
N GLU B 368 -31.23 10.92 -30.00
CA GLU B 368 -32.35 11.22 -29.12
C GLU B 368 -32.39 10.26 -27.95
N SER B 369 -32.12 8.99 -28.23
CA SER B 369 -32.12 7.95 -27.21
C SER B 369 -31.03 8.25 -26.18
N PHE B 370 -29.90 8.74 -26.68
CA PHE B 370 -28.81 9.06 -25.80
C PHE B 370 -29.16 10.20 -24.84
N MET B 371 -29.77 11.25 -25.36
CA MET B 371 -30.16 12.36 -24.51
C MET B 371 -31.02 11.87 -23.36
N LYS B 372 -31.93 10.95 -23.66
CA LYS B 372 -32.82 10.38 -22.66
C LYS B 372 -31.96 9.67 -21.62
N TYR B 373 -31.08 8.78 -22.09
CA TYR B 373 -30.18 8.02 -21.22
C TYR B 373 -29.36 8.94 -20.34
N MET B 374 -28.82 9.99 -20.94
CA MET B 374 -27.99 10.94 -20.21
C MET B 374 -28.74 11.56 -19.06
N GLN B 375 -29.95 12.01 -19.33
CA GLN B 375 -30.78 12.62 -18.30
C GLN B 375 -30.99 11.64 -17.14
N ASN B 376 -31.24 10.38 -17.48
CA ASN B 376 -31.46 9.34 -16.49
C ASN B 376 -30.23 9.14 -15.63
N GLU B 377 -29.06 9.21 -16.25
CA GLU B 377 -27.79 9.05 -15.56
C GLU B 377 -27.60 10.07 -14.47
N TYR B 378 -28.01 11.31 -14.75
CA TYR B 378 -27.87 12.37 -13.78
C TYR B 378 -28.84 12.26 -12.61
N ARG B 379 -29.82 11.38 -12.72
CA ARG B 379 -30.77 11.18 -11.65
C ARG B 379 -30.21 10.02 -10.84
N SER B 380 -29.84 8.96 -11.55
CA SER B 380 -29.31 7.75 -10.95
C SER B 380 -28.03 7.99 -10.17
N ARG B 381 -27.02 8.53 -10.84
CA ARG B 381 -25.74 8.76 -10.20
C ARG B 381 -25.13 10.15 -10.37
N GLY B 382 -25.96 11.12 -10.75
CA GLY B 382 -25.49 12.48 -10.91
C GLY B 382 -24.24 12.62 -11.76
N GLY B 383 -24.22 11.88 -12.87
CA GLY B 383 -23.07 11.92 -13.74
C GLY B 383 -23.20 10.97 -14.91
N CYS B 384 -22.44 11.25 -15.95
CA CYS B 384 -22.46 10.46 -17.16
C CYS B 384 -21.24 10.83 -17.98
N PRO B 385 -20.20 9.99 -17.95
CA PRO B 385 -18.96 10.23 -18.70
C PRO B 385 -19.25 10.24 -20.20
N ALA B 386 -18.82 11.29 -20.90
CA ALA B 386 -19.10 11.39 -22.32
C ALA B 386 -18.05 12.11 -23.17
N ASP B 387 -17.57 11.39 -24.18
CA ASP B 387 -16.58 11.93 -25.11
C ASP B 387 -17.36 12.56 -26.26
N TRP B 388 -17.56 13.87 -26.18
CA TRP B 388 -18.31 14.60 -27.19
C TRP B 388 -17.83 14.27 -28.62
N ILE B 389 -16.52 14.30 -28.82
CA ILE B 389 -15.90 14.02 -30.13
C ILE B 389 -16.36 12.71 -30.78
N TRP B 390 -16.58 11.68 -29.98
CA TRP B 390 -17.02 10.40 -30.49
C TRP B 390 -18.52 10.22 -30.55
N LEU B 391 -19.23 10.95 -29.70
CA LEU B 391 -20.69 10.83 -29.67
C LEU B 391 -21.44 11.55 -30.79
N VAL B 392 -20.91 12.67 -31.27
CA VAL B 392 -21.57 13.39 -32.36
C VAL B 392 -21.31 12.68 -33.68
N PRO B 393 -22.40 12.29 -34.37
CA PRO B 393 -22.42 11.57 -35.66
C PRO B 393 -21.58 12.27 -36.73
N PRO B 394 -20.94 11.48 -37.61
CA PRO B 394 -20.08 11.93 -38.71
C PRO B 394 -20.76 12.82 -39.74
N MET B 395 -22.08 12.94 -39.64
CA MET B 395 -22.84 13.78 -40.55
C MET B 395 -23.96 14.51 -39.85
N SER B 396 -24.23 15.73 -40.29
CA SER B 396 -25.29 16.54 -39.69
C SER B 396 -25.14 16.70 -38.18
N GLY B 397 -23.91 16.97 -37.73
CA GLY B 397 -23.66 17.13 -36.31
C GLY B 397 -24.63 18.04 -35.59
N SER B 398 -24.70 19.31 -36.00
CA SER B 398 -25.59 20.30 -35.38
C SER B 398 -27.08 19.92 -35.37
N ILE B 399 -27.47 19.00 -36.24
CA ILE B 399 -28.85 18.55 -36.33
C ILE B 399 -29.19 17.53 -35.26
N THR B 400 -28.19 17.10 -34.51
CA THR B 400 -28.39 16.15 -33.43
C THR B 400 -28.24 16.91 -32.12
N PRO B 401 -29.10 16.62 -31.15
CA PRO B 401 -29.09 17.27 -29.84
C PRO B 401 -27.77 17.15 -29.09
N VAL B 402 -27.07 16.03 -29.26
CA VAL B 402 -25.80 15.81 -28.57
C VAL B 402 -24.77 16.87 -28.94
N PHE B 403 -24.86 17.39 -30.15
CA PHE B 403 -23.93 18.40 -30.60
C PHE B 403 -23.98 19.60 -29.66
N HIS B 404 -25.18 19.94 -29.20
CA HIS B 404 -25.36 21.09 -28.34
C HIS B 404 -25.19 20.80 -26.84
N GLN B 405 -25.04 19.53 -26.49
CA GLN B 405 -24.89 19.16 -25.11
C GLN B 405 -23.45 19.25 -24.64
N GLU B 406 -23.23 20.02 -23.57
CA GLU B 406 -21.88 20.12 -23.00
C GLU B 406 -21.71 18.82 -22.23
N MET B 407 -20.52 18.24 -22.29
CA MET B 407 -20.29 17.00 -21.58
C MET B 407 -18.89 16.81 -21.02
N LEU B 408 -18.82 16.05 -19.92
CA LEU B 408 -17.57 15.77 -19.22
C LEU B 408 -17.11 14.36 -19.48
N ASN B 409 -15.82 14.23 -19.78
CA ASN B 409 -15.24 12.94 -20.07
C ASN B 409 -14.33 12.50 -18.92
N TYR B 410 -14.58 11.30 -18.41
CA TYR B 410 -13.78 10.75 -17.32
C TYR B 410 -13.85 9.23 -17.18
N VAL B 411 -12.75 8.65 -16.69
CA VAL B 411 -12.66 7.20 -16.52
C VAL B 411 -13.13 6.68 -15.15
N LEU B 412 -14.04 5.72 -15.17
CA LEU B 412 -14.54 5.13 -13.94
C LEU B 412 -14.10 3.67 -13.90
N SER B 413 -14.82 2.86 -13.11
CA SER B 413 -14.54 1.44 -13.01
C SER B 413 -15.82 0.75 -12.56
N PRO B 414 -16.17 -0.38 -13.20
CA PRO B 414 -15.48 -1.07 -14.30
C PRO B 414 -15.32 -0.22 -15.55
N PHE B 415 -14.48 -0.65 -16.48
CA PHE B 415 -14.23 0.13 -17.69
C PHE B 415 -13.64 -0.70 -18.83
N TYR B 416 -13.85 -0.25 -20.06
CA TYR B 416 -13.31 -0.95 -21.23
C TYR B 416 -12.15 -0.17 -21.81
N TYR B 417 -10.95 -0.64 -21.54
CA TYR B 417 -9.74 0.02 -22.02
C TYR B 417 -9.25 -0.56 -23.34
N TYR B 418 -8.55 0.27 -24.10
CA TYR B 418 -7.97 -0.18 -25.36
C TYR B 418 -6.71 -0.93 -24.93
N GLN B 419 -6.24 -1.84 -25.78
CA GLN B 419 -5.02 -2.57 -25.47
C GLN B 419 -4.04 -2.34 -26.61
N VAL B 420 -2.79 -2.75 -26.40
CA VAL B 420 -1.78 -2.63 -27.44
C VAL B 420 -1.97 -3.86 -28.31
N GLU B 421 -2.01 -3.66 -29.62
CA GLU B 421 -2.20 -4.74 -30.57
C GLU B 421 -1.27 -5.90 -30.23
N ALA B 422 -1.89 -7.04 -29.96
CA ALA B 422 -1.16 -8.24 -29.57
C ALA B 422 0.12 -8.54 -30.35
N TRP B 423 0.05 -8.52 -31.67
CA TRP B 423 1.21 -8.82 -32.49
C TRP B 423 2.41 -7.91 -32.24
N LYS B 424 2.15 -6.72 -31.73
CA LYS B 424 3.22 -5.77 -31.45
C LYS B 424 4.02 -6.07 -30.19
N THR B 425 3.45 -6.86 -29.28
CA THR B 425 4.13 -7.19 -28.03
C THR B 425 4.39 -8.67 -27.79
N HIS B 426 3.45 -9.51 -28.24
CA HIS B 426 3.56 -10.96 -28.06
C HIS B 426 4.91 -11.54 -28.47
N VAL B 427 5.39 -12.48 -27.65
CA VAL B 427 6.66 -13.15 -27.90
C VAL B 427 6.39 -14.53 -28.47
N TRP B 428 6.89 -14.75 -29.67
CA TRP B 428 6.68 -16.01 -30.38
C TRP B 428 7.43 -17.23 -29.84
N GLN B 429 6.80 -18.39 -30.00
CA GLN B 429 7.37 -19.66 -29.56
C GLN B 429 7.91 -20.45 -30.77
N ARG C 10 -2.48 -25.91 13.55
CA ARG C 10 -1.36 -26.66 14.21
C ARG C 10 -1.33 -26.32 15.70
N HIS C 11 -1.09 -27.34 16.51
CA HIS C 11 -1.05 -27.19 17.96
C HIS C 11 0.35 -27.46 18.51
N VAL C 12 0.84 -26.56 19.34
CA VAL C 12 2.16 -26.72 19.96
C VAL C 12 1.98 -26.98 21.46
N ARG C 13 2.49 -28.11 21.93
CA ARG C 13 2.37 -28.52 23.32
C ARG C 13 3.39 -27.93 24.29
N ILE C 14 2.90 -27.34 25.39
CA ILE C 14 3.76 -26.78 26.43
C ILE C 14 3.33 -27.32 27.78
N LYS C 15 4.30 -27.62 28.64
CA LYS C 15 4.02 -28.19 29.94
C LYS C 15 4.56 -27.39 31.11
N ASN C 16 3.86 -27.47 32.24
CA ASN C 16 4.28 -26.78 33.47
C ASN C 16 4.79 -27.92 34.35
N TRP C 17 6.10 -28.15 34.32
CA TRP C 17 6.71 -29.22 35.10
C TRP C 17 6.42 -29.24 36.60
N GLY C 18 5.96 -28.12 37.14
CA GLY C 18 5.66 -28.06 38.55
C GLY C 18 4.32 -28.71 38.88
N SER C 19 3.31 -28.34 38.10
CA SER C 19 1.96 -28.85 38.27
C SER C 19 1.64 -30.00 37.32
N GLY C 20 2.47 -30.15 36.29
CA GLY C 20 2.23 -31.18 35.29
C GLY C 20 1.19 -30.76 34.26
N MET C 21 0.51 -29.64 34.51
CA MET C 21 -0.51 -29.13 33.61
C MET C 21 0.03 -28.77 32.24
N THR C 22 -0.63 -29.27 31.22
CA THR C 22 -0.21 -29.04 29.84
C THR C 22 -1.21 -28.16 29.05
N PHE C 23 -0.67 -27.28 28.19
CA PHE C 23 -1.47 -26.40 27.36
C PHE C 23 -1.19 -26.72 25.89
N GLN C 24 -2.12 -26.33 25.03
CA GLN C 24 -1.99 -26.53 23.58
C GLN C 24 -2.12 -25.16 22.91
N ASP C 25 -0.98 -24.58 22.50
CA ASP C 25 -0.97 -23.26 21.87
C ASP C 25 -1.32 -23.27 20.38
N THR C 26 -2.28 -22.43 20.02
CA THR C 26 -2.74 -22.29 18.64
C THR C 26 -2.59 -20.84 18.21
N LEU C 27 -2.64 -19.93 19.19
CA LEU C 27 -2.53 -18.51 18.94
C LEU C 27 -1.24 -18.10 18.24
N HIS C 28 -0.23 -18.95 18.27
CA HIS C 28 1.05 -18.62 17.63
C HIS C 28 0.95 -18.45 16.11
N HIS C 29 -0.15 -18.91 15.53
CA HIS C 29 -0.37 -18.77 14.10
C HIS C 29 -0.74 -17.34 13.71
N LYS C 30 -1.56 -16.71 14.54
CA LYS C 30 -2.00 -15.34 14.32
C LYS C 30 -0.80 -14.37 14.46
N ALA C 31 0.33 -14.91 14.90
CA ALA C 31 1.55 -14.12 15.09
C ALA C 31 2.36 -13.88 13.83
N LYS C 32 2.73 -12.62 13.63
CA LYS C 32 3.54 -12.21 12.49
C LYS C 32 4.96 -12.73 12.67
N GLY C 33 5.51 -13.33 11.62
CA GLY C 33 6.85 -13.89 11.67
C GLY C 33 8.00 -12.91 11.60
N ILE C 34 8.05 -11.97 12.56
CA ILE C 34 9.12 -10.97 12.62
C ILE C 34 9.96 -11.13 13.89
N LEU C 35 10.99 -11.97 13.82
CA LEU C 35 11.87 -12.19 14.98
C LEU C 35 13.39 -12.12 14.68
N THR C 36 14.15 -11.64 15.66
CA THR C 36 15.63 -11.51 15.57
C THR C 36 16.30 -12.89 15.69
N CYS C 37 15.56 -13.87 16.22
CA CYS C 37 16.06 -15.25 16.36
C CYS C 37 15.66 -16.13 15.17
N ARG C 38 16.13 -17.38 15.14
CA ARG C 38 15.81 -18.27 14.04
C ARG C 38 16.04 -19.77 14.28
N SER C 39 15.99 -20.53 13.18
CA SER C 39 16.19 -21.98 13.19
C SER C 39 17.68 -22.30 12.94
N LYS C 40 18.56 -21.52 13.57
CA LYS C 40 20.02 -21.68 13.46
C LYS C 40 20.79 -20.95 14.59
N SER C 41 20.06 -20.13 15.37
CA SER C 41 20.61 -19.35 16.50
C SER C 41 19.51 -18.51 17.18
N CYS C 42 18.89 -18.99 18.26
CA CYS C 42 17.86 -18.19 18.92
C CYS C 42 18.48 -17.01 19.68
N LEU C 43 18.14 -15.82 19.20
CA LEU C 43 18.55 -14.54 19.75
C LEU C 43 17.74 -14.27 21.02
N GLY C 44 17.55 -15.31 21.81
CA GLY C 44 16.84 -15.21 23.05
C GLY C 44 17.91 -14.90 24.07
N SER C 45 17.74 -13.76 24.74
CA SER C 45 18.63 -13.22 25.78
C SER C 45 19.01 -11.81 25.43
N ILE C 46 18.45 -11.31 24.35
CA ILE C 46 18.75 -9.96 23.94
C ILE C 46 17.82 -8.98 24.63
N MET C 47 18.44 -7.99 25.25
CA MET C 47 17.74 -6.95 25.98
C MET C 47 16.70 -6.30 25.08
N THR C 48 17.14 -5.83 23.92
CA THR C 48 16.26 -5.17 22.97
C THR C 48 16.53 -5.57 21.52
N PRO C 49 15.93 -6.70 21.10
CA PRO C 49 16.10 -7.22 19.74
C PRO C 49 15.51 -6.24 18.74
N LYS C 50 16.00 -6.28 17.51
CA LYS C 50 15.50 -5.40 16.48
C LYS C 50 14.05 -5.73 16.18
N SER C 51 13.69 -6.99 16.39
CA SER C 51 12.33 -7.46 16.13
C SER C 51 11.29 -6.81 17.04
N LEU C 52 11.72 -6.43 18.24
CA LEU C 52 10.82 -5.79 19.21
C LEU C 52 10.83 -4.28 19.07
N THR C 53 11.72 -3.78 18.21
CA THR C 53 11.81 -2.36 18.00
C THR C 53 11.01 -1.94 16.77
N ARG C 54 10.52 -0.72 16.83
CA ARG C 54 9.75 -0.14 15.73
C ARG C 54 10.33 1.26 15.56
N GLY C 55 11.36 1.33 14.70
CA GLY C 55 12.06 2.59 14.42
C GLY C 55 11.25 3.71 13.82
N PRO C 56 11.90 4.84 13.50
CA PRO C 56 11.24 6.01 12.91
C PRO C 56 11.08 5.91 11.40
N ARG C 57 10.34 6.85 10.84
CA ARG C 57 10.10 6.92 9.41
C ARG C 57 10.11 8.39 8.98
N ASP C 58 10.18 8.60 7.66
CA ASP C 58 10.19 9.93 7.09
C ASP C 58 9.11 10.05 6.03
N LYS C 59 8.43 8.95 5.77
CA LYS C 59 7.35 8.88 4.77
C LYS C 59 6.17 8.16 5.43
N PRO C 60 4.94 8.65 5.20
CA PRO C 60 3.74 8.03 5.78
C PRO C 60 3.66 6.56 5.42
N THR C 61 2.92 5.80 6.21
CA THR C 61 2.77 4.38 5.96
C THR C 61 1.96 4.22 4.68
N PRO C 62 2.54 3.54 3.67
CA PRO C 62 1.91 3.28 2.37
C PRO C 62 0.50 2.74 2.53
N PRO C 63 -0.49 3.48 2.01
CA PRO C 63 -1.92 3.11 2.08
C PRO C 63 -2.22 1.67 1.71
N ASP C 64 -1.56 1.15 0.67
CA ASP C 64 -1.80 -0.20 0.23
C ASP C 64 -1.45 -1.27 1.25
N GLU C 65 -0.38 -1.06 2.01
CA GLU C 65 0.03 -2.02 3.02
C GLU C 65 -0.65 -1.76 4.35
N LEU C 66 -1.15 -0.53 4.53
CA LEU C 66 -1.83 -0.15 5.76
C LEU C 66 -3.23 -0.74 5.81
N LEU C 67 -3.86 -0.87 4.65
CA LEU C 67 -5.22 -1.40 4.55
C LEU C 67 -5.45 -2.81 5.12
N PRO C 68 -4.64 -3.81 4.71
CA PRO C 68 -4.81 -5.18 5.20
C PRO C 68 -4.83 -5.24 6.71
N GLN C 69 -3.89 -4.50 7.31
CA GLN C 69 -3.73 -4.43 8.75
C GLN C 69 -4.92 -3.73 9.39
N ALA C 70 -5.40 -2.68 8.75
CA ALA C 70 -6.53 -1.92 9.24
C ALA C 70 -7.77 -2.80 9.33
N ILE C 71 -8.04 -3.53 8.25
CA ILE C 71 -9.21 -4.41 8.19
C ILE C 71 -9.05 -5.47 9.28
N GLU C 72 -7.85 -6.04 9.32
CA GLU C 72 -7.49 -7.08 10.28
C GLU C 72 -7.90 -6.66 11.68
N PHE C 73 -7.51 -5.45 12.06
CA PHE C 73 -7.81 -4.94 13.37
C PHE C 73 -9.31 -4.85 13.60
N VAL C 74 -10.00 -4.17 12.70
CA VAL C 74 -11.44 -3.99 12.81
C VAL C 74 -12.16 -5.30 13.05
N ASN C 75 -11.70 -6.36 12.40
CA ASN C 75 -12.32 -7.67 12.57
C ASN C 75 -12.09 -8.13 13.99
N GLN C 76 -10.85 -8.00 14.45
CA GLN C 76 -10.45 -8.40 15.79
C GLN C 76 -11.30 -7.64 16.82
N TYR C 77 -11.50 -6.34 16.57
CA TYR C 77 -12.28 -5.50 17.44
C TYR C 77 -13.72 -5.96 17.55
N TYR C 78 -14.37 -6.17 16.40
CA TYR C 78 -15.75 -6.62 16.42
C TYR C 78 -15.87 -8.06 16.85
N GLY C 79 -14.77 -8.80 16.72
CA GLY C 79 -14.75 -10.19 17.13
C GLY C 79 -14.73 -10.32 18.64
N SER C 80 -14.37 -9.25 19.33
CA SER C 80 -14.33 -9.26 20.78
C SER C 80 -15.72 -9.28 21.40
N PHE C 81 -16.67 -8.61 20.75
CA PHE C 81 -18.05 -8.54 21.26
C PHE C 81 -18.76 -9.87 21.33
N LYS C 82 -19.61 -10.00 22.35
CA LYS C 82 -20.40 -11.20 22.57
C LYS C 82 -21.32 -11.42 21.38
N GLU C 83 -22.34 -10.57 21.24
CA GLU C 83 -23.27 -10.67 20.12
C GLU C 83 -22.74 -9.81 18.98
N ALA C 84 -22.50 -10.45 17.84
CA ALA C 84 -21.97 -9.79 16.66
C ALA C 84 -22.82 -8.61 16.18
N LYS C 85 -22.13 -7.51 15.85
CA LYS C 85 -22.79 -6.31 15.35
C LYS C 85 -22.56 -6.29 13.85
N ILE C 86 -23.15 -7.24 13.14
CA ILE C 86 -22.99 -7.36 11.69
C ILE C 86 -23.16 -6.02 10.98
N GLU C 87 -24.17 -5.27 11.40
CA GLU C 87 -24.47 -3.97 10.83
C GLU C 87 -23.28 -3.02 10.95
N GLU C 88 -22.98 -2.62 12.18
CA GLU C 88 -21.90 -1.70 12.48
C GLU C 88 -20.57 -2.18 11.93
N HIS C 89 -20.36 -3.49 12.01
CA HIS C 89 -19.13 -4.10 11.54
C HIS C 89 -18.87 -3.70 10.11
N LEU C 90 -19.79 -4.10 9.23
CA LEU C 90 -19.70 -3.81 7.81
C LEU C 90 -19.54 -2.31 7.60
N ALA C 91 -20.36 -1.54 8.30
CA ALA C 91 -20.33 -0.08 8.21
C ALA C 91 -18.95 0.49 8.50
N ARG C 92 -18.31 -0.03 9.54
CA ARG C 92 -17.00 0.44 9.94
C ARG C 92 -15.98 0.10 8.87
N VAL C 93 -15.95 -1.16 8.45
CA VAL C 93 -15.00 -1.63 7.43
C VAL C 93 -15.04 -0.72 6.22
N GLU C 94 -16.26 -0.32 5.84
CA GLU C 94 -16.49 0.55 4.70
C GLU C 94 -15.81 1.88 4.96
N ALA C 95 -16.27 2.53 6.03
CA ALA C 95 -15.78 3.83 6.44
C ALA C 95 -14.26 3.92 6.50
N VAL C 96 -13.64 2.87 7.02
CA VAL C 96 -12.20 2.81 7.15
C VAL C 96 -11.51 2.78 5.80
N THR C 97 -11.91 1.83 4.97
CA THR C 97 -11.35 1.67 3.63
C THR C 97 -11.39 3.00 2.89
N LYS C 98 -12.58 3.60 2.87
CA LYS C 98 -12.80 4.89 2.23
C LYS C 98 -11.74 5.86 2.73
N GLU C 99 -11.73 6.05 4.05
CA GLU C 99 -10.81 6.97 4.71
C GLU C 99 -9.34 6.73 4.37
N ILE C 100 -8.92 5.49 4.32
CA ILE C 100 -7.52 5.19 4.02
C ILE C 100 -7.08 5.62 2.61
N GLU C 101 -7.91 5.33 1.62
CA GLU C 101 -7.55 5.70 0.25
C GLU C 101 -7.86 7.15 -0.09
N THR C 102 -8.73 7.77 0.69
CA THR C 102 -9.05 9.17 0.45
C THR C 102 -8.17 10.11 1.26
N THR C 103 -7.61 9.63 2.37
CA THR C 103 -6.75 10.45 3.23
C THR C 103 -5.36 9.88 3.45
N GLY C 104 -5.18 8.61 3.08
CA GLY C 104 -3.88 7.98 3.23
C GLY C 104 -3.70 7.27 4.56
N THR C 105 -4.62 7.51 5.50
CA THR C 105 -4.57 6.90 6.83
C THR C 105 -5.98 6.87 7.39
N TYR C 106 -6.13 6.72 8.71
CA TYR C 106 -7.44 6.70 9.35
C TYR C 106 -7.39 6.92 10.86
N GLN C 107 -8.55 7.26 11.42
CA GLN C 107 -8.70 7.51 12.85
C GLN C 107 -9.48 6.38 13.54
N LEU C 108 -9.12 6.11 14.78
CA LEU C 108 -9.79 5.06 15.55
C LEU C 108 -10.92 5.63 16.36
N THR C 109 -11.99 4.85 16.53
CA THR C 109 -13.12 5.32 17.31
C THR C 109 -12.71 5.34 18.78
N GLY C 110 -13.51 6.00 19.61
CA GLY C 110 -13.21 6.06 21.03
C GLY C 110 -13.00 4.69 21.64
N ASP C 111 -14.04 3.86 21.56
CA ASP C 111 -13.98 2.52 22.13
C ASP C 111 -12.94 1.64 21.47
N GLU C 112 -12.63 1.89 20.21
CA GLU C 112 -11.62 1.10 19.51
C GLU C 112 -10.25 1.28 20.14
N LEU C 113 -9.93 2.52 20.49
CA LEU C 113 -8.65 2.84 21.11
C LEU C 113 -8.54 2.12 22.45
N ILE C 114 -9.58 2.26 23.26
CA ILE C 114 -9.64 1.60 24.57
C ILE C 114 -9.34 0.12 24.40
N PHE C 115 -10.05 -0.52 23.49
CA PHE C 115 -9.85 -1.94 23.22
C PHE C 115 -8.38 -2.21 22.85
N ALA C 116 -7.86 -1.40 21.93
CA ALA C 116 -6.50 -1.57 21.44
C ALA C 116 -5.44 -1.53 22.51
N THR C 117 -5.57 -0.56 23.42
CA THR C 117 -4.61 -0.39 24.51
C THR C 117 -4.59 -1.61 25.42
N LYS C 118 -5.78 -2.03 25.84
CA LYS C 118 -5.91 -3.18 26.72
C LYS C 118 -5.41 -4.44 26.03
N GLN C 119 -5.68 -4.56 24.73
CA GLN C 119 -5.26 -5.72 23.97
C GLN C 119 -3.75 -5.80 23.81
N ALA C 120 -3.15 -4.65 23.53
CA ALA C 120 -1.71 -4.57 23.35
C ALA C 120 -0.98 -4.94 24.65
N TRP C 121 -1.61 -4.58 25.78
CA TRP C 121 -1.06 -4.88 27.10
C TRP C 121 -1.14 -6.39 27.25
N ARG C 122 -2.33 -6.92 27.00
CA ARG C 122 -2.58 -8.34 27.06
C ARG C 122 -1.60 -9.09 26.14
N ASN C 123 -1.15 -8.42 25.09
CA ASN C 123 -0.23 -9.01 24.13
C ASN C 123 1.25 -8.81 24.44
N ALA C 124 1.55 -8.07 25.51
CA ALA C 124 2.93 -7.80 25.92
C ALA C 124 3.48 -9.02 26.66
N PRO C 125 4.34 -9.82 26.00
CA PRO C 125 4.94 -11.03 26.56
C PRO C 125 5.86 -10.87 27.76
N ARG C 126 6.26 -9.63 28.06
CA ARG C 126 7.16 -9.36 29.18
C ARG C 126 6.49 -8.83 30.46
N CYS C 127 5.19 -8.50 30.38
CA CYS C 127 4.49 -8.00 31.55
C CYS C 127 3.91 -9.16 32.35
N ILE C 128 4.29 -9.23 33.63
CA ILE C 128 3.84 -10.28 34.51
C ILE C 128 2.53 -9.92 35.21
N GLY C 129 2.18 -8.64 35.19
CA GLY C 129 0.95 -8.21 35.81
C GLY C 129 -0.23 -8.19 34.86
N ARG C 130 -0.09 -8.93 33.76
CA ARG C 130 -1.13 -8.99 32.74
C ARG C 130 -2.51 -9.47 33.15
N ILE C 131 -2.65 -9.92 34.39
CA ILE C 131 -3.96 -10.37 34.85
C ILE C 131 -4.90 -9.16 34.98
N GLN C 132 -4.30 -7.99 35.07
CA GLN C 132 -5.01 -6.72 35.21
C GLN C 132 -5.34 -6.06 33.88
N TRP C 133 -5.05 -6.73 32.76
CA TRP C 133 -5.27 -6.15 31.43
C TRP C 133 -6.62 -5.52 31.13
N SER C 134 -7.69 -6.00 31.77
CA SER C 134 -9.01 -5.44 31.54
C SER C 134 -9.22 -4.13 32.30
N ASN C 135 -8.50 -3.94 33.41
CA ASN C 135 -8.59 -2.72 34.21
C ASN C 135 -7.57 -1.71 33.75
N LEU C 136 -7.99 -0.80 32.88
CA LEU C 136 -7.09 0.23 32.38
C LEU C 136 -7.85 1.49 32.06
N GLN C 137 -7.32 2.61 32.56
CA GLN C 137 -7.92 3.91 32.32
C GLN C 137 -7.27 4.47 31.08
N VAL C 138 -8.08 4.88 30.10
CA VAL C 138 -7.52 5.41 28.87
C VAL C 138 -7.78 6.90 28.66
N PHE C 139 -6.71 7.68 28.54
CA PHE C 139 -6.82 9.13 28.33
C PHE C 139 -6.56 9.43 26.87
N ASP C 140 -7.58 9.92 26.17
CA ASP C 140 -7.44 10.26 24.75
C ASP C 140 -6.84 11.65 24.60
N ALA C 141 -5.57 11.69 24.21
CA ALA C 141 -4.87 12.96 24.04
C ALA C 141 -4.41 13.12 22.59
N ARG C 142 -5.19 12.56 21.66
CA ARG C 142 -4.88 12.66 20.25
C ARG C 142 -5.21 14.06 19.73
N SER C 143 -6.02 14.76 20.52
CA SER C 143 -6.42 16.13 20.21
C SER C 143 -5.29 17.11 20.55
N CYS C 144 -4.38 16.67 21.40
CA CYS C 144 -3.23 17.47 21.85
C CYS C 144 -2.42 18.02 20.66
N SER C 145 -1.80 19.18 20.84
CA SER C 145 -1.00 19.81 19.79
C SER C 145 0.27 20.54 20.21
N THR C 146 0.39 20.88 21.49
CA THR C 146 1.60 21.56 21.97
C THR C 146 2.28 20.83 23.11
N ALA C 147 3.59 21.05 23.24
CA ALA C 147 4.39 20.44 24.30
C ALA C 147 3.78 20.70 25.67
N ARG C 148 3.36 21.93 25.90
CA ARG C 148 2.75 22.30 27.16
C ARG C 148 1.53 21.45 27.44
N GLU C 149 0.69 21.27 26.42
CA GLU C 149 -0.52 20.46 26.57
C GLU C 149 -0.19 19.04 26.96
N MET C 150 0.89 18.50 26.40
CA MET C 150 1.32 17.15 26.72
C MET C 150 1.57 17.09 28.22
N PHE C 151 2.33 18.07 28.70
CA PHE C 151 2.68 18.18 30.11
C PHE C 151 1.43 18.12 30.99
N GLU C 152 0.43 18.93 30.64
CA GLU C 152 -0.82 18.99 31.41
C GLU C 152 -1.57 17.66 31.41
N HIS C 153 -1.57 16.98 30.28
CA HIS C 153 -2.25 15.70 30.16
C HIS C 153 -1.56 14.65 31.03
N ILE C 154 -0.22 14.75 31.08
CA ILE C 154 0.60 13.84 31.87
C ILE C 154 0.37 14.06 33.35
N CYS C 155 0.29 15.32 33.77
CA CYS C 155 0.03 15.62 35.17
C CYS C 155 -1.32 15.05 35.56
N ARG C 156 -2.29 15.09 34.65
CA ARG C 156 -3.60 14.55 34.95
C ARG C 156 -3.49 13.04 35.14
N HIS C 157 -2.68 12.41 34.29
CA HIS C 157 -2.43 10.97 34.30
C HIS C 157 -1.84 10.58 35.65
N VAL C 158 -0.75 11.24 36.03
CA VAL C 158 -0.08 10.96 37.30
C VAL C 158 -1.01 11.17 38.50
N ARG C 159 -1.71 12.29 38.52
CA ARG C 159 -2.62 12.60 39.60
C ARG C 159 -3.60 11.45 39.76
N TYR C 160 -4.14 10.99 38.63
CA TYR C 160 -5.09 9.89 38.63
C TYR C 160 -4.48 8.59 39.13
N SER C 161 -3.42 8.14 38.46
CA SER C 161 -2.76 6.88 38.80
C SER C 161 -2.23 6.79 40.22
N THR C 162 -1.63 7.89 40.71
CA THR C 162 -1.10 7.91 42.06
C THR C 162 -2.24 7.59 43.02
N ASN C 163 -3.38 8.24 42.80
CA ASN C 163 -4.58 8.01 43.61
C ASN C 163 -4.34 7.98 45.12
N ASN C 164 -3.48 8.89 45.58
CA ASN C 164 -3.18 8.98 47.00
C ASN C 164 -2.68 7.65 47.58
N GLY C 165 -1.89 6.92 46.81
CA GLY C 165 -1.35 5.67 47.28
C GLY C 165 -1.93 4.39 46.68
N ASN C 166 -3.23 4.42 46.35
CA ASN C 166 -3.89 3.25 45.75
C ASN C 166 -3.68 3.34 44.25
N ILE C 167 -2.49 2.94 43.81
CA ILE C 167 -2.12 3.00 42.41
C ILE C 167 -3.13 2.38 41.46
N ARG C 168 -3.39 3.09 40.38
CA ARG C 168 -4.33 2.66 39.35
C ARG C 168 -3.58 2.65 38.02
N SER C 169 -3.89 1.68 37.17
CA SER C 169 -3.26 1.58 35.86
C SER C 169 -3.95 2.52 34.88
N ALA C 170 -3.15 3.17 34.06
CA ALA C 170 -3.69 4.11 33.07
C ALA C 170 -2.70 4.37 31.95
N ILE C 171 -3.21 4.91 30.85
CA ILE C 171 -2.37 5.22 29.70
C ILE C 171 -2.88 6.46 28.99
N THR C 172 -1.95 7.31 28.57
CA THR C 172 -2.28 8.53 27.85
C THR C 172 -1.77 8.39 26.43
N VAL C 173 -2.73 8.38 25.50
CA VAL C 173 -2.39 8.23 24.08
C VAL C 173 -2.30 9.57 23.38
N PHE C 174 -1.15 9.81 22.78
CA PHE C 174 -0.92 11.04 22.06
C PHE C 174 -1.15 10.83 20.57
N PRO C 175 -1.26 11.93 19.79
CA PRO C 175 -1.48 11.88 18.35
C PRO C 175 -0.64 10.82 17.64
N GLN C 176 -1.29 10.05 16.78
CA GLN C 176 -0.61 9.03 16.02
C GLN C 176 0.44 9.61 15.08
N ARG C 177 1.41 8.79 14.72
CA ARG C 177 2.45 9.19 13.80
C ARG C 177 1.82 9.35 12.43
N SER C 178 2.20 10.42 11.76
CA SER C 178 1.69 10.71 10.42
C SER C 178 2.78 10.37 9.41
N ASP C 179 3.63 11.34 9.10
CA ASP C 179 4.70 11.15 8.15
C ASP C 179 5.98 10.66 8.82
N GLY C 180 5.99 10.67 10.15
CA GLY C 180 7.17 10.23 10.87
C GLY C 180 8.10 11.38 11.20
N LYS C 181 7.66 12.58 10.88
CA LYS C 181 8.43 13.79 11.15
C LYS C 181 7.69 14.61 12.20
N HIS C 182 6.40 14.34 12.34
CA HIS C 182 5.57 15.04 13.31
C HIS C 182 5.21 14.09 14.44
N ASP C 183 6.23 13.46 15.00
CA ASP C 183 6.07 12.52 16.09
C ASP C 183 5.83 13.23 17.40
N PHE C 184 4.85 12.73 18.15
CA PHE C 184 4.56 13.27 19.47
C PHE C 184 5.12 12.22 20.40
N ARG C 185 6.18 12.53 21.14
CA ARG C 185 6.71 11.53 22.05
C ARG C 185 7.51 12.05 23.24
N VAL C 186 7.48 11.27 24.31
CA VAL C 186 8.20 11.58 25.53
C VAL C 186 9.54 10.87 25.41
N TRP C 187 10.61 11.62 25.65
CA TRP C 187 11.96 11.10 25.55
C TRP C 187 12.36 10.30 26.77
N ASN C 188 11.77 10.63 27.91
CA ASN C 188 12.05 9.95 29.16
C ASN C 188 11.64 8.49 29.09
N ALA C 189 12.46 7.61 29.66
CA ALA C 189 12.15 6.18 29.68
C ALA C 189 10.92 5.98 30.55
N GLN C 190 10.91 6.70 31.67
CA GLN C 190 9.80 6.64 32.61
C GLN C 190 9.39 8.07 32.93
N LEU C 191 8.13 8.25 33.28
CA LEU C 191 7.65 9.57 33.63
C LEU C 191 8.45 10.05 34.83
N ILE C 192 8.52 9.21 35.85
CA ILE C 192 9.28 9.58 37.02
C ILE C 192 10.52 8.73 37.11
N ARG C 193 11.67 9.38 37.22
CA ARG C 193 12.94 8.68 37.33
C ARG C 193 14.02 9.57 37.95
N TYR C 194 14.92 8.97 38.72
CA TYR C 194 15.98 9.72 39.38
C TYR C 194 17.17 10.04 38.49
N ALA C 195 17.85 11.12 38.86
CA ALA C 195 19.00 11.59 38.11
C ALA C 195 20.27 10.81 38.42
N GLY C 196 21.19 10.82 37.47
CA GLY C 196 22.46 10.14 37.62
C GLY C 196 23.54 11.11 37.16
N TYR C 197 24.45 11.45 38.06
CA TYR C 197 25.52 12.38 37.72
C TYR C 197 26.89 11.71 37.81
N GLN C 198 27.78 12.03 36.88
CA GLN C 198 29.12 11.48 36.92
C GLN C 198 29.98 12.51 37.63
N MET C 199 30.38 12.19 38.86
CA MET C 199 31.18 13.08 39.68
C MET C 199 32.61 13.29 39.20
N PRO C 200 33.24 14.40 39.62
CA PRO C 200 34.62 14.77 39.27
C PRO C 200 35.65 13.66 39.53
N ASP C 201 35.50 12.98 40.66
CA ASP C 201 36.42 11.90 41.03
C ASP C 201 36.14 10.61 40.23
N GLY C 202 35.26 10.72 39.25
CA GLY C 202 34.93 9.56 38.42
C GLY C 202 33.76 8.72 38.92
N SER C 203 33.46 8.83 40.22
CA SER C 203 32.35 8.06 40.81
C SER C 203 31.02 8.55 40.27
N ILE C 204 29.96 7.84 40.59
CA ILE C 204 28.63 8.22 40.12
C ILE C 204 27.63 8.35 41.25
N ARG C 205 26.94 9.49 41.26
CA ARG C 205 25.94 9.80 42.28
C ARG C 205 24.55 9.69 41.68
N GLY C 206 23.68 8.94 42.36
CA GLY C 206 22.33 8.77 41.88
C GLY C 206 22.14 7.47 41.10
N ASP C 207 21.22 7.51 40.12
CA ASP C 207 20.91 6.35 39.29
C ASP C 207 21.85 6.29 38.09
N PRO C 208 22.88 5.43 38.16
CA PRO C 208 23.87 5.27 37.08
C PRO C 208 23.27 5.01 35.71
N ALA C 209 22.15 4.28 35.68
CA ALA C 209 21.50 3.96 34.42
C ALA C 209 20.88 5.18 33.73
N ASN C 210 20.68 6.25 34.48
CA ASN C 210 20.08 7.45 33.90
C ASN C 210 21.07 8.59 33.67
N VAL C 211 22.36 8.26 33.67
CA VAL C 211 23.42 9.25 33.47
C VAL C 211 23.34 9.95 32.11
N GLU C 212 23.31 9.16 31.05
CA GLU C 212 23.25 9.73 29.70
C GLU C 212 22.06 10.66 29.54
N PHE C 213 20.89 10.21 29.97
CA PHE C 213 19.68 11.01 29.86
C PHE C 213 19.75 12.31 30.67
N THR C 214 20.28 12.24 31.89
CA THR C 214 20.38 13.45 32.71
C THR C 214 21.32 14.42 32.04
N GLN C 215 22.42 13.90 31.48
CA GLN C 215 23.40 14.74 30.78
C GLN C 215 22.67 15.54 29.71
N LEU C 216 21.75 14.87 29.03
CA LEU C 216 20.96 15.52 28.00
C LEU C 216 20.16 16.68 28.61
N CYS C 217 19.47 16.40 29.72
CA CYS C 217 18.65 17.41 30.40
C CYS C 217 19.48 18.63 30.76
N ILE C 218 20.71 18.38 31.16
CA ILE C 218 21.63 19.44 31.53
C ILE C 218 21.90 20.27 30.29
N ASP C 219 22.22 19.59 29.20
CA ASP C 219 22.51 20.25 27.92
C ASP C 219 21.33 21.11 27.50
N LEU C 220 20.13 20.65 27.80
CA LEU C 220 18.93 21.38 27.43
C LEU C 220 18.59 22.53 28.37
N GLY C 221 19.45 22.75 29.36
CA GLY C 221 19.22 23.85 30.29
C GLY C 221 18.90 23.53 31.74
N TRP C 222 18.48 22.30 32.02
CA TRP C 222 18.15 21.92 33.39
C TRP C 222 19.40 21.98 34.26
N LYS C 223 19.30 22.60 35.42
CA LYS C 223 20.47 22.69 36.29
C LYS C 223 20.48 21.55 37.30
N PRO C 224 21.58 20.79 37.33
CA PRO C 224 21.80 19.64 38.22
C PRO C 224 21.78 19.99 39.70
N LYS C 225 21.10 19.18 40.49
CA LYS C 225 21.01 19.42 41.92
C LYS C 225 22.02 18.54 42.68
N TYR C 226 22.71 17.68 41.94
CA TYR C 226 23.73 16.75 42.49
C TYR C 226 23.34 16.02 43.78
N GLY C 227 22.19 15.35 43.72
CA GLY C 227 21.69 14.60 44.85
C GLY C 227 21.38 13.18 44.39
N ARG C 228 21.34 12.26 45.34
CA ARG C 228 21.08 10.86 45.05
C ARG C 228 19.71 10.55 44.48
N PHE C 229 18.70 11.30 44.89
CA PHE C 229 17.34 11.04 44.41
C PHE C 229 16.69 12.27 43.83
N ASP C 230 17.25 12.77 42.73
CA ASP C 230 16.70 13.96 42.10
C ASP C 230 15.86 13.58 40.89
N VAL C 231 14.58 13.94 40.94
CA VAL C 231 13.67 13.64 39.85
C VAL C 231 13.95 14.53 38.64
N VAL C 232 14.27 13.90 37.51
CA VAL C 232 14.55 14.61 36.27
C VAL C 232 13.31 15.31 35.71
N PRO C 233 13.52 16.31 34.85
CA PRO C 233 12.40 17.03 34.25
C PRO C 233 11.81 16.21 33.10
N LEU C 234 10.67 16.65 32.61
CA LEU C 234 10.01 15.96 31.52
C LEU C 234 10.46 16.56 30.20
N VAL C 235 11.04 15.71 29.35
CA VAL C 235 11.50 16.15 28.03
C VAL C 235 10.42 15.82 27.00
N LEU C 236 9.58 16.81 26.71
CA LEU C 236 8.45 16.64 25.78
C LEU C 236 8.63 17.12 24.34
N GLN C 237 8.35 16.23 23.39
CA GLN C 237 8.46 16.54 21.97
C GLN C 237 7.08 16.56 21.32
N ALA C 238 6.70 17.70 20.77
CA ALA C 238 5.41 17.84 20.11
C ALA C 238 5.56 18.10 18.62
N ASN C 239 4.77 17.40 17.80
CA ASN C 239 4.79 17.57 16.36
C ASN C 239 6.15 17.41 15.72
N GLY C 240 7.05 16.68 16.38
CA GLY C 240 8.38 16.48 15.82
C GLY C 240 9.31 17.63 16.16
N ARG C 241 8.75 18.72 16.71
CA ARG C 241 9.53 19.90 17.10
C ARG C 241 10.57 19.55 18.17
N ASP C 242 11.50 20.46 18.41
CA ASP C 242 12.51 20.22 19.46
C ASP C 242 11.75 20.09 20.78
N PRO C 243 12.28 19.28 21.71
CA PRO C 243 11.63 19.08 23.01
C PRO C 243 11.77 20.26 23.99
N GLU C 244 10.90 20.29 24.99
CA GLU C 244 10.92 21.32 26.01
C GLU C 244 10.83 20.67 27.37
N LEU C 245 11.55 21.24 28.33
CA LEU C 245 11.56 20.71 29.68
C LEU C 245 10.39 21.23 30.52
N PHE C 246 9.87 20.37 31.38
CA PHE C 246 8.76 20.72 32.27
C PHE C 246 8.97 19.98 33.59
N GLU C 247 9.23 20.71 34.67
CA GLU C 247 9.42 20.05 35.96
C GLU C 247 8.09 19.59 36.49
N ILE C 248 8.05 18.32 36.91
CA ILE C 248 6.82 17.76 37.45
C ILE C 248 6.62 18.30 38.86
N PRO C 249 5.42 18.84 39.13
CA PRO C 249 5.11 19.39 40.45
C PRO C 249 5.34 18.29 41.47
N PRO C 250 6.30 18.49 42.39
CA PRO C 250 6.65 17.53 43.43
C PRO C 250 5.49 16.95 44.22
N ASP C 251 4.40 17.71 44.32
CA ASP C 251 3.21 17.25 45.04
C ASP C 251 2.69 15.98 44.39
N LEU C 252 2.85 15.89 43.07
CA LEU C 252 2.39 14.75 42.29
C LEU C 252 3.35 13.56 42.32
N VAL C 253 4.55 13.78 42.84
CA VAL C 253 5.52 12.70 42.92
C VAL C 253 5.49 12.05 44.29
N LEU C 254 4.78 10.93 44.39
CA LEU C 254 4.66 10.20 45.64
C LEU C 254 5.83 9.25 45.82
N GLU C 255 6.56 9.42 46.92
CA GLU C 255 7.70 8.57 47.22
C GLU C 255 7.49 7.81 48.52
N VAL C 256 8.32 6.79 48.74
CA VAL C 256 8.26 5.95 49.93
C VAL C 256 9.65 5.83 50.56
N ALA C 257 9.75 6.23 51.82
CA ALA C 257 11.02 6.15 52.55
C ALA C 257 11.26 4.71 52.96
N MET C 258 12.47 4.25 52.73
CA MET C 258 12.85 2.88 53.05
C MET C 258 13.31 2.65 54.48
N GLU C 259 12.67 1.70 55.13
CA GLU C 259 13.02 1.32 56.49
C GLU C 259 12.66 -0.13 56.74
N HIS C 260 13.53 -0.84 57.45
CA HIS C 260 13.34 -2.25 57.75
C HIS C 260 12.59 -2.41 59.08
N PRO C 261 11.65 -3.37 59.15
CA PRO C 261 10.87 -3.61 60.37
C PRO C 261 11.72 -3.95 61.59
N LYS C 262 12.74 -4.79 61.40
CA LYS C 262 13.63 -5.17 62.49
C LYS C 262 14.85 -4.27 62.60
N TYR C 263 15.59 -4.14 61.50
CA TYR C 263 16.82 -3.33 61.49
C TYR C 263 16.59 -1.82 61.43
N GLU C 264 16.76 -1.15 62.57
CA GLU C 264 16.58 0.28 62.64
C GLU C 264 17.65 1.07 61.91
N TRP C 265 18.81 0.46 61.74
CA TRP C 265 19.92 1.10 61.04
C TRP C 265 19.60 1.28 59.55
N PHE C 266 18.57 0.59 59.09
CA PHE C 266 18.21 0.70 57.69
C PHE C 266 17.85 2.13 57.33
N ARG C 267 17.16 2.80 58.24
CA ARG C 267 16.77 4.19 58.01
C ARG C 267 18.01 5.03 57.71
N GLU C 268 19.12 4.65 58.33
CA GLU C 268 20.38 5.37 58.16
C GLU C 268 20.90 5.37 56.72
N LEU C 269 20.54 4.34 55.97
CA LEU C 269 20.96 4.25 54.57
C LEU C 269 20.28 5.38 53.81
N GLU C 270 19.17 5.85 54.37
CA GLU C 270 18.37 6.94 53.81
C GLU C 270 17.97 6.68 52.37
N LEU C 271 17.25 5.60 52.15
CA LEU C 271 16.81 5.25 50.82
C LEU C 271 15.34 5.54 50.65
N LYS C 272 14.92 5.70 49.40
CA LYS C 272 13.52 5.94 49.06
C LYS C 272 13.31 5.61 47.59
N TRP C 273 12.05 5.63 47.14
CA TRP C 273 11.76 5.34 45.73
C TRP C 273 10.37 5.83 45.35
N TYR C 274 10.17 6.16 44.08
CA TYR C 274 8.88 6.62 43.61
C TYR C 274 7.88 5.48 43.59
N ALA C 275 6.60 5.80 43.77
CA ALA C 275 5.56 4.78 43.80
C ALA C 275 5.00 4.44 42.44
N LEU C 276 5.19 5.33 41.48
CA LEU C 276 4.63 5.14 40.15
C LEU C 276 5.55 4.68 39.02
N PRO C 277 5.43 3.42 38.61
CA PRO C 277 6.26 2.89 37.52
C PRO C 277 5.53 3.19 36.22
N ALA C 278 6.11 4.05 35.38
CA ALA C 278 5.46 4.42 34.12
C ALA C 278 6.37 4.48 32.90
N VAL C 279 6.15 3.57 31.95
CA VAL C 279 6.93 3.52 30.72
C VAL C 279 6.38 4.55 29.73
N ALA C 280 7.23 5.48 29.31
CA ALA C 280 6.83 6.52 28.37
C ALA C 280 7.40 6.38 26.96
N ASN C 281 8.66 5.96 26.90
CA ASN C 281 9.41 5.79 25.66
C ASN C 281 8.98 4.67 24.71
N MET C 282 7.82 4.09 24.90
CA MET C 282 7.40 3.01 24.00
C MET C 282 6.36 3.43 22.97
N LEU C 283 6.26 2.61 21.91
CA LEU C 283 5.33 2.83 20.80
C LEU C 283 4.21 1.80 20.73
N LEU C 284 3.01 2.27 20.47
CA LEU C 284 1.85 1.41 20.36
C LEU C 284 1.47 1.17 18.90
N GLU C 285 1.38 -0.09 18.51
CA GLU C 285 1.00 -0.43 17.13
C GLU C 285 -0.41 -1.02 17.13
N VAL C 286 -1.31 -0.39 16.37
CA VAL C 286 -2.68 -0.85 16.27
C VAL C 286 -3.12 -0.91 14.82
N GLY C 287 -3.34 -2.12 14.31
CA GLY C 287 -3.77 -2.29 12.93
C GLY C 287 -3.06 -1.40 11.92
N GLY C 288 -1.73 -1.37 11.97
CA GLY C 288 -0.97 -0.56 11.05
C GLY C 288 -0.58 0.83 11.56
N LEU C 289 -1.41 1.40 12.42
CA LEU C 289 -1.15 2.71 12.99
C LEU C 289 -0.03 2.64 14.02
N GLU C 290 0.67 3.75 14.22
CA GLU C 290 1.76 3.80 15.19
C GLU C 290 1.60 5.01 16.08
N PHE C 291 1.85 4.85 17.38
CA PHE C 291 1.76 5.95 18.35
C PHE C 291 3.03 5.98 19.17
N PRO C 292 3.97 6.85 18.81
CA PRO C 292 5.26 6.98 19.51
C PRO C 292 5.12 7.60 20.91
N GLY C 293 3.98 8.25 21.15
CA GLY C 293 3.76 8.86 22.44
C GLY C 293 2.58 8.21 23.12
N CYS C 294 2.86 7.30 24.06
CA CYS C 294 1.81 6.60 24.80
C CYS C 294 2.33 6.07 26.12
N PRO C 295 2.37 6.93 27.15
CA PRO C 295 2.85 6.56 28.48
C PRO C 295 1.80 5.73 29.18
N PHE C 296 2.25 4.68 29.86
CA PHE C 296 1.36 3.82 30.60
C PHE C 296 2.03 3.41 31.90
N ASN C 297 1.21 3.14 32.92
CA ASN C 297 1.71 2.78 34.23
C ASN C 297 0.87 1.70 34.89
N GLY C 298 1.49 1.06 35.87
CA GLY C 298 0.85 0.03 36.66
C GLY C 298 1.41 0.29 38.05
N TRP C 299 1.52 -0.74 38.87
CA TRP C 299 2.10 -0.57 40.19
C TRP C 299 3.34 -1.43 40.30
N TYR C 300 4.22 -1.07 41.23
CA TYR C 300 5.46 -1.79 41.40
C TYR C 300 5.39 -3.20 41.97
N MET C 301 6.43 -3.97 41.67
CA MET C 301 6.55 -5.31 42.20
C MET C 301 7.85 -5.29 43.02
N GLY C 302 7.76 -5.70 44.27
CA GLY C 302 8.90 -5.70 45.18
C GLY C 302 10.27 -5.79 44.56
N THR C 303 10.54 -6.92 43.91
CA THR C 303 11.84 -7.17 43.28
C THR C 303 12.38 -6.08 42.37
N GLU C 304 11.50 -5.44 41.61
CA GLU C 304 11.91 -4.37 40.70
C GLU C 304 12.81 -3.37 41.43
N ILE C 305 12.35 -2.93 42.60
CA ILE C 305 13.08 -1.96 43.41
C ILE C 305 14.13 -2.63 44.28
N GLY C 306 13.68 -3.60 45.08
CA GLY C 306 14.57 -4.31 45.97
C GLY C 306 15.77 -4.95 45.31
N VAL C 307 15.51 -5.85 44.37
CA VAL C 307 16.58 -6.57 43.68
C VAL C 307 17.27 -5.78 42.59
N ARG C 308 16.48 -5.24 41.66
CA ARG C 308 17.06 -4.51 40.54
C ARG C 308 17.57 -3.12 40.86
N ASP C 309 16.64 -2.22 41.16
CA ASP C 309 17.00 -0.84 41.46
C ASP C 309 18.07 -0.69 42.55
N PHE C 310 17.96 -1.46 43.63
CA PHE C 310 18.89 -1.35 44.75
C PHE C 310 20.13 -2.24 44.74
N CYS C 311 20.03 -3.43 44.18
CA CYS C 311 21.18 -4.33 44.19
C CYS C 311 22.03 -4.42 42.93
N ASP C 312 21.45 -4.13 41.78
CA ASP C 312 22.19 -4.17 40.52
C ASP C 312 23.43 -3.30 40.68
N VAL C 313 24.58 -3.83 40.26
CA VAL C 313 25.83 -3.10 40.35
C VAL C 313 25.77 -1.81 39.53
N GLN C 314 25.10 -1.90 38.38
CA GLN C 314 24.93 -0.78 37.47
C GLN C 314 23.85 0.20 37.95
N ARG C 315 23.21 -0.10 39.09
CA ARG C 315 22.20 0.77 39.66
C ARG C 315 22.70 1.35 40.98
N TYR C 316 21.85 1.39 42.00
CA TYR C 316 22.28 1.94 43.28
C TYR C 316 23.31 1.10 44.03
N ASN C 317 23.35 -0.19 43.73
CA ASN C 317 24.31 -1.11 44.31
C ASN C 317 24.62 -0.90 45.80
N ILE C 318 23.73 -1.40 46.64
CA ILE C 318 23.89 -1.24 48.08
C ILE C 318 24.15 -2.56 48.78
N LEU C 319 24.17 -3.64 48.01
CA LEU C 319 24.37 -4.95 48.57
C LEU C 319 25.54 -5.02 49.56
N GLU C 320 26.70 -4.52 49.13
CA GLU C 320 27.91 -4.50 49.96
C GLU C 320 27.63 -3.88 51.32
N GLU C 321 27.13 -2.66 51.29
CA GLU C 321 26.81 -1.92 52.49
C GLU C 321 25.95 -2.67 53.50
N VAL C 322 24.76 -3.14 53.09
CA VAL C 322 23.88 -3.83 54.02
C VAL C 322 24.47 -5.14 54.52
N GLY C 323 25.36 -5.73 53.73
CA GLY C 323 25.97 -6.97 54.15
C GLY C 323 26.80 -6.70 55.38
N ARG C 324 27.54 -5.60 55.35
CA ARG C 324 28.39 -5.18 56.45
C ARG C 324 27.52 -4.83 57.64
N ARG C 325 26.47 -4.05 57.38
CA ARG C 325 25.55 -3.62 58.42
C ARG C 325 24.92 -4.80 59.16
N MET C 326 24.65 -5.88 58.42
CA MET C 326 24.06 -7.08 59.01
C MET C 326 25.14 -7.90 59.71
N GLY C 327 26.38 -7.47 59.54
CA GLY C 327 27.51 -8.16 60.16
C GLY C 327 27.72 -9.56 59.60
N LEU C 328 27.58 -9.69 58.28
CA LEU C 328 27.73 -10.98 57.61
C LEU C 328 29.16 -11.12 57.06
N GLU C 329 29.54 -12.35 56.71
CA GLU C 329 30.86 -12.60 56.15
C GLU C 329 30.89 -12.12 54.71
N THR C 330 30.98 -10.81 54.53
CA THR C 330 30.98 -10.22 53.19
C THR C 330 32.16 -10.59 52.31
N HIS C 331 33.00 -11.51 52.79
CA HIS C 331 34.16 -11.93 52.02
C HIS C 331 34.07 -13.37 51.56
N LYS C 332 33.42 -14.20 52.36
CA LYS C 332 33.24 -15.60 52.00
C LYS C 332 31.93 -15.71 51.20
N LEU C 333 32.04 -15.88 49.89
CA LEU C 333 30.86 -15.99 49.02
C LEU C 333 29.96 -17.17 49.41
N ALA C 334 30.58 -18.29 49.75
CA ALA C 334 29.87 -19.48 50.14
C ALA C 334 29.02 -19.29 51.41
N SER C 335 29.13 -18.13 52.05
CA SER C 335 28.36 -17.84 53.25
C SER C 335 26.94 -17.44 52.85
N LEU C 336 26.76 -17.15 51.56
CA LEU C 336 25.47 -16.74 51.00
C LEU C 336 24.99 -15.44 51.62
N TRP C 337 25.95 -14.62 52.06
CA TRP C 337 25.62 -13.34 52.66
C TRP C 337 24.86 -12.48 51.67
N LYS C 338 25.28 -12.55 50.41
CA LYS C 338 24.64 -11.79 49.35
C LYS C 338 23.14 -12.09 49.30
N ASP C 339 22.79 -13.36 49.46
CA ASP C 339 21.41 -13.79 49.42
C ASP C 339 20.61 -13.30 50.62
N GLN C 340 21.14 -13.48 51.82
CA GLN C 340 20.42 -13.02 53.01
C GLN C 340 20.18 -11.53 52.89
N ALA C 341 21.18 -10.82 52.41
CA ALA C 341 21.11 -9.37 52.25
C ALA C 341 20.00 -8.94 51.30
N VAL C 342 19.93 -9.58 50.14
CA VAL C 342 18.91 -9.24 49.16
C VAL C 342 17.51 -9.50 49.72
N VAL C 343 17.37 -10.62 50.44
CA VAL C 343 16.09 -10.98 51.02
C VAL C 343 15.66 -9.88 52.00
N GLU C 344 16.58 -9.49 52.86
CA GLU C 344 16.29 -8.48 53.86
C GLU C 344 15.95 -7.14 53.22
N ILE C 345 16.66 -6.78 52.18
CA ILE C 345 16.42 -5.53 51.49
C ILE C 345 15.02 -5.53 50.90
N ASN C 346 14.64 -6.66 50.30
CA ASN C 346 13.33 -6.75 49.69
C ASN C 346 12.20 -6.73 50.68
N ILE C 347 12.47 -7.20 51.89
CA ILE C 347 11.46 -7.19 52.95
C ILE C 347 11.24 -5.74 53.34
N ALA C 348 12.35 -4.99 53.39
CA ALA C 348 12.31 -3.58 53.75
C ALA C 348 11.42 -2.82 52.78
N VAL C 349 11.59 -3.11 51.50
CA VAL C 349 10.81 -2.46 50.45
C VAL C 349 9.32 -2.69 50.63
N LEU C 350 8.92 -3.96 50.68
CA LEU C 350 7.52 -4.31 50.85
C LEU C 350 6.98 -3.65 52.13
N HIS C 351 7.68 -3.87 53.24
CA HIS C 351 7.27 -3.30 54.52
C HIS C 351 7.04 -1.80 54.44
N SER C 352 7.97 -1.08 53.84
CA SER C 352 7.88 0.36 53.72
C SER C 352 6.64 0.80 52.96
N PHE C 353 6.29 0.08 51.89
CA PHE C 353 5.11 0.42 51.12
C PHE C 353 3.84 0.11 51.90
N GLN C 354 3.79 -1.08 52.50
CA GLN C 354 2.63 -1.50 53.28
C GLN C 354 2.37 -0.50 54.40
N LYS C 355 3.43 -0.16 55.13
CA LYS C 355 3.32 0.77 56.25
C LYS C 355 2.85 2.16 55.82
N GLN C 356 3.18 2.54 54.59
CA GLN C 356 2.76 3.85 54.12
C GLN C 356 1.52 3.83 53.26
N ASN C 357 0.82 2.70 53.28
CA ASN C 357 -0.42 2.53 52.54
C ASN C 357 -0.33 2.79 51.04
N VAL C 358 0.76 2.32 50.45
CA VAL C 358 0.99 2.47 49.03
C VAL C 358 0.96 1.08 48.39
N THR C 359 0.21 0.97 47.30
CA THR C 359 0.06 -0.29 46.59
C THR C 359 1.40 -0.85 46.11
N ILE C 360 1.65 -2.10 46.45
CA ILE C 360 2.87 -2.80 46.06
C ILE C 360 2.49 -4.28 45.97
N MET C 361 3.25 -5.04 45.20
CA MET C 361 2.94 -6.45 45.05
C MET C 361 4.21 -7.29 45.05
N ASP C 362 4.28 -8.25 45.97
CA ASP C 362 5.45 -9.11 46.07
C ASP C 362 5.47 -10.07 44.89
N HIS C 363 6.67 -10.46 44.48
CA HIS C 363 6.82 -11.35 43.34
C HIS C 363 6.12 -12.68 43.44
N HIS C 364 5.89 -13.16 44.66
CA HIS C 364 5.22 -14.45 44.80
C HIS C 364 3.77 -14.34 44.40
N SER C 365 3.12 -13.31 44.90
CA SER C 365 1.71 -13.09 44.61
C SER C 365 1.55 -12.77 43.12
N ALA C 366 2.52 -12.03 42.59
CA ALA C 366 2.51 -11.66 41.19
C ALA C 366 2.55 -12.91 40.32
N ALA C 367 3.52 -13.78 40.61
CA ALA C 367 3.68 -15.02 39.86
C ALA C 367 2.44 -15.88 39.87
N GLU C 368 1.84 -16.04 41.04
CA GLU C 368 0.65 -16.86 41.15
C GLU C 368 -0.47 -16.27 40.33
N SER C 369 -0.60 -14.95 40.34
CA SER C 369 -1.65 -14.26 39.60
C SER C 369 -1.42 -14.51 38.11
N PHE C 370 -0.16 -14.51 37.71
CA PHE C 370 0.14 -14.72 36.32
C PHE C 370 -0.31 -16.10 35.87
N MET C 371 0.03 -17.13 36.63
CA MET C 371 -0.36 -18.49 36.27
C MET C 371 -1.85 -18.59 36.01
N LYS C 372 -2.62 -17.88 36.84
CA LYS C 372 -4.07 -17.86 36.72
C LYS C 372 -4.41 -17.21 35.37
N TYR C 373 -3.85 -16.03 35.14
CA TYR C 373 -4.07 -15.30 33.89
C TYR C 373 -3.74 -16.17 32.69
N MET C 374 -2.58 -16.81 32.74
CA MET C 374 -2.13 -17.64 31.65
C MET C 374 -3.15 -18.71 31.32
N GLN C 375 -3.62 -19.41 32.34
CA GLN C 375 -4.59 -20.46 32.14
C GLN C 375 -5.82 -19.91 31.44
N ASN C 376 -6.27 -18.72 31.86
CA ASN C 376 -7.44 -18.07 31.27
C ASN C 376 -7.23 -17.76 29.80
N GLU C 377 -6.02 -17.33 29.47
CA GLU C 377 -5.67 -16.99 28.11
C GLU C 377 -5.85 -18.19 27.18
N TYR C 378 -5.46 -19.37 27.67
CA TYR C 378 -5.58 -20.56 26.86
C TYR C 378 -7.01 -21.03 26.67
N ARG C 379 -7.93 -20.45 27.43
CA ARG C 379 -9.33 -20.80 27.28
C ARG C 379 -9.92 -19.80 26.33
N SER C 380 -9.62 -18.53 26.58
CA SER C 380 -10.12 -17.43 25.78
C SER C 380 -9.66 -17.50 24.32
N ARG C 381 -8.35 -17.54 24.13
CA ARG C 381 -7.80 -17.56 22.79
C ARG C 381 -6.76 -18.64 22.51
N GLY C 382 -6.71 -19.68 23.34
CA GLY C 382 -5.76 -20.76 23.13
C GLY C 382 -4.32 -20.30 22.91
N GLY C 383 -3.89 -19.33 23.71
CA GLY C 383 -2.53 -18.83 23.57
C GLY C 383 -2.24 -17.68 24.51
N CYS C 384 -0.95 -17.47 24.76
CA CYS C 384 -0.48 -16.42 25.65
C CYS C 384 1.01 -16.22 25.41
N PRO C 385 1.38 -15.14 24.70
CA PRO C 385 2.78 -14.82 24.39
C PRO C 385 3.49 -14.53 25.70
N ALA C 386 4.63 -15.19 25.91
CA ALA C 386 5.35 -15.01 27.15
C ALA C 386 6.85 -15.18 27.04
N ASP C 387 7.57 -14.14 27.45
CA ASP C 387 9.02 -14.14 27.45
C ASP C 387 9.47 -14.63 28.83
N TRP C 388 9.77 -15.92 28.91
CA TRP C 388 10.19 -16.55 30.16
C TRP C 388 11.30 -15.75 30.87
N ILE C 389 12.32 -15.35 30.12
CA ILE C 389 13.45 -14.60 30.67
C ILE C 389 13.06 -13.37 31.48
N TRP C 390 12.01 -12.69 31.03
CA TRP C 390 11.55 -11.48 31.70
C TRP C 390 10.51 -11.71 32.78
N LEU C 391 9.76 -12.81 32.65
CA LEU C 391 8.72 -13.11 33.62
C LEU C 391 9.19 -13.70 34.94
N VAL C 392 10.27 -14.48 34.93
CA VAL C 392 10.79 -15.05 36.17
C VAL C 392 11.55 -13.99 36.97
N PRO C 393 11.09 -13.73 38.21
CA PRO C 393 11.64 -12.76 39.17
C PRO C 393 13.15 -12.87 39.37
N PRO C 394 13.82 -11.72 39.59
CA PRO C 394 15.27 -11.63 39.79
C PRO C 394 15.78 -12.39 41.00
N MET C 395 14.88 -12.88 41.84
CA MET C 395 15.26 -13.64 43.02
C MET C 395 14.33 -14.82 43.25
N SER C 396 14.89 -15.90 43.77
CA SER C 396 14.12 -17.10 44.07
C SER C 396 13.31 -17.61 42.87
N GLY C 397 13.96 -17.63 41.70
CA GLY C 397 13.31 -18.08 40.48
C GLY C 397 12.53 -19.38 40.59
N SER C 398 13.23 -20.47 40.92
CA SER C 398 12.61 -21.79 41.07
C SER C 398 11.44 -21.82 42.06
N ILE C 399 11.41 -20.87 42.98
CA ILE C 399 10.35 -20.81 43.99
C ILE C 399 9.04 -20.25 43.45
N THR C 400 9.09 -19.75 42.22
CA THR C 400 7.90 -19.20 41.58
C THR C 400 7.46 -20.18 40.50
N PRO C 401 6.14 -20.41 40.40
CA PRO C 401 5.57 -21.33 39.41
C PRO C 401 5.94 -21.06 37.95
N VAL C 402 6.11 -19.78 37.62
CA VAL C 402 6.45 -19.41 36.25
C VAL C 402 7.78 -20.02 35.82
N PHE C 403 8.68 -20.21 36.77
CA PHE C 403 9.98 -20.79 36.46
C PHE C 403 9.83 -22.14 35.81
N HIS C 404 8.85 -22.90 36.28
CA HIS C 404 8.62 -24.23 35.76
C HIS C 404 7.70 -24.29 34.56
N GLN C 405 7.11 -23.16 34.21
CA GLN C 405 6.19 -23.12 33.08
C GLN C 405 6.87 -22.94 31.72
N GLU C 406 6.61 -23.85 30.79
CA GLU C 406 7.16 -23.74 29.46
C GLU C 406 6.30 -22.68 28.79
N MET C 407 6.93 -21.78 28.05
CA MET C 407 6.17 -20.73 27.38
C MET C 407 6.72 -20.32 26.03
N LEU C 408 5.79 -19.89 25.17
CA LEU C 408 6.12 -19.45 23.81
C LEU C 408 6.06 -17.94 23.70
N ASN C 409 7.06 -17.38 23.03
CA ASN C 409 7.15 -15.95 22.84
C ASN C 409 6.88 -15.56 21.39
N TYR C 410 5.93 -14.66 21.19
CA TYR C 410 5.59 -14.22 19.85
C TYR C 410 4.86 -12.86 19.83
N VAL C 411 5.08 -12.13 18.73
CA VAL C 411 4.49 -10.81 18.54
C VAL C 411 3.14 -10.81 17.83
N LEU C 412 2.15 -10.18 18.47
CA LEU C 412 0.81 -10.07 17.91
C LEU C 412 0.51 -8.60 17.62
N SER C 413 -0.78 -8.28 17.53
CA SER C 413 -1.19 -6.91 17.28
C SER C 413 -2.59 -6.75 17.85
N PRO C 414 -2.85 -5.64 18.55
CA PRO C 414 -1.96 -4.52 18.86
C PRO C 414 -0.73 -4.96 19.66
N PHE C 415 0.26 -4.07 19.80
CA PHE C 415 1.49 -4.43 20.49
C PHE C 415 2.28 -3.22 20.92
N TYR C 416 3.08 -3.38 21.97
CA TYR C 416 3.92 -2.30 22.47
C TYR C 416 5.38 -2.54 22.09
N TYR C 417 5.85 -1.82 21.08
CA TYR C 417 7.22 -1.95 20.61
C TYR C 417 8.17 -0.93 21.24
N TYR C 418 9.43 -1.32 21.35
CA TYR C 418 10.45 -0.42 21.87
C TYR C 418 10.76 0.51 20.71
N GLN C 419 11.25 1.70 21.03
CA GLN C 419 11.60 2.66 19.99
C GLN C 419 13.07 3.00 20.14
N VAL C 420 13.63 3.70 19.15
CA VAL C 420 15.01 4.12 19.22
C VAL C 420 14.97 5.44 19.98
N GLU C 421 15.83 5.57 20.98
CA GLU C 421 15.90 6.77 21.81
C GLU C 421 15.88 8.02 20.96
N ALA C 422 14.84 8.82 21.15
CA ALA C 422 14.63 10.05 20.40
C ALA C 422 15.85 10.91 20.09
N TRP C 423 16.67 11.18 21.10
CA TRP C 423 17.86 12.00 20.89
C TRP C 423 18.85 11.43 19.88
N LYS C 424 18.81 10.11 19.69
CA LYS C 424 19.72 9.47 18.75
C LYS C 424 19.34 9.65 17.28
N THR C 425 18.08 10.00 17.00
CA THR C 425 17.64 10.17 15.61
C THR C 425 17.07 11.54 15.28
N HIS C 426 16.44 12.18 16.27
CA HIS C 426 15.84 13.49 16.08
C HIS C 426 16.79 14.51 15.45
N VAL C 427 16.25 15.30 14.52
CA VAL C 427 17.01 16.35 13.82
C VAL C 427 16.66 17.71 14.43
N TRP C 428 17.67 18.36 15.00
CA TRP C 428 17.51 19.65 15.66
C TRP C 428 17.19 20.85 14.76
N GLN C 429 16.43 21.78 15.32
CA GLN C 429 16.05 23.00 14.62
C GLN C 429 16.89 24.17 15.12
N ARG D 10 30.28 -12.88 9.40
CA ARG D 10 29.29 -11.99 10.06
C ARG D 10 29.50 -12.01 11.57
N HIS D 11 29.39 -10.83 12.17
CA HIS D 11 29.57 -10.65 13.61
C HIS D 11 28.29 -10.24 14.31
N VAL D 12 27.94 -10.95 15.39
CA VAL D 12 26.74 -10.64 16.19
C VAL D 12 27.17 -10.09 17.55
N ARG D 13 26.74 -8.86 17.83
CA ARG D 13 27.08 -8.16 19.06
C ARG D 13 26.23 -8.52 20.28
N ILE D 14 26.91 -8.86 21.39
CA ILE D 14 26.25 -9.19 22.66
C ILE D 14 26.88 -8.39 23.80
N LYS D 15 26.04 -7.89 24.70
CA LYS D 15 26.51 -7.07 25.80
C LYS D 15 26.19 -7.61 27.18
N ASN D 16 27.06 -7.32 28.14
CA ASN D 16 26.86 -7.73 29.52
C ASN D 16 26.50 -6.43 30.22
N TRP D 17 25.20 -6.16 30.34
CA TRP D 17 24.71 -4.93 30.96
C TRP D 17 25.24 -4.59 32.35
N GLY D 18 25.80 -5.58 33.04
CA GLY D 18 26.35 -5.36 34.37
C GLY D 18 27.70 -4.70 34.33
N SER D 19 28.57 -5.23 33.48
CA SER D 19 29.92 -4.71 33.32
C SER D 19 30.07 -3.79 32.11
N GLY D 20 29.10 -3.84 31.21
CA GLY D 20 29.15 -3.04 29.99
C GLY D 20 30.00 -3.70 28.91
N MET D 21 30.74 -4.75 29.29
CA MET D 21 31.62 -5.46 28.36
C MET D 21 30.85 -6.11 27.22
N THR D 22 31.31 -5.83 26.02
CA THR D 22 30.67 -6.35 24.83
C THR D 22 31.53 -7.38 24.09
N PHE D 23 30.88 -8.40 23.53
CA PHE D 23 31.54 -9.47 22.77
C PHE D 23 31.03 -9.45 21.33
N GLN D 24 31.81 -10.05 20.43
CA GLN D 24 31.43 -10.15 19.02
C GLN D 24 31.48 -11.63 18.64
N ASP D 25 30.30 -12.26 18.56
CA ASP D 25 30.21 -13.67 18.24
C ASP D 25 30.31 -13.98 16.76
N THR D 26 31.21 -14.89 16.42
CA THR D 26 31.45 -15.32 15.04
C THR D 26 31.25 -16.84 14.94
N LEU D 27 31.45 -17.51 16.07
CA LEU D 27 31.34 -18.96 16.17
C LEU D 27 29.97 -19.51 15.78
N HIS D 28 28.94 -18.66 15.78
CA HIS D 28 27.58 -19.08 15.44
C HIS D 28 27.42 -19.58 14.00
N HIS D 29 28.42 -19.28 13.17
CA HIS D 29 28.40 -19.71 11.77
C HIS D 29 28.73 -21.18 11.64
N LYS D 30 29.70 -21.65 12.43
CA LYS D 30 30.12 -23.04 12.44
C LYS D 30 28.98 -23.93 12.99
N ALA D 31 27.91 -23.29 13.49
CA ALA D 31 26.77 -23.97 14.04
C ALA D 31 25.75 -24.46 13.02
N LYS D 32 25.39 -25.73 13.15
CA LYS D 32 24.40 -26.36 12.27
C LYS D 32 23.02 -25.79 12.59
N GLY D 33 22.30 -25.42 11.53
CA GLY D 33 20.99 -24.83 11.69
C GLY D 33 19.84 -25.78 12.01
N ILE D 34 19.97 -26.49 13.13
CA ILE D 34 18.94 -27.44 13.58
C ILE D 34 18.31 -26.99 14.90
N LEU D 35 17.26 -26.18 14.83
CA LEU D 35 16.58 -25.69 16.04
C LEU D 35 15.05 -25.80 16.01
N THR D 36 14.46 -26.05 17.19
CA THR D 36 13.00 -26.17 17.35
C THR D 36 12.34 -24.78 17.29
N CYS D 37 13.14 -23.72 17.48
CA CYS D 37 12.66 -22.34 17.40
C CYS D 37 12.84 -21.74 15.99
N ARG D 38 12.35 -20.51 15.78
CA ARG D 38 12.45 -19.87 14.47
C ARG D 38 12.24 -18.35 14.41
N SER D 39 12.12 -17.84 13.19
CA SER D 39 11.90 -16.41 12.93
C SER D 39 10.40 -16.13 12.87
N LYS D 40 9.63 -16.75 13.79
CA LYS D 40 8.17 -16.59 13.89
C LYS D 40 7.61 -17.05 15.26
N SER D 41 8.44 -17.69 16.08
CA SER D 41 8.10 -18.18 17.42
C SER D 41 9.29 -18.90 18.09
N CYS D 42 10.08 -18.20 18.92
CA CYS D 42 11.22 -18.89 19.55
C CYS D 42 10.75 -19.87 20.62
N LEU D 43 11.04 -21.14 20.35
CA LEU D 43 10.74 -22.26 21.23
C LEU D 43 11.77 -22.27 22.36
N GLY D 44 12.05 -21.07 22.88
CA GLY D 44 12.97 -20.91 23.98
C GLY D 44 12.11 -20.96 25.21
N SER D 45 12.41 -21.93 26.07
CA SER D 45 11.72 -22.22 27.34
C SER D 45 11.29 -23.68 27.37
N ILE D 46 11.66 -24.43 26.34
CA ILE D 46 11.30 -25.84 26.30
C ILE D 46 12.36 -26.66 27.03
N MET D 47 11.87 -27.50 27.92
CA MET D 47 12.70 -28.39 28.72
C MET D 47 13.59 -29.24 27.82
N THR D 48 12.96 -29.92 26.87
CA THR D 48 13.67 -30.79 25.96
C THR D 48 13.16 -30.68 24.53
N PRO D 49 13.67 -29.71 23.76
CA PRO D 49 13.29 -29.46 22.37
C PRO D 49 13.71 -30.64 21.51
N LYS D 50 13.01 -30.85 20.40
CA LYS D 50 13.35 -31.94 19.51
C LYS D 50 14.74 -31.72 18.91
N SER D 51 15.10 -30.45 18.76
CA SER D 51 16.39 -30.06 18.19
C SER D 51 17.57 -30.53 19.03
N LEU D 52 17.35 -30.62 20.35
CA LEU D 52 18.40 -31.04 21.25
C LEU D 52 18.42 -32.55 21.42
N THR D 53 17.40 -33.20 20.86
CA THR D 53 17.28 -34.65 20.96
C THR D 53 17.88 -35.34 19.74
N ARG D 54 18.41 -36.53 19.98
CA ARG D 54 19.01 -37.34 18.92
C ARG D 54 18.41 -38.74 19.12
N GLY D 55 17.26 -38.95 18.49
CA GLY D 55 16.53 -40.20 18.59
C GLY D 55 17.24 -41.47 18.13
N PRO D 56 16.57 -42.62 18.19
CA PRO D 56 17.14 -43.90 17.77
C PRO D 56 17.05 -44.13 16.27
N ARG D 57 17.72 -45.19 15.82
CA ARG D 57 17.72 -45.56 14.40
C ARG D 57 17.67 -47.09 14.29
N ASP D 58 17.38 -47.57 13.09
CA ASP D 58 17.29 -49.01 12.82
C ASP D 58 18.20 -49.37 11.65
N LYS D 59 18.79 -48.35 11.02
CA LYS D 59 19.69 -48.52 9.89
C LYS D 59 20.95 -47.71 10.19
N PRO D 60 22.13 -48.26 9.88
CA PRO D 60 23.39 -47.56 10.14
C PRO D 60 23.39 -46.20 9.44
N THR D 61 24.24 -45.30 9.94
CA THR D 61 24.33 -43.97 9.37
C THR D 61 24.92 -44.09 7.96
N PRO D 62 24.17 -43.63 6.92
CA PRO D 62 24.58 -43.66 5.52
C PRO D 62 25.99 -43.12 5.31
N PRO D 63 26.91 -43.96 4.80
CA PRO D 63 28.32 -43.62 4.55
C PRO D 63 28.57 -42.30 3.82
N ASP D 64 27.71 -41.99 2.86
CA ASP D 64 27.85 -40.76 2.08
C ASP D 64 27.65 -39.49 2.90
N GLU D 65 26.73 -39.52 3.85
CA GLU D 65 26.48 -38.36 4.70
C GLU D 65 27.38 -38.36 5.95
N LEU D 66 27.90 -39.53 6.29
CA LEU D 66 28.78 -39.68 7.45
C LEU D 66 30.17 -39.13 7.14
N LEU D 67 30.59 -39.26 5.90
CA LEU D 67 31.91 -38.80 5.46
C LEU D 67 32.22 -37.31 5.66
N PRO D 68 31.34 -36.40 5.20
CA PRO D 68 31.56 -34.96 5.34
C PRO D 68 31.82 -34.59 6.80
N GLN D 69 30.99 -35.16 7.67
CA GLN D 69 31.07 -34.92 9.11
C GLN D 69 32.37 -35.50 9.68
N ALA D 70 32.75 -36.67 9.21
CA ALA D 70 33.96 -37.35 9.64
C ALA D 70 35.19 -36.50 9.34
N ILE D 71 35.26 -36.00 8.12
CA ILE D 71 36.37 -35.16 7.70
C ILE D 71 36.38 -33.89 8.54
N GLU D 72 35.20 -33.29 8.63
CA GLU D 72 34.99 -32.07 9.40
C GLU D 72 35.61 -32.17 10.78
N PHE D 73 35.31 -33.26 11.46
CA PHE D 73 35.85 -33.52 12.79
C PHE D 73 37.37 -33.59 12.79
N VAL D 74 37.92 -34.47 11.95
CA VAL D 74 39.37 -34.65 11.86
C VAL D 74 40.12 -33.33 11.71
N ASN D 75 39.54 -32.43 10.92
CA ASN D 75 40.14 -31.12 10.70
C ASN D 75 40.14 -30.36 12.00
N GLN D 76 38.98 -30.35 12.66
CA GLN D 76 38.82 -29.67 13.94
C GLN D 76 39.83 -30.22 14.95
N TYR D 77 39.99 -31.55 14.93
CA TYR D 77 40.92 -32.23 15.83
C TYR D 77 42.34 -31.75 15.62
N TYR D 78 42.80 -31.80 14.38
CA TYR D 78 44.15 -31.37 14.07
C TYR D 78 44.32 -29.86 14.17
N GLY D 79 43.20 -29.15 14.05
CA GLY D 79 43.22 -27.70 14.15
C GLY D 79 43.47 -27.25 15.57
N SER D 80 43.25 -28.16 16.53
CA SER D 80 43.44 -27.86 17.95
C SER D 80 44.93 -27.72 18.32
N PHE D 81 45.77 -28.53 17.69
CA PHE D 81 47.20 -28.52 17.97
C PHE D 81 47.89 -27.22 17.63
N LYS D 82 48.86 -26.87 18.47
CA LYS D 82 49.67 -25.67 18.29
C LYS D 82 50.37 -25.72 16.93
N GLU D 83 51.36 -26.62 16.82
CA GLU D 83 52.09 -26.80 15.56
C GLU D 83 51.39 -27.87 14.71
N ALA D 84 50.96 -27.47 13.52
CA ALA D 84 50.26 -28.36 12.60
C ALA D 84 51.03 -29.63 12.25
N LYS D 85 50.33 -30.76 12.31
CA LYS D 85 50.92 -32.06 11.98
C LYS D 85 50.45 -32.39 10.57
N ILE D 86 50.90 -31.61 9.58
CA ILE D 86 50.51 -31.79 8.18
C ILE D 86 50.58 -33.25 7.74
N GLU D 87 51.66 -33.91 8.15
CA GLU D 87 51.90 -35.31 7.83
C GLU D 87 50.75 -36.18 8.33
N GLU D 88 50.67 -36.33 9.66
CA GLU D 88 49.65 -37.16 10.32
C GLU D 88 48.24 -36.78 9.91
N HIS D 89 48.01 -35.48 9.72
CA HIS D 89 46.71 -34.94 9.33
C HIS D 89 46.23 -35.60 8.05
N LEU D 90 47.00 -35.43 6.99
CA LEU D 90 46.69 -36.00 5.70
C LEU D 90 46.53 -37.53 5.82
N ALA D 91 47.44 -38.15 6.56
CA ALA D 91 47.44 -39.59 6.81
C ALA D 91 46.12 -40.06 7.42
N ARG D 92 45.65 -39.32 8.43
CA ARG D 92 44.42 -39.64 9.12
C ARG D 92 43.21 -39.52 8.18
N VAL D 93 43.10 -38.38 7.52
CA VAL D 93 42.00 -38.11 6.58
C VAL D 93 41.83 -39.25 5.59
N GLU D 94 42.97 -39.76 5.12
CA GLU D 94 43.01 -40.87 4.18
C GLU D 94 42.43 -42.12 4.83
N ALA D 95 43.07 -42.53 5.92
CA ALA D 95 42.69 -43.72 6.69
C ALA D 95 41.20 -43.76 7.00
N VAL D 96 40.65 -42.62 7.38
CA VAL D 96 39.24 -42.49 7.73
C VAL D 96 38.35 -42.72 6.51
N THR D 97 38.63 -41.97 5.44
CA THR D 97 37.85 -42.07 4.19
C THR D 97 37.78 -43.52 3.74
N LYS D 98 38.96 -44.16 3.69
CA LYS D 98 39.09 -45.56 3.30
C LYS D 98 38.15 -46.40 4.15
N GLU D 99 38.34 -46.31 5.46
CA GLU D 99 37.56 -47.05 6.46
C GLU D 99 36.05 -46.87 6.32
N ILE D 100 35.60 -45.64 6.06
CA ILE D 100 34.16 -45.36 5.92
C ILE D 100 33.50 -46.05 4.73
N GLU D 101 34.16 -46.03 3.58
CA GLU D 101 33.59 -46.68 2.40
C GLU D 101 33.84 -48.18 2.34
N THR D 102 34.85 -48.64 3.08
CA THR D 102 35.17 -50.06 3.11
C THR D 102 34.44 -50.81 4.24
N THR D 103 34.08 -50.09 5.30
CA THR D 103 33.40 -50.70 6.44
C THR D 103 32.04 -50.08 6.74
N GLY D 104 31.78 -48.90 6.18
CA GLY D 104 30.52 -48.21 6.41
C GLY D 104 30.54 -47.21 7.57
N THR D 105 31.58 -47.28 8.38
CA THR D 105 31.74 -46.40 9.54
C THR D 105 33.24 -46.29 9.86
N TYR D 106 33.58 -45.85 11.06
CA TYR D 106 34.98 -45.73 11.45
C TYR D 106 35.20 -45.63 12.95
N GLN D 107 36.44 -45.88 13.37
CA GLN D 107 36.83 -45.81 14.77
C GLN D 107 37.68 -44.57 15.03
N LEU D 108 37.56 -44.03 16.24
CA LEU D 108 38.33 -42.85 16.65
C LEU D 108 39.61 -43.27 17.38
N THR D 109 40.67 -42.49 17.21
CA THR D 109 41.92 -42.80 17.89
C THR D 109 41.75 -42.51 19.38
N GLY D 110 42.68 -43.00 20.19
CA GLY D 110 42.61 -42.78 21.62
C GLY D 110 42.50 -41.31 21.96
N ASP D 111 43.49 -40.52 21.53
CA ASP D 111 43.48 -39.09 21.82
C ASP D 111 42.33 -38.34 21.16
N GLU D 112 41.84 -38.84 20.03
CA GLU D 112 40.72 -38.19 19.34
C GLU D 112 39.47 -38.21 20.20
N LEU D 113 39.23 -39.34 20.86
CA LEU D 113 38.09 -39.50 21.74
C LEU D 113 38.21 -38.51 22.89
N ILE D 114 39.38 -38.49 23.54
CA ILE D 114 39.64 -37.58 24.66
C ILE D 114 39.28 -36.15 24.26
N PHE D 115 39.78 -35.74 23.10
CA PHE D 115 39.51 -34.41 22.58
C PHE D 115 38.00 -34.18 22.39
N ALA D 116 37.34 -35.14 21.73
CA ALA D 116 35.91 -35.06 21.46
C ALA D 116 35.03 -34.87 22.69
N THR D 117 35.34 -35.60 23.77
CA THR D 117 34.58 -35.52 25.01
C THR D 117 34.72 -34.14 25.63
N LYS D 118 35.96 -33.67 25.76
CA LYS D 118 36.23 -32.36 26.33
C LYS D 118 35.60 -31.25 25.49
N GLN D 119 35.61 -31.45 24.17
CA GLN D 119 35.05 -30.46 23.25
C GLN D 119 33.54 -30.39 23.34
N ALA D 120 32.91 -31.56 23.40
CA ALA D 120 31.45 -31.66 23.49
C ALA D 120 30.95 -31.02 24.78
N TRP D 121 31.76 -31.13 25.84
CA TRP D 121 31.44 -30.53 27.14
C TRP D 121 31.52 -29.02 26.93
N ARG D 122 32.64 -28.58 26.36
CA ARG D 122 32.88 -27.18 26.09
C ARG D 122 31.75 -26.62 25.20
N ASN D 123 31.14 -27.50 24.42
CA ASN D 123 30.06 -27.11 23.52
C ASN D 123 28.66 -27.23 24.11
N ALA D 124 28.56 -27.71 25.35
CA ALA D 124 27.26 -27.85 26.02
C ALA D 124 26.85 -26.48 26.58
N PRO D 125 25.86 -25.83 25.92
CA PRO D 125 25.35 -24.52 26.30
C PRO D 125 24.63 -24.41 27.65
N ARG D 126 24.30 -25.56 28.24
CA ARG D 126 23.60 -25.57 29.53
C ARG D 126 24.48 -25.82 30.74
N CYS D 127 25.74 -26.17 30.53
CA CYS D 127 26.64 -26.43 31.64
C CYS D 127 27.30 -25.14 32.08
N ILE D 128 27.15 -24.82 33.37
CA ILE D 128 27.73 -23.61 33.93
C ILE D 128 29.15 -23.83 34.46
N GLY D 129 29.50 -25.10 34.66
CA GLY D 129 30.83 -25.43 35.16
C GLY D 129 31.82 -25.69 34.06
N ARG D 130 31.52 -25.18 32.86
CA ARG D 130 32.38 -25.36 31.69
C ARG D 130 33.79 -24.83 31.77
N ILE D 131 34.13 -24.10 32.83
CA ILE D 131 35.48 -23.57 32.97
C ILE D 131 36.44 -24.75 33.22
N GLN D 132 35.87 -25.87 33.62
CA GLN D 132 36.63 -27.10 33.90
C GLN D 132 36.73 -28.04 32.71
N TRP D 133 36.26 -27.61 31.54
CA TRP D 133 36.25 -28.46 30.34
C TRP D 133 37.56 -29.17 29.97
N SER D 134 38.71 -28.59 30.31
CA SER D 134 40.01 -29.21 30.01
C SER D 134 40.37 -30.32 30.99
N ASN D 135 39.84 -30.25 32.21
CA ASN D 135 40.08 -31.27 33.23
C ASN D 135 39.00 -32.35 33.16
N LEU D 136 39.29 -33.43 32.46
CA LEU D 136 38.33 -34.52 32.32
C LEU D 136 39.02 -35.85 32.15
N GLN D 137 38.62 -36.81 32.97
CA GLN D 137 39.16 -38.16 32.91
C GLN D 137 38.31 -38.97 31.94
N VAL D 138 38.96 -39.58 30.96
CA VAL D 138 38.23 -40.36 29.96
C VAL D 138 38.50 -41.86 30.05
N PHE D 139 37.44 -42.64 30.25
CA PHE D 139 37.53 -44.09 30.35
C PHE D 139 37.04 -44.71 29.05
N ASP D 140 37.96 -45.35 28.32
CA ASP D 140 37.60 -45.98 27.05
C ASP D 140 37.01 -47.37 27.31
N ALA D 141 35.71 -47.47 27.10
CA ALA D 141 35.00 -48.71 27.31
C ALA D 141 34.31 -49.16 26.02
N ARG D 142 34.90 -48.80 24.88
CA ARG D 142 34.34 -49.20 23.59
C ARG D 142 34.62 -50.68 23.35
N SER D 143 35.55 -51.23 24.14
CA SER D 143 35.94 -52.63 24.09
C SER D 143 34.90 -53.51 24.80
N CYS D 144 34.12 -52.88 25.68
CA CYS D 144 33.08 -53.55 26.46
C CYS D 144 32.08 -54.30 25.56
N SER D 145 31.52 -55.39 26.08
CA SER D 145 30.56 -56.21 25.31
C SER D 145 29.39 -56.80 26.08
N THR D 146 29.49 -56.87 27.41
CA THR D 146 28.40 -57.41 28.20
C THR D 146 27.90 -56.43 29.26
N ALA D 147 26.64 -56.59 29.65
CA ALA D 147 26.02 -55.74 30.66
C ALA D 147 26.86 -55.72 31.93
N ARG D 148 27.31 -56.90 32.37
CA ARG D 148 28.14 -57.01 33.57
C ARG D 148 29.38 -56.14 33.46
N GLU D 149 30.04 -56.20 32.31
CA GLU D 149 31.24 -55.40 32.07
C GLU D 149 30.93 -53.92 32.22
N MET D 150 29.77 -53.50 31.72
CA MET D 150 29.36 -52.10 31.82
C MET D 150 29.36 -51.72 33.29
N PHE D 151 28.72 -52.55 34.09
CA PHE D 151 28.62 -52.36 35.54
C PHE D 151 29.99 -52.15 36.18
N GLU D 152 30.94 -53.02 35.83
CA GLU D 152 32.29 -52.95 36.37
C GLU D 152 33.01 -51.67 35.97
N HIS D 153 32.81 -51.25 34.74
CA HIS D 153 33.43 -50.03 34.22
C HIS D 153 32.89 -48.82 34.98
N ILE D 154 31.58 -48.87 35.25
CA ILE D 154 30.88 -47.80 35.96
C ILE D 154 31.36 -47.70 37.40
N CYS D 155 31.52 -48.85 38.06
CA CYS D 155 31.98 -48.85 39.43
C CYS D 155 33.38 -48.25 39.48
N ARG D 156 34.17 -48.49 38.45
CA ARG D 156 35.53 -47.94 38.39
C ARG D 156 35.43 -46.41 38.28
N HIS D 157 34.49 -45.96 37.44
CA HIS D 157 34.23 -44.54 37.19
C HIS D 157 33.87 -43.85 38.52
N VAL D 158 32.88 -44.42 39.21
CA VAL D 158 32.41 -43.88 40.49
C VAL D 158 33.52 -43.82 41.54
N ARG D 159 34.22 -44.93 41.71
CA ARG D 159 35.29 -45.02 42.67
C ARG D 159 36.26 -43.88 42.40
N TYR D 160 36.60 -43.68 41.13
CA TYR D 160 37.52 -42.63 40.73
C TYR D 160 36.98 -41.23 41.04
N SER D 161 35.83 -40.91 40.46
CA SER D 161 35.22 -39.59 40.64
C SER D 161 34.94 -39.19 42.08
N THR D 162 34.44 -40.14 42.88
CA THR D 162 34.14 -39.89 44.28
C THR D 162 35.42 -39.40 44.95
N ASN D 163 36.51 -40.11 44.68
CA ASN D 163 37.82 -39.78 45.19
C ASN D 163 37.83 -39.44 46.69
N ASN D 164 37.05 -40.19 47.45
CA ASN D 164 36.98 -39.99 48.89
C ASN D 164 36.57 -38.56 49.26
N GLY D 165 35.69 -37.95 48.47
CA GLY D 165 35.25 -36.60 48.78
C GLY D 165 35.68 -35.50 47.82
N ASN D 166 36.90 -35.59 47.29
CA ASN D 166 37.41 -34.59 46.34
C ASN D 166 36.96 -35.00 44.97
N ILE D 167 35.72 -34.69 44.66
CA ILE D 167 35.11 -35.04 43.38
C ILE D 167 35.96 -34.64 42.19
N ARG D 168 36.04 -35.57 41.23
CA ARG D 168 36.78 -35.38 40.00
C ARG D 168 35.84 -35.65 38.84
N SER D 169 35.98 -34.87 37.77
CA SER D 169 35.15 -35.04 36.58
C SER D 169 35.68 -36.19 35.73
N ALA D 170 34.78 -37.00 35.20
CA ALA D 170 35.16 -38.13 34.36
C ALA D 170 33.99 -38.62 33.51
N ILE D 171 34.31 -39.37 32.47
CA ILE D 171 33.29 -39.89 31.58
C ILE D 171 33.70 -41.26 31.07
N THR D 172 32.73 -42.15 30.97
CA THR D 172 32.98 -43.50 30.49
C THR D 172 32.25 -43.65 29.16
N VAL D 173 33.03 -43.87 28.10
CA VAL D 173 32.47 -44.02 26.77
C VAL D 173 32.28 -45.47 26.38
N PHE D 174 31.04 -45.81 26.05
CA PHE D 174 30.71 -47.16 25.65
C PHE D 174 30.70 -47.28 24.13
N PRO D 175 30.69 -48.51 23.61
CA PRO D 175 30.67 -48.78 22.17
C PRO D 175 29.70 -47.89 21.41
N GLN D 176 30.20 -47.32 20.32
CA GLN D 176 29.39 -46.45 19.48
C GLN D 176 28.23 -47.19 18.83
N ARG D 177 27.19 -46.44 18.49
CA ARG D 177 26.03 -47.01 17.84
C ARG D 177 26.43 -47.47 16.46
N SER D 178 25.96 -48.67 16.10
CA SER D 178 26.25 -49.25 14.80
C SER D 178 25.01 -49.09 13.91
N ASP D 179 24.13 -50.09 13.96
CA ASP D 179 22.91 -50.08 13.17
C ASP D 179 21.75 -49.44 13.94
N GLY D 180 21.96 -49.18 15.22
CA GLY D 180 20.92 -48.56 16.03
C GLY D 180 20.07 -49.59 16.77
N LYS D 181 20.45 -50.86 16.63
CA LYS D 181 19.75 -51.95 17.27
C LYS D 181 20.67 -52.55 18.34
N HIS D 182 21.97 -52.27 18.20
CA HIS D 182 22.97 -52.76 19.13
C HIS D 182 23.51 -51.61 19.95
N ASP D 183 22.57 -50.87 20.55
CA ASP D 183 22.90 -49.72 21.38
C ASP D 183 23.36 -50.16 22.76
N PHE D 184 24.43 -49.53 23.23
CA PHE D 184 24.95 -49.78 24.56
C PHE D 184 24.58 -48.53 25.35
N ARG D 185 23.62 -48.65 26.26
CA ARG D 185 23.22 -47.47 27.03
C ARG D 185 22.63 -47.71 28.39
N VAL D 186 22.83 -46.72 29.26
CA VAL D 186 22.30 -46.76 30.62
C VAL D 186 20.94 -46.08 30.55
N TRP D 187 19.95 -46.73 31.14
CA TRP D 187 18.59 -46.20 31.14
C TRP D 187 18.41 -45.14 32.23
N ASN D 188 19.20 -45.24 33.29
CA ASN D 188 19.13 -44.30 34.40
C ASN D 188 19.49 -42.89 33.96
N ALA D 189 18.73 -41.91 34.44
CA ALA D 189 19.00 -40.51 34.10
C ALA D 189 20.34 -40.15 34.73
N GLN D 190 20.56 -40.65 35.95
CA GLN D 190 21.78 -40.41 36.67
C GLN D 190 22.25 -41.74 37.20
N LEU D 191 23.56 -41.87 37.38
CA LEU D 191 24.13 -43.09 37.92
C LEU D 191 23.52 -43.30 39.29
N ILE D 192 23.64 -42.28 40.13
CA ILE D 192 23.10 -42.37 41.46
C ILE D 192 21.88 -41.48 41.54
N ARG D 193 20.77 -42.08 41.98
CA ARG D 193 19.53 -41.33 42.14
C ARG D 193 18.59 -42.06 43.08
N TYR D 194 17.82 -41.29 43.86
CA TYR D 194 16.89 -41.87 44.81
C TYR D 194 15.58 -42.36 44.22
N ALA D 195 14.97 -43.33 44.90
CA ALA D 195 13.71 -43.92 44.46
C ALA D 195 12.52 -43.06 44.82
N GLY D 196 11.44 -43.26 44.06
CA GLY D 196 10.21 -42.53 44.28
C GLY D 196 9.08 -43.53 44.22
N TYR D 197 8.34 -43.67 45.31
CA TYR D 197 7.24 -44.63 45.37
C TYR D 197 5.90 -43.94 45.55
N GLN D 198 4.89 -44.47 44.87
CA GLN D 198 3.55 -43.91 45.02
C GLN D 198 2.85 -44.76 46.07
N MET D 199 2.66 -44.17 47.24
CA MET D 199 2.03 -44.86 48.36
C MET D 199 0.53 -45.11 48.16
N PRO D 200 -0.01 -46.10 48.89
CA PRO D 200 -1.42 -46.50 48.83
C PRO D 200 -2.41 -45.35 49.05
N ASP D 201 -2.09 -44.46 49.98
CA ASP D 201 -2.95 -43.32 50.27
C ASP D 201 -2.83 -42.26 49.17
N GLY D 202 -2.09 -42.59 48.10
CA GLY D 202 -1.91 -41.67 47.00
C GLY D 202 -0.70 -40.77 47.13
N SER D 203 -0.22 -40.57 48.35
CA SER D 203 0.93 -39.71 48.60
C SER D 203 2.17 -40.33 47.99
N ILE D 204 3.25 -39.56 47.94
CA ILE D 204 4.49 -40.05 47.35
C ILE D 204 5.65 -39.95 48.32
N ARG D 205 6.39 -41.05 48.43
CA ARG D 205 7.54 -41.14 49.32
C ARG D 205 8.83 -41.18 48.49
N GLY D 206 9.78 -40.32 48.83
CA GLY D 206 11.04 -40.29 48.11
C GLY D 206 11.09 -39.17 47.07
N ASP D 207 11.83 -39.41 45.99
CA ASP D 207 11.99 -38.45 44.90
C ASP D 207 10.88 -38.65 43.88
N PRO D 208 9.86 -37.80 43.91
CA PRO D 208 8.69 -37.87 43.01
C PRO D 208 9.04 -37.93 41.52
N ALA D 209 10.11 -37.23 41.13
CA ALA D 209 10.54 -37.20 39.75
C ALA D 209 11.04 -38.55 39.26
N ASN D 210 11.40 -39.42 40.18
CA ASN D 210 11.91 -40.73 39.80
C ASN D 210 10.90 -41.87 39.95
N VAL D 211 9.63 -41.53 40.12
CA VAL D 211 8.57 -42.52 40.28
C VAL D 211 8.42 -43.50 39.12
N GLU D 212 8.26 -42.96 37.91
CA GLU D 212 8.10 -43.80 36.72
C GLU D 212 9.27 -44.75 36.55
N PHE D 213 10.49 -44.24 36.71
CA PHE D 213 11.67 -45.06 36.57
C PHE D 213 11.77 -46.17 37.63
N THR D 214 11.45 -45.85 38.89
CA THR D 214 11.50 -46.85 39.94
C THR D 214 10.47 -47.92 39.67
N GLN D 215 9.29 -47.52 39.20
CA GLN D 215 8.24 -48.46 38.88
C GLN D 215 8.79 -49.48 37.89
N LEU D 216 9.59 -48.99 36.94
CA LEU D 216 10.21 -49.85 35.95
C LEU D 216 11.11 -50.87 36.65
N CYS D 217 11.99 -50.38 37.53
CA CYS D 217 12.91 -51.22 38.28
C CYS D 217 12.15 -52.33 39.02
N ILE D 218 11.00 -51.96 39.54
CA ILE D 218 10.16 -52.90 40.26
C ILE D 218 9.69 -53.97 39.29
N ASP D 219 9.18 -53.53 38.14
CA ASP D 219 8.70 -54.45 37.11
C ASP D 219 9.80 -55.41 36.66
N LEU D 220 11.04 -54.93 36.70
CA LEU D 220 12.19 -55.73 36.31
C LEU D 220 12.70 -56.65 37.40
N GLY D 221 12.00 -56.66 38.53
CA GLY D 221 12.39 -57.54 39.62
C GLY D 221 12.94 -56.91 40.88
N TRP D 222 13.39 -55.67 40.81
CA TRP D 222 13.94 -55.01 41.99
C TRP D 222 12.85 -54.86 43.04
N LYS D 223 13.16 -55.23 44.28
CA LYS D 223 12.16 -55.10 45.34
C LYS D 223 12.28 -53.77 46.08
N PRO D 224 11.18 -52.99 46.11
CA PRO D 224 11.09 -51.68 46.77
C PRO D 224 11.37 -51.72 48.27
N LYS D 225 12.17 -50.78 48.74
CA LYS D 225 12.52 -50.70 50.16
C LYS D 225 11.65 -49.66 50.87
N TYR D 226 10.82 -48.97 50.09
CA TYR D 226 9.90 -47.96 50.61
C TYR D 226 10.49 -46.99 51.63
N GLY D 227 11.60 -46.37 51.24
CA GLY D 227 12.28 -45.40 52.08
C GLY D 227 12.47 -44.12 51.31
N ARG D 228 12.62 -43.01 52.02
CA ARG D 228 12.78 -41.70 51.41
C ARG D 228 14.05 -41.55 50.57
N PHE D 229 15.13 -42.22 50.99
CA PHE D 229 16.39 -42.10 50.26
C PHE D 229 16.95 -43.45 49.86
N ASP D 230 16.25 -44.13 48.96
CA ASP D 230 16.68 -45.42 48.50
C ASP D 230 17.32 -45.33 47.12
N VAL D 231 18.59 -45.70 47.03
CA VAL D 231 19.30 -45.66 45.75
C VAL D 231 18.83 -46.76 44.81
N VAL D 232 18.34 -46.37 43.66
CA VAL D 232 17.86 -47.32 42.66
C VAL D 232 18.99 -48.16 42.08
N PRO D 233 18.65 -49.31 41.47
CA PRO D 233 19.67 -50.18 40.87
C PRO D 233 20.05 -49.63 39.49
N LEU D 234 21.13 -50.16 38.93
CA LEU D 234 21.59 -49.73 37.63
C LEU D 234 20.91 -50.58 36.56
N VAL D 235 20.21 -49.93 35.63
CA VAL D 235 19.54 -50.62 34.54
C VAL D 235 20.43 -50.53 33.30
N LEU D 236 21.22 -51.57 33.08
CA LEU D 236 22.17 -51.63 31.98
C LEU D 236 21.76 -52.41 30.73
N GLN D 237 21.88 -51.77 29.56
CA GLN D 237 21.54 -52.37 28.28
C GLN D 237 22.81 -52.54 27.44
N ALA D 238 23.12 -53.78 27.08
CA ALA D 238 24.29 -54.07 26.26
C ALA D 238 23.89 -54.67 24.92
N ASN D 239 24.50 -54.17 23.85
CA ASN D 239 24.25 -54.64 22.49
C ASN D 239 22.80 -54.58 22.04
N GLY D 240 22.01 -53.72 22.67
CA GLY D 240 20.60 -53.62 22.32
C GLY D 240 19.75 -54.67 23.02
N ARG D 241 20.41 -55.60 23.71
CA ARG D 241 19.74 -56.67 24.46
C ARG D 241 18.90 -56.07 25.59
N ASP D 242 18.03 -56.87 26.18
CA ASP D 242 17.21 -56.42 27.29
C ASP D 242 18.18 -56.02 28.42
N PRO D 243 17.80 -55.02 29.23
CA PRO D 243 18.65 -54.55 30.33
C PRO D 243 18.68 -55.49 31.55
N GLU D 244 19.71 -55.33 32.37
CA GLU D 244 19.87 -56.13 33.59
C GLU D 244 20.18 -55.22 34.76
N LEU D 245 19.61 -55.54 35.92
CA LEU D 245 19.81 -54.73 37.12
C LEU D 245 21.10 -55.09 37.86
N PHE D 246 21.75 -54.07 38.40
CA PHE D 246 23.00 -54.24 39.15
C PHE D 246 23.00 -53.23 40.27
N GLU D 247 22.88 -53.70 41.50
CA GLU D 247 22.89 -52.78 42.63
C GLU D 247 24.31 -52.24 42.82
N ILE D 248 24.41 -50.94 42.97
CA ILE D 248 25.70 -50.30 43.19
C ILE D 248 26.16 -50.53 44.63
N PRO D 249 27.39 -51.03 44.82
CA PRO D 249 27.92 -51.28 46.17
C PRO D 249 27.85 -49.97 46.95
N PRO D 250 27.04 -49.95 48.02
CA PRO D 250 26.84 -48.78 48.88
C PRO D 250 28.11 -48.10 49.36
N ASP D 251 29.21 -48.84 49.41
CA ASP D 251 30.49 -48.28 49.83
C ASP D 251 30.90 -47.19 48.84
N LEU D 252 30.52 -47.39 47.58
CA LEU D 252 30.83 -46.47 46.49
C LEU D 252 29.87 -45.27 46.44
N VAL D 253 28.77 -45.35 47.18
CA VAL D 253 27.80 -44.26 47.21
C VAL D 253 28.06 -43.33 48.39
N LEU D 254 28.76 -42.23 48.12
CA LEU D 254 29.08 -41.24 49.14
C LEU D 254 27.94 -40.25 49.31
N GLU D 255 27.41 -40.17 50.52
CA GLU D 255 26.31 -39.26 50.84
C GLU D 255 26.70 -38.23 51.89
N VAL D 256 25.90 -37.17 51.99
CA VAL D 256 26.14 -36.09 52.96
C VAL D 256 24.89 -35.83 53.77
N ALA D 257 25.01 -35.95 55.09
CA ALA D 257 23.88 -35.72 55.97
C ALA D 257 23.70 -34.22 56.13
N MET D 258 22.45 -33.78 55.98
CA MET D 258 22.11 -32.37 56.07
C MET D 258 21.89 -31.85 57.48
N GLU D 259 22.59 -30.78 57.80
CA GLU D 259 22.47 -30.12 59.10
C GLU D 259 22.86 -28.65 58.98
N HIS D 260 22.09 -27.80 59.64
CA HIS D 260 22.32 -26.35 59.61
C HIS D 260 23.27 -25.92 60.72
N PRO D 261 24.20 -24.98 60.43
CA PRO D 261 25.16 -24.51 61.43
C PRO D 261 24.51 -23.91 62.67
N LYS D 262 23.47 -23.11 62.49
CA LYS D 262 22.78 -22.50 63.63
C LYS D 262 21.59 -23.34 64.12
N TYR D 263 20.70 -23.69 63.20
CA TYR D 263 19.50 -24.46 63.53
C TYR D 263 19.74 -25.95 63.74
N GLU D 264 19.79 -26.35 65.01
CA GLU D 264 20.01 -27.73 65.35
C GLU D 264 18.82 -28.61 65.00
N TRP D 265 17.64 -28.00 64.92
CA TRP D 265 16.45 -28.77 64.58
C TRP D 265 16.51 -29.27 63.15
N PHE D 266 17.44 -28.72 62.37
CA PHE D 266 17.58 -29.11 60.98
C PHE D 266 17.89 -30.59 60.85
N ARG D 267 18.69 -31.09 61.78
CA ARG D 267 19.06 -32.51 61.79
C ARG D 267 17.81 -33.37 61.88
N GLU D 268 16.79 -32.84 62.57
CA GLU D 268 15.53 -33.55 62.76
C GLU D 268 14.79 -33.83 61.45
N LEU D 269 15.03 -33.00 60.44
CA LEU D 269 14.40 -33.21 59.13
C LEU D 269 14.97 -34.50 58.54
N GLU D 270 16.17 -34.85 58.98
CA GLU D 270 16.86 -36.06 58.54
C GLU D 270 17.01 -36.09 57.03
N LEU D 271 17.69 -35.10 56.50
CA LEU D 271 17.89 -35.03 55.07
C LEU D 271 19.33 -35.37 54.71
N LYS D 272 19.53 -35.81 53.47
CA LYS D 272 20.86 -36.15 52.98
C LYS D 272 20.81 -36.14 51.45
N TRP D 273 21.97 -36.30 50.82
CA TRP D 273 22.03 -36.31 49.36
C TRP D 273 23.34 -36.91 48.88
N TYR D 274 23.32 -37.51 47.69
CA TYR D 274 24.53 -38.10 47.13
C TYR D 274 25.51 -37.00 46.68
N ALA D 275 26.79 -37.31 46.75
CA ALA D 275 27.82 -36.33 46.38
C ALA D 275 28.14 -36.29 44.89
N LEU D 276 27.78 -37.35 44.19
CA LEU D 276 28.09 -37.45 42.78
C LEU D 276 27.00 -37.24 41.75
N PRO D 277 27.03 -36.08 41.06
CA PRO D 277 26.04 -35.78 40.02
C PRO D 277 26.56 -36.38 38.70
N ALA D 278 25.86 -37.38 38.17
CA ALA D 278 26.31 -38.01 36.93
C ALA D 278 25.21 -38.31 35.92
N VAL D 279 25.28 -37.64 34.78
CA VAL D 279 24.30 -37.86 33.72
C VAL D 279 24.69 -39.07 32.89
N ALA D 280 23.79 -40.04 32.81
CA ALA D 280 24.05 -41.27 32.07
C ALA D 280 23.26 -41.42 30.78
N ASN D 281 22.01 -40.99 30.83
CA ASN D 281 21.06 -41.08 29.71
C ASN D 281 21.31 -40.23 28.45
N MET D 282 22.47 -39.59 28.35
CA MET D 282 22.74 -38.77 27.19
C MET D 282 23.59 -39.41 26.11
N LEU D 283 23.50 -38.83 24.92
CA LEU D 283 24.23 -39.31 23.74
C LEU D 283 25.29 -38.33 23.29
N LEU D 284 26.46 -38.87 22.93
CA LEU D 284 27.58 -38.07 22.45
C LEU D 284 27.70 -38.16 20.93
N GLU D 285 27.68 -37.01 20.25
CA GLU D 285 27.83 -36.97 18.79
C GLU D 285 29.21 -36.43 18.42
N VAL D 286 29.98 -37.22 17.69
CA VAL D 286 31.33 -36.83 17.27
C VAL D 286 31.54 -37.09 15.77
N GLY D 287 31.64 -36.01 15.00
CA GLY D 287 31.85 -36.14 13.56
C GLY D 287 30.99 -37.18 12.88
N GLY D 288 29.68 -37.19 13.16
CA GLY D 288 28.78 -38.15 12.55
C GLY D 288 28.50 -39.38 13.39
N LEU D 289 29.45 -39.76 14.25
CA LEU D 289 29.32 -40.93 15.13
C LEU D 289 28.39 -40.63 16.29
N GLU D 290 27.74 -41.66 16.82
CA GLU D 290 26.82 -41.50 17.94
C GLU D 290 27.13 -42.50 19.05
N PHE D 291 27.12 -42.05 20.29
CA PHE D 291 27.39 -42.90 21.45
C PHE D 291 26.27 -42.75 22.47
N PRO D 292 25.27 -43.65 22.42
CA PRO D 292 24.14 -43.60 23.36
C PRO D 292 24.54 -43.88 24.82
N GLY D 293 25.69 -44.50 24.99
CA GLY D 293 26.17 -44.83 26.33
C GLY D 293 27.42 -44.05 26.63
N CYS D 294 27.28 -42.99 27.43
CA CYS D 294 28.41 -42.16 27.80
C CYS D 294 28.11 -41.35 29.07
N PRO D 295 28.23 -41.99 30.23
CA PRO D 295 27.98 -41.34 31.51
C PRO D 295 29.13 -40.40 31.86
N PHE D 296 28.78 -39.22 32.33
CA PHE D 296 29.76 -38.22 32.72
C PHE D 296 29.33 -37.55 34.01
N ASN D 297 30.30 -37.10 34.79
CA ASN D 297 30.02 -36.45 36.07
C ASN D 297 30.92 -35.26 36.33
N GLY D 298 30.46 -34.43 37.27
CA GLY D 298 31.21 -33.27 37.70
C GLY D 298 30.91 -33.21 39.19
N TRP D 299 30.91 -32.03 39.78
CA TRP D 299 30.56 -31.91 41.19
C TRP D 299 29.32 -31.02 41.31
N TYR D 300 28.62 -31.15 42.43
CA TYR D 300 27.40 -30.39 42.66
C TYR D 300 27.55 -28.90 42.89
N MET D 301 26.47 -28.19 42.59
CA MET D 301 26.39 -26.76 42.84
C MET D 301 25.26 -26.61 43.85
N GLY D 302 25.56 -25.95 44.97
CA GLY D 302 24.60 -25.73 46.04
C GLY D 302 23.14 -25.74 45.66
N THR D 303 22.76 -24.78 44.83
CA THR D 303 21.38 -24.62 44.39
C THR D 303 20.70 -25.88 43.83
N GLU D 304 21.45 -26.68 43.07
CA GLU D 304 20.91 -27.91 42.48
C GLU D 304 20.18 -28.72 43.53
N ILE D 305 20.82 -28.86 44.69
CA ILE D 305 20.26 -29.61 45.80
C ILE D 305 19.35 -28.74 46.67
N GLY D 306 19.90 -27.65 47.18
CA GLY D 306 19.16 -26.76 48.04
C GLY D 306 17.85 -26.24 47.47
N VAL D 307 17.93 -25.60 46.31
CA VAL D 307 16.76 -25.04 45.67
C VAL D 307 15.90 -26.03 44.90
N ARG D 308 16.52 -26.75 43.97
CA ARG D 308 15.78 -27.69 43.15
C ARG D 308 15.36 -28.97 43.85
N ASP D 309 16.32 -29.80 44.20
CA ASP D 309 16.05 -31.08 44.84
C ASP D 309 15.18 -31.00 46.08
N PHE D 310 15.48 -30.02 46.95
CA PHE D 310 14.74 -29.85 48.20
C PHE D 310 13.49 -28.99 48.20
N CYS D 311 13.47 -27.93 47.39
CA CYS D 311 12.32 -27.03 47.36
C CYS D 311 11.28 -27.19 46.26
N ASP D 312 11.68 -27.73 45.11
CA ASP D 312 10.73 -27.94 44.02
C ASP D 312 9.55 -28.74 44.54
N VAL D 313 8.36 -28.27 44.24
CA VAL D 313 7.15 -28.95 44.70
C VAL D 313 7.11 -30.38 44.17
N GLN D 314 7.56 -30.55 42.93
CA GLN D 314 7.60 -31.84 42.25
C GLN D 314 8.75 -32.72 42.77
N ARG D 315 9.55 -32.20 43.68
CA ARG D 315 10.67 -32.94 44.26
C ARG D 315 10.40 -33.18 45.74
N TYR D 316 11.41 -33.05 46.60
CA TYR D 316 11.22 -33.30 48.02
C TYR D 316 10.32 -32.31 48.72
N ASN D 317 10.21 -31.11 48.16
CA ASN D 317 9.34 -30.07 48.68
C ASN D 317 9.28 -29.98 50.19
N ILE D 318 10.26 -29.31 50.77
CA ILE D 318 10.36 -29.16 52.22
C ILE D 318 10.20 -27.72 52.66
N LEU D 319 10.02 -26.83 51.70
CA LEU D 319 9.91 -25.41 52.00
C LEU D 319 8.92 -25.11 53.11
N GLU D 320 7.71 -25.66 52.99
CA GLU D 320 6.65 -25.48 53.98
C GLU D 320 7.15 -25.82 55.38
N GLU D 321 7.68 -27.03 55.51
CA GLU D 321 8.21 -27.51 56.77
C GLU D 321 9.19 -26.56 57.46
N VAL D 322 10.31 -26.25 56.79
CA VAL D 322 11.32 -25.37 57.40
C VAL D 322 10.82 -23.97 57.70
N GLY D 323 9.78 -23.57 56.99
CA GLY D 323 9.21 -22.26 57.22
C GLY D 323 8.59 -22.26 58.60
N ARG D 324 7.86 -23.32 58.90
CA ARG D 324 7.20 -23.45 60.19
C ARG D 324 8.28 -23.56 61.27
N ARG D 325 9.28 -24.41 61.02
CA ARG D 325 10.37 -24.63 61.96
C ARG D 325 11.08 -23.33 62.29
N MET D 326 11.20 -22.43 61.32
CA MET D 326 11.85 -21.15 61.53
C MET D 326 10.90 -20.18 62.20
N GLY D 327 9.65 -20.60 62.34
CA GLY D 327 8.64 -19.77 62.96
C GLY D 327 8.35 -18.51 62.17
N LEU D 328 8.24 -18.67 60.86
CA LEU D 328 7.96 -17.54 59.95
C LEU D 328 6.48 -17.49 59.63
N GLU D 329 6.02 -16.36 59.09
CA GLU D 329 4.62 -16.21 58.73
C GLU D 329 4.36 -16.98 57.45
N THR D 330 4.26 -18.30 57.55
CA THR D 330 4.05 -19.17 56.39
C THR D 330 2.71 -18.96 55.67
N HIS D 331 1.96 -17.95 56.09
CA HIS D 331 0.68 -17.68 55.45
C HIS D 331 0.66 -16.37 54.69
N LYS D 332 1.45 -15.40 55.16
CA LYS D 332 1.55 -14.12 54.48
C LYS D 332 2.71 -14.20 53.49
N LEU D 333 2.40 -14.31 52.20
CA LEU D 333 3.42 -14.41 51.15
C LEU D 333 4.35 -13.20 51.12
N ALA D 334 3.75 -12.02 51.32
CA ALA D 334 4.49 -10.78 51.32
C ALA D 334 5.54 -10.70 52.45
N SER D 335 5.57 -11.72 53.30
CA SER D 335 6.54 -11.78 54.39
C SER D 335 7.88 -12.27 53.85
N LEU D 336 7.84 -12.85 52.66
CA LEU D 336 9.02 -13.38 51.98
C LEU D 336 9.62 -14.52 52.78
N TRP D 337 8.76 -15.22 53.52
CA TRP D 337 9.20 -16.33 54.34
C TRP D 337 9.81 -17.39 53.44
N LYS D 338 9.18 -17.61 52.29
CA LYS D 338 9.65 -18.59 51.32
C LYS D 338 11.10 -18.32 50.97
N ASP D 339 11.45 -17.04 50.83
CA ASP D 339 12.79 -16.65 50.46
C ASP D 339 13.78 -16.88 51.59
N GLN D 340 13.45 -16.45 52.79
CA GLN D 340 14.38 -16.67 53.90
C GLN D 340 14.63 -18.16 54.06
N ALA D 341 13.57 -18.94 53.92
CA ALA D 341 13.66 -20.38 54.05
C ALA D 341 14.62 -21.00 53.03
N VAL D 342 14.49 -20.63 51.77
CA VAL D 342 15.35 -21.19 50.74
C VAL D 342 16.81 -20.83 50.99
N VAL D 343 17.04 -19.62 51.45
CA VAL D 343 18.40 -19.16 51.73
C VAL D 343 18.99 -20.05 52.80
N GLU D 344 18.24 -20.22 53.88
CA GLU D 344 18.70 -21.00 55.00
C GLU D 344 18.94 -22.45 54.60
N ILE D 345 18.06 -22.99 53.76
CA ILE D 345 18.21 -24.37 53.33
C ILE D 345 19.48 -24.54 52.51
N ASN D 346 19.77 -23.55 51.69
CA ASN D 346 20.97 -23.63 50.86
C ASN D 346 22.24 -23.46 51.63
N ILE D 347 22.17 -22.74 52.74
CA ILE D 347 23.34 -22.54 53.60
C ILE D 347 23.63 -23.88 54.25
N ALA D 348 22.57 -24.57 54.66
CA ALA D 348 22.70 -25.87 55.30
C ALA D 348 23.41 -26.82 54.36
N VAL D 349 23.01 -26.81 53.08
CA VAL D 349 23.61 -27.70 52.11
C VAL D 349 25.10 -27.46 51.98
N LEU D 350 25.48 -26.22 51.71
CA LEU D 350 26.89 -25.86 51.57
C LEU D 350 27.65 -26.24 52.83
N HIS D 351 27.16 -25.80 53.98
CA HIS D 351 27.78 -26.09 55.26
C HIS D 351 28.01 -27.58 55.48
N SER D 352 27.00 -28.41 55.21
CA SER D 352 27.11 -29.85 55.38
C SER D 352 28.22 -30.46 54.53
N PHE D 353 28.35 -30.02 53.27
CA PHE D 353 29.39 -30.53 52.39
C PHE D 353 30.77 -30.09 52.88
N GLN D 354 30.88 -28.82 53.22
CA GLN D 354 32.14 -28.24 53.71
C GLN D 354 32.61 -28.97 54.96
N LYS D 355 31.69 -29.15 55.91
CA LYS D 355 32.00 -29.83 57.15
C LYS D 355 32.42 -31.28 56.94
N GLN D 356 31.90 -31.92 55.90
CA GLN D 356 32.25 -33.31 55.63
C GLN D 356 33.32 -33.48 54.58
N ASN D 357 34.01 -32.38 54.27
CA ASN D 357 35.11 -32.37 53.30
C ASN D 357 34.77 -32.93 51.93
N VAL D 358 33.58 -32.58 51.45
CA VAL D 358 33.13 -33.03 50.13
C VAL D 358 33.06 -31.81 49.22
N THR D 359 33.58 -31.97 48.02
CA THR D 359 33.60 -30.90 47.02
C THR D 359 32.19 -30.42 46.65
N ILE D 360 31.98 -29.12 46.82
CA ILE D 360 30.70 -28.48 46.49
C ILE D 360 31.03 -27.07 46.04
N MET D 361 30.15 -26.48 45.24
CA MET D 361 30.37 -25.13 44.75
C MET D 361 29.11 -24.28 44.78
N ASP D 362 29.18 -23.16 45.49
CA ASP D 362 28.05 -22.25 45.60
C ASP D 362 27.83 -21.58 44.27
N HIS D 363 26.57 -21.27 43.97
CA HIS D 363 26.23 -20.64 42.70
C HIS D 363 26.92 -19.33 42.42
N HIS D 364 27.34 -18.60 43.46
CA HIS D 364 28.02 -17.33 43.22
C HIS D 364 29.39 -17.55 42.60
N SER D 365 30.17 -18.43 43.20
CA SER D 365 31.50 -18.73 42.70
C SER D 365 31.40 -19.35 41.31
N ALA D 366 30.38 -20.18 41.12
CA ALA D 366 30.13 -20.85 39.85
C ALA D 366 29.93 -19.82 38.77
N ALA D 367 29.03 -18.88 39.02
CA ALA D 367 28.70 -17.82 38.07
C ALA D 367 29.92 -17.00 37.68
N GLU D 368 30.71 -16.61 38.68
CA GLU D 368 31.91 -15.82 38.42
C GLU D 368 32.89 -16.59 37.54
N SER D 369 33.05 -17.87 37.86
CA SER D 369 33.97 -18.73 37.12
C SER D 369 33.50 -18.80 35.67
N PHE D 370 32.19 -18.87 35.48
CA PHE D 370 31.65 -18.94 34.13
C PHE D 370 31.96 -17.68 33.33
N MET D 371 31.78 -16.51 33.94
CA MET D 371 32.07 -15.26 33.25
C MET D 371 33.50 -15.27 32.73
N LYS D 372 34.40 -15.79 33.55
CA LYS D 372 35.80 -15.89 33.19
C LYS D 372 35.92 -16.79 31.97
N TYR D 373 35.37 -18.00 32.08
CA TYR D 373 35.41 -18.98 30.99
C TYR D 373 34.85 -18.40 29.69
N MET D 374 33.72 -17.71 29.80
CA MET D 374 33.05 -17.11 28.64
C MET D 374 33.96 -16.14 27.92
N GLN D 375 34.62 -15.28 28.68
CA GLN D 375 35.54 -14.31 28.10
C GLN D 375 36.65 -15.02 27.32
N ASN D 376 37.18 -16.09 27.94
CA ASN D 376 38.24 -16.87 27.32
C ASN D 376 37.79 -17.48 26.02
N GLU D 377 36.55 -17.94 25.99
CA GLU D 377 35.97 -18.56 24.80
C GLU D 377 35.96 -17.59 23.63
N TYR D 378 35.66 -16.33 23.91
CA TYR D 378 35.62 -15.33 22.86
C TYR D 378 37.00 -14.94 22.32
N ARG D 379 38.05 -15.37 23.02
CA ARG D 379 39.42 -15.10 22.58
C ARG D 379 39.86 -16.30 21.76
N SER D 380 39.63 -17.48 22.35
CA SER D 380 39.98 -18.74 21.74
C SER D 380 39.27 -18.96 20.42
N ARG D 381 37.94 -18.93 20.43
CA ARG D 381 37.18 -19.18 19.22
C ARG D 381 36.09 -18.16 18.86
N GLY D 382 36.16 -16.97 19.47
CA GLY D 382 35.17 -15.93 19.18
C GLY D 382 33.73 -16.39 19.30
N GLY D 383 33.45 -17.16 20.34
CA GLY D 383 32.10 -17.66 20.53
C GLY D 383 31.98 -18.57 21.74
N CYS D 384 30.75 -18.70 22.23
CA CYS D 384 30.45 -19.53 23.39
C CYS D 384 28.94 -19.76 23.45
N PRO D 385 28.48 -20.95 23.03
CA PRO D 385 27.06 -21.30 23.03
C PRO D 385 26.56 -21.30 24.47
N ALA D 386 25.47 -20.56 24.72
CA ALA D 386 24.96 -20.45 26.08
C ALA D 386 23.44 -20.31 26.20
N ASP D 387 22.84 -21.24 26.93
CA ASP D 387 21.40 -21.22 27.18
C ASP D 387 21.22 -20.45 28.47
N TRP D 388 20.88 -19.17 28.34
CA TRP D 388 20.66 -18.27 29.47
C TRP D 388 19.71 -18.87 30.51
N ILE D 389 18.59 -19.40 30.04
CA ILE D 389 17.57 -20.00 30.90
C ILE D 389 18.12 -21.06 31.86
N TRP D 390 19.10 -21.84 31.41
CA TRP D 390 19.68 -22.88 32.24
C TRP D 390 20.87 -22.44 33.06
N LEU D 391 21.56 -21.42 32.58
CA LEU D 391 22.74 -20.93 33.26
C LEU D 391 22.50 -20.08 34.50
N VAL D 392 21.41 -19.32 34.52
CA VAL D 392 21.11 -18.49 35.68
C VAL D 392 20.51 -19.34 36.80
N PRO D 393 21.16 -19.33 37.98
CA PRO D 393 20.79 -20.06 39.19
C PRO D 393 19.33 -19.88 39.59
N PRO D 394 18.71 -20.93 40.14
CA PRO D 394 17.32 -20.94 40.58
C PRO D 394 16.99 -19.92 41.68
N MET D 395 18.02 -19.29 42.24
CA MET D 395 17.81 -18.30 43.27
C MET D 395 18.75 -17.11 43.10
N SER D 396 18.26 -15.93 43.47
CA SER D 396 19.04 -14.70 43.38
C SER D 396 19.63 -14.47 41.99
N GLY D 397 18.82 -14.71 40.97
CA GLY D 397 19.27 -14.54 39.60
C GLY D 397 20.01 -13.25 39.31
N SER D 398 19.36 -12.11 39.53
CA SER D 398 19.96 -10.81 39.27
C SER D 398 21.28 -10.56 40.04
N ILE D 399 21.51 -11.30 41.11
CA ILE D 399 22.71 -11.14 41.93
C ILE D 399 23.93 -11.83 41.30
N THR D 400 23.69 -12.57 40.23
CA THR D 400 24.76 -13.26 39.53
C THR D 400 25.01 -12.56 38.20
N PRO D 401 26.28 -12.39 37.83
CA PRO D 401 26.68 -11.72 36.59
C PRO D 401 26.06 -12.29 35.32
N VAL D 402 25.89 -13.61 35.30
CA VAL D 402 25.31 -14.26 34.12
C VAL D 402 23.92 -13.73 33.79
N PHE D 403 23.18 -13.33 34.81
CA PHE D 403 21.83 -12.81 34.60
C PHE D 403 21.87 -11.62 33.66
N HIS D 404 22.90 -10.79 33.80
CA HIS D 404 23.03 -9.59 32.99
C HIS D 404 23.74 -9.80 31.66
N GLN D 405 24.30 -10.99 31.46
CA GLN D 405 25.02 -11.27 30.23
C GLN D 405 24.12 -11.74 29.09
N GLU D 406 24.20 -11.05 27.96
CA GLU D 406 23.42 -11.45 26.79
C GLU D 406 24.18 -12.64 26.23
N MET D 407 23.45 -13.67 25.80
CA MET D 407 24.11 -14.85 25.26
C MET D 407 23.35 -15.52 24.13
N LEU D 408 24.13 -16.15 23.24
CA LEU D 408 23.61 -16.84 22.08
C LEU D 408 23.66 -18.33 22.28
N ASN D 409 22.57 -19.00 21.92
CA ASN D 409 22.47 -20.44 22.06
C ASN D 409 22.50 -21.10 20.67
N TYR D 410 23.42 -22.06 20.50
CA TYR D 410 23.56 -22.79 19.24
C TYR D 410 24.29 -24.13 19.38
N VAL D 411 23.90 -25.07 18.51
CA VAL D 411 24.46 -26.43 18.51
C VAL D 411 25.69 -26.60 17.62
N LEU D 412 26.77 -27.11 18.22
CA LEU D 412 28.02 -27.34 17.51
C LEU D 412 28.29 -28.85 17.45
N SER D 413 29.54 -29.22 17.20
CA SER D 413 29.94 -30.62 17.16
C SER D 413 31.42 -30.72 17.52
N PRO D 414 31.80 -31.65 18.42
CA PRO D 414 30.99 -32.64 19.14
C PRO D 414 29.90 -32.01 20.02
N PHE D 415 28.95 -32.82 20.47
CA PHE D 415 27.85 -32.31 21.27
C PHE D 415 27.15 -33.39 22.08
N TYR D 416 26.52 -33.00 23.18
CA TYR D 416 25.80 -33.95 24.01
C TYR D 416 24.30 -33.77 23.83
N TYR D 417 23.68 -34.68 23.08
CA TYR D 417 22.24 -34.62 22.83
C TYR D 417 21.45 -35.46 23.81
N TYR D 418 20.21 -35.04 24.04
CA TYR D 418 19.31 -35.78 24.91
C TYR D 418 18.84 -36.94 24.04
N GLN D 419 18.42 -38.03 24.67
CA GLN D 419 17.91 -39.18 23.93
C GLN D 419 16.50 -39.47 24.39
N VAL D 420 15.79 -40.32 23.64
CA VAL D 420 14.46 -40.70 24.04
C VAL D 420 14.64 -41.82 25.06
N GLU D 421 13.94 -41.72 26.18
CA GLU D 421 14.03 -42.71 27.24
C GLU D 421 13.93 -44.10 26.66
N ALA D 422 14.99 -44.88 26.85
CA ALA D 422 15.10 -46.23 26.34
C ALA D 422 13.85 -47.09 26.44
N TRP D 423 13.22 -47.15 27.62
CA TRP D 423 12.02 -47.95 27.82
C TRP D 423 10.85 -47.60 26.89
N LYS D 424 10.85 -46.36 26.39
CA LYS D 424 9.78 -45.91 25.50
C LYS D 424 9.91 -46.40 24.04
N THR D 425 11.11 -46.82 23.64
CA THR D 425 11.33 -47.29 22.28
C THR D 425 11.85 -48.73 22.17
N HIS D 426 12.67 -49.14 23.13
CA HIS D 426 13.25 -50.48 23.13
C HIS D 426 12.23 -51.60 22.91
N VAL D 427 12.62 -52.57 22.10
CA VAL D 427 11.78 -53.73 21.78
C VAL D 427 12.23 -54.94 22.60
N TRP D 428 11.34 -55.42 23.44
CA TRP D 428 11.61 -56.56 24.32
C TRP D 428 11.78 -57.92 23.66
N GLN D 429 12.64 -58.74 24.27
CA GLN D 429 12.91 -60.08 23.79
C GLN D 429 12.18 -61.10 24.67
#